data_9NOT
#
_entry.id   9NOT
#
_cell.length_a   1.00
_cell.length_b   1.00
_cell.length_c   1.00
_cell.angle_alpha   90.00
_cell.angle_beta   90.00
_cell.angle_gamma   90.00
#
_symmetry.space_group_name_H-M   'P 1'
#
loop_
_entity.id
_entity.type
_entity.pdbx_description
1 polymer 'Taste receptor type 1 member 3'
2 polymer 'Taste receptor type 1 member 2'
3 non-polymer 2-acetamido-2-deoxy-beta-D-glucopyranose
#
loop_
_entity_poly.entity_id
_entity_poly.type
_entity_poly.pdbx_seq_one_letter_code
_entity_poly.pdbx_strand_id
1 'polypeptide(L)'
;MKTIIALSYIFCLVFADYKDDDDKAAAAPLCLSQQLRMKGDYVLGGLFPLGEAEEAGLRSRTRPSSPVCTRFSSNGLLWA
LAMKMAVEEINNKSDLLPGLRLGYDLFDTCSEPVVAMKPSLMFLAKAGSRDIAAYCNYTQYQPRVLAVIGPHSSELAMVT
GKFFSFFLMPQVSYGASMELLSARETFPSFFRTVPSDRVQLTAAAELLQEFGWNWVAALGSDDEYGRQGLSIFSALAAAR
GICIAHEGLVPLPRADDSRLGKVQDVLHQVNQSSVQVVLLFASVHAAHALFNYSISSRLSPKVWVASEAWLTSDLVMGLP
GMAQMGTVLGFLQRGAQLHEFPQYVKTHLALATDPAFCSALGEREQGLEEDVVGQRCPQCDCITLQNVSAGLNHHQTFSV
YAAVYSVAQALHNTLQCNASGCPAQDPVKPWQLLENMYNLTFHVGGLPLRFDSSGNVDMEYDLKLWVWQGSVPRLHDVGR
FNGSLRTERLKIRWHTSDNQKPVSRCSRQCQEGQVRRVKGFHSCCYDCVDCEAGSYRQNPDDIACTFCGQDEWSPERSTR
CFRRRSRFLAWGEPAVLLLLLLLSLALGLVLAALGLFVHHRDSPLVQASGGPLACFGLVCLGLVCLSVLLFPGQPSPARC
LAQQPLSHLPLTGCLSTLFLQAAEIFVESELPLSWADRLSGCLRGPWAWLVVLLAMLVEVALCTWYLVAFPPEVVTDWHM
LPTEALVHCRTRSWVSFGLAHATNATLAFLCFLGTFLVRSQPGRYNRARGLTFAMLAYFITWVSFVPLLANVQVVLRPAV
QMGALLLCVLGILAAFHLPRCYLLMRQPGLNTPEFFLGGGPGDAQGQNDGNTGNQGKHE
;
B
2 'polypeptide(L)'
;MKTIIALSYIFCLVFAYPYDVPDYAAAAEPAENSDFYLPGDYLLGGLFSLHANMKGIVHLNFLQVPMCKEYEVKVIGYNL
MQAMRFAVEEINNDSSLLPGVLLGYEIVDVCYISNNVQPVLYFLAHEDNLLPIQEDYSNYISRVVAVIGPDNSESVMTVA
NFLSLFLLPQITYSAISDELRDKVRFPALLRTTPSADHHIEAMVQLMLHFRWNWIIVLVSSDTYGRDNGQLLGERVARRD
ICIAFQETLPTLQPNQNMTSEERQRLVTIVDKLQQSTARVVVVFSPDLTLYHFFNEVLRQNFTGAVWIASESWAIDPVLH
NLTELRHLGTFLGITIQSVPIPGFSEFREWGPQAGPPPLSRTSQSYTCNQECDNCLNATLSFNTILRLSGERVVYSVYSA
VYAVAHALHSLLGCDKSTCTKRVVYPWQLLEEIWKVNFTLLDHQIFFDPQGDVALHLEIVQWQWDRSQNPFQSVASYYPL
QRQLKNIQDISWHTINNTIPMSMCSKRCQSGQKKKPVGIHVCCFECIDCLPGTFLNHTEDEYECQACPNNEWSYQSETSC
FKRQLVFLEWHEAPTIAVALLAALGFLSTLAILVIFWRHFQTPIVRSAGGPMCFLMLTLLLVAYMVVPVYVGPPKVSTCL
CRQALFPLCFTICISCIAVRSFQIVCAFKMASRFPRAYSYWVRYQGPYVSMAFITVLKMVIVVIGMLATGLSPTTRTDPD
DPKITIVSCNPNYRNSLLFNTSLDLLLSVVGFSFAYMGKELPTNYNEAKFITLSMTFYFTSSVSLCTFMSAYSGVLVTIV
DLLVTVLNLLAISLGYFGPKCYMILFYPERNTPAYFNSMIQGYTMRRD
;
A
#
# COMPACT_ATOMS: atom_id res chain seq x y z
N LEU A 30 49.18 -46.76 -11.93
CA LEU A 30 48.27 -46.38 -13.01
C LEU A 30 48.94 -45.41 -13.97
N CYS A 31 49.71 -44.47 -13.41
CA CYS A 31 50.44 -43.43 -14.16
C CYS A 31 49.61 -42.87 -15.30
N LEU A 32 48.39 -42.44 -14.97
CA LEU A 32 47.53 -41.80 -15.96
C LEU A 32 48.04 -40.39 -16.30
N SER A 33 48.59 -39.69 -15.31
CA SER A 33 49.07 -38.33 -15.50
C SER A 33 50.27 -38.25 -16.43
N GLN A 34 50.97 -39.36 -16.69
CA GLN A 34 52.13 -39.32 -17.55
C GLN A 34 51.77 -39.00 -19.00
N GLN A 35 50.52 -39.25 -19.39
CA GLN A 35 50.08 -38.98 -20.75
C GLN A 35 49.62 -37.54 -20.96
N LEU A 36 49.69 -36.69 -19.92
CA LEU A 36 49.21 -35.32 -20.04
C LEU A 36 50.08 -34.48 -20.97
N ARG A 37 51.25 -34.97 -21.38
CA ARG A 37 52.08 -34.32 -22.37
C ARG A 37 52.15 -35.19 -23.62
N MET A 38 52.36 -34.53 -24.76
CA MET A 38 52.53 -35.25 -26.03
C MET A 38 53.26 -34.32 -26.98
N LYS A 39 54.42 -34.76 -27.47
CA LYS A 39 55.21 -33.93 -28.37
C LYS A 39 54.56 -33.85 -29.74
N GLY A 40 54.71 -32.69 -30.38
CA GLY A 40 54.19 -32.50 -31.73
C GLY A 40 54.75 -31.24 -32.33
N ASP A 41 54.51 -31.09 -33.64
CA ASP A 41 54.96 -29.88 -34.32
C ASP A 41 54.27 -28.65 -33.77
N TYR A 42 52.97 -28.75 -33.48
CA TYR A 42 52.23 -27.71 -32.79
C TYR A 42 51.59 -28.34 -31.57
N VAL A 43 51.77 -27.70 -30.41
CA VAL A 43 51.26 -28.23 -29.14
C VAL A 43 50.27 -27.23 -28.56
N LEU A 44 49.11 -27.73 -28.15
CA LEU A 44 48.08 -26.93 -27.52
C LEU A 44 48.28 -26.89 -26.02
N GLY A 45 47.70 -25.88 -25.38
CA GLY A 45 47.69 -25.78 -23.94
C GLY A 45 46.50 -26.51 -23.35
N GLY A 46 46.29 -26.28 -22.06
CA GLY A 46 45.13 -26.83 -21.39
C GLY A 46 45.00 -26.37 -19.96
N LEU A 47 43.80 -25.93 -19.58
CA LEU A 47 43.52 -25.49 -18.22
C LEU A 47 42.24 -26.18 -17.77
N PHE A 48 42.38 -27.18 -16.91
CA PHE A 48 41.26 -27.98 -16.46
C PHE A 48 41.19 -28.00 -14.94
N PRO A 49 40.00 -28.15 -14.35
CA PRO A 49 39.88 -28.26 -12.89
C PRO A 49 40.23 -29.66 -12.39
N LEU A 50 41.51 -30.02 -12.51
CA LEU A 50 41.93 -31.36 -12.11
C LEU A 50 41.97 -31.50 -10.59
N GLY A 51 42.17 -30.40 -9.87
CA GLY A 51 42.23 -30.41 -8.44
C GLY A 51 41.21 -29.48 -7.79
N GLU A 52 41.14 -29.58 -6.47
CA GLU A 52 40.25 -28.73 -5.67
C GLU A 52 40.90 -28.48 -4.31
N ALA A 53 40.55 -27.35 -3.72
CA ALA A 53 41.09 -26.96 -2.42
C ALA A 53 40.61 -27.91 -1.32
N ARG A 61 47.68 -16.67 3.19
CA ARG A 61 49.08 -17.09 3.15
C ARG A 61 50.01 -15.89 3.30
N THR A 62 51.24 -16.17 3.72
CA THR A 62 52.27 -15.15 3.91
C THR A 62 53.45 -15.31 2.95
N ARG A 63 53.68 -16.52 2.46
CA ARG A 63 54.79 -16.75 1.55
C ARG A 63 54.29 -16.87 0.11
N PRO A 64 55.11 -16.48 -0.87
CA PRO A 64 54.68 -16.53 -2.29
C PRO A 64 54.87 -17.90 -2.91
N SER A 65 54.18 -18.89 -2.36
CA SER A 65 54.18 -20.25 -2.88
C SER A 65 52.77 -20.65 -3.29
N SER A 66 52.63 -21.18 -4.49
CA SER A 66 51.32 -21.52 -5.02
C SER A 66 50.68 -22.61 -4.16
N PRO A 67 49.44 -22.45 -3.75
CA PRO A 67 48.76 -23.52 -3.01
C PRO A 67 48.59 -24.76 -3.88
N VAL A 68 48.66 -25.92 -3.24
CA VAL A 68 48.55 -27.20 -3.91
C VAL A 68 47.20 -27.82 -3.59
N CYS A 69 46.51 -28.27 -4.62
CA CYS A 69 45.21 -28.92 -4.47
C CYS A 69 45.39 -30.43 -4.55
N THR A 70 45.04 -31.14 -3.48
CA THR A 70 45.17 -32.59 -3.43
C THR A 70 43.86 -33.31 -3.72
N ARG A 71 42.72 -32.66 -3.48
CA ARG A 71 41.44 -33.26 -3.80
C ARG A 71 41.32 -33.52 -5.29
N PHE A 72 40.74 -34.67 -5.62
CA PHE A 72 40.60 -35.10 -7.00
C PHE A 72 39.23 -34.72 -7.54
N SER A 73 39.18 -34.29 -8.79
CA SER A 73 37.94 -33.91 -9.45
C SER A 73 37.72 -34.80 -10.65
N SER A 74 36.54 -35.41 -10.74
CA SER A 74 36.22 -36.29 -11.85
C SER A 74 35.93 -35.51 -13.13
N ASN A 75 35.25 -34.38 -13.01
CA ASN A 75 34.90 -33.59 -14.19
C ASN A 75 36.14 -33.09 -14.91
N GLY A 76 37.13 -32.61 -14.17
CA GLY A 76 38.34 -32.12 -14.80
C GLY A 76 39.09 -33.20 -15.55
N LEU A 77 39.20 -34.39 -14.96
CA LEU A 77 39.87 -35.49 -15.64
C LEU A 77 39.08 -35.94 -16.85
N LEU A 78 37.75 -35.95 -16.76
CA LEU A 78 36.92 -36.30 -17.92
C LEU A 78 37.15 -35.32 -19.06
N TRP A 79 37.22 -34.02 -18.75
CA TRP A 79 37.45 -33.02 -19.78
C TRP A 79 38.85 -33.15 -20.38
N ALA A 80 39.86 -33.41 -19.54
CA ALA A 80 41.21 -33.58 -20.06
C ALA A 80 41.31 -34.79 -20.96
N LEU A 81 40.67 -35.90 -20.56
CA LEU A 81 40.64 -37.07 -21.42
C LEU A 81 39.86 -36.82 -22.69
N ALA A 82 38.82 -35.98 -22.62
CA ALA A 82 38.09 -35.62 -23.82
C ALA A 82 38.97 -34.87 -24.81
N MET A 83 39.77 -33.92 -24.31
CA MET A 83 40.63 -33.19 -25.23
C MET A 83 41.75 -34.08 -25.76
N LYS A 84 42.25 -35.00 -24.93
CA LYS A 84 43.21 -35.98 -25.41
C LYS A 84 42.61 -36.84 -26.51
N MET A 85 41.35 -37.26 -26.34
CA MET A 85 40.66 -38.01 -27.37
C MET A 85 40.52 -37.21 -28.65
N ALA A 86 40.17 -35.93 -28.53
CA ALA A 86 40.03 -35.08 -29.70
C ALA A 86 41.35 -34.96 -30.45
N VAL A 87 42.45 -34.77 -29.71
CA VAL A 87 43.76 -34.65 -30.34
C VAL A 87 44.14 -35.95 -31.03
N GLU A 88 43.90 -37.09 -30.37
CA GLU A 88 44.22 -38.37 -30.98
C GLU A 88 43.40 -38.61 -32.24
N GLU A 89 42.13 -38.24 -32.22
CA GLU A 89 41.29 -38.40 -33.41
C GLU A 89 41.72 -37.47 -34.53
N ILE A 90 42.17 -36.26 -34.19
CA ILE A 90 42.73 -35.37 -35.19
C ILE A 90 43.95 -36.00 -35.84
N ASN A 91 44.84 -36.57 -35.02
CA ASN A 91 46.03 -37.23 -35.56
C ASN A 91 45.66 -38.45 -36.41
N ASN A 92 44.54 -39.09 -36.08
CA ASN A 92 44.05 -40.20 -36.90
C ASN A 92 43.63 -39.72 -38.28
N LYS A 93 42.92 -38.59 -38.34
CA LYS A 93 42.40 -38.10 -39.61
C LYS A 93 43.54 -37.64 -40.52
N SER A 94 43.45 -38.00 -41.79
CA SER A 94 44.45 -37.61 -42.78
C SER A 94 44.06 -36.36 -43.55
N ASP A 95 42.78 -35.99 -43.56
CA ASP A 95 42.34 -34.79 -44.25
C ASP A 95 42.42 -33.54 -43.39
N LEU A 96 42.67 -33.68 -42.09
CA LEU A 96 42.82 -32.56 -41.18
C LEU A 96 44.23 -32.56 -40.62
N LEU A 97 44.97 -31.48 -40.88
CA LEU A 97 46.39 -31.37 -40.55
C LEU A 97 47.15 -32.57 -41.09
N PRO A 98 47.29 -32.69 -42.41
CA PRO A 98 47.99 -33.87 -42.97
C PRO A 98 49.48 -33.79 -42.73
N GLY A 99 50.07 -34.92 -42.40
CA GLY A 99 51.50 -35.00 -42.17
C GLY A 99 51.99 -34.14 -41.02
N LEU A 100 51.19 -34.02 -39.96
CA LEU A 100 51.55 -33.22 -38.80
C LEU A 100 51.10 -33.93 -37.53
N ARG A 101 51.76 -33.60 -36.43
CA ARG A 101 51.42 -34.11 -35.11
C ARG A 101 51.04 -32.96 -34.21
N LEU A 102 49.88 -33.08 -33.55
CA LEU A 102 49.40 -32.07 -32.62
C LEU A 102 49.55 -32.60 -31.20
N GLY A 103 50.13 -31.78 -30.33
CA GLY A 103 50.34 -32.14 -28.94
C GLY A 103 49.45 -31.37 -27.98
N TYR A 104 49.68 -31.60 -26.69
CA TYR A 104 48.90 -30.93 -25.67
C TYR A 104 49.66 -30.93 -24.36
N ASP A 105 49.42 -29.91 -23.53
CA ASP A 105 49.93 -29.81 -22.17
C ASP A 105 48.72 -29.62 -21.27
N LEU A 106 48.25 -30.72 -20.68
CA LEU A 106 47.05 -30.67 -19.83
C LEU A 106 47.47 -30.26 -18.43
N PHE A 107 47.26 -28.99 -18.10
CA PHE A 107 47.70 -28.44 -16.83
C PHE A 107 46.56 -28.35 -15.84
N ASP A 108 46.88 -28.57 -14.56
CA ASP A 108 45.90 -28.48 -13.49
C ASP A 108 45.73 -27.02 -13.09
N THR A 109 44.49 -26.55 -13.10
CA THR A 109 44.13 -25.27 -12.52
C THR A 109 42.96 -25.48 -11.57
N CYS A 110 43.19 -25.21 -10.29
CA CYS A 110 42.09 -25.19 -9.33
C CYS A 110 41.19 -24.00 -9.63
N SER A 111 40.05 -23.93 -8.96
CA SER A 111 39.15 -22.81 -9.17
C SER A 111 39.81 -21.48 -8.82
N GLU A 112 40.87 -21.50 -8.02
CA GLU A 112 41.63 -20.31 -7.68
C GLU A 112 42.47 -19.85 -8.88
N PRO A 113 42.57 -18.54 -9.08
CA PRO A 113 43.40 -18.03 -10.20
C PRO A 113 44.89 -18.02 -9.90
N VAL A 114 45.29 -18.02 -8.64
CA VAL A 114 46.72 -17.96 -8.31
C VAL A 114 47.44 -19.21 -8.79
N VAL A 115 46.78 -20.37 -8.70
CA VAL A 115 47.39 -21.60 -9.16
C VAL A 115 47.26 -21.74 -10.68
N ALA A 116 46.37 -20.95 -11.30
CA ALA A 116 46.20 -21.00 -12.74
C ALA A 116 47.09 -20.02 -13.48
N MET A 117 47.62 -19.00 -12.79
CA MET A 117 48.49 -18.04 -13.47
C MET A 117 49.81 -18.66 -13.90
N LYS A 118 50.40 -19.52 -13.06
CA LYS A 118 51.69 -20.12 -13.40
C LYS A 118 51.65 -20.94 -14.68
N PRO A 119 50.65 -21.80 -14.92
CA PRO A 119 50.58 -22.46 -16.23
C PRO A 119 50.47 -21.48 -17.39
N SER A 120 49.80 -20.35 -17.20
CA SER A 120 49.74 -19.35 -18.27
C SER A 120 51.12 -18.79 -18.59
N LEU A 121 51.88 -18.43 -17.54
CA LEU A 121 53.24 -17.93 -17.76
C LEU A 121 54.11 -19.00 -18.40
N MET A 122 53.91 -20.26 -18.01
CA MET A 122 54.62 -21.36 -18.65
C MET A 122 54.27 -21.44 -20.14
N PHE A 123 52.99 -21.22 -20.46
CA PHE A 123 52.56 -21.23 -21.85
C PHE A 123 53.23 -20.13 -22.65
N LEU A 124 53.30 -18.92 -22.10
CA LEU A 124 53.85 -17.80 -22.85
C LEU A 124 55.36 -17.74 -22.85
N ALA A 125 56.03 -18.55 -22.03
CA ALA A 125 57.49 -18.58 -22.04
C ALA A 125 57.99 -19.20 -23.34
N LYS A 126 59.21 -18.83 -23.72
CA LYS A 126 59.82 -19.39 -24.92
C LYS A 126 60.03 -20.89 -24.74
N ALA A 127 59.81 -21.65 -25.82
CA ALA A 127 59.94 -23.09 -25.77
C ALA A 127 61.37 -23.49 -25.39
N GLY A 128 61.49 -24.44 -24.47
CA GLY A 128 62.78 -24.89 -24.01
C GLY A 128 63.45 -24.02 -22.96
N SER A 129 62.79 -22.95 -22.53
CA SER A 129 63.35 -22.05 -21.52
C SER A 129 62.32 -21.80 -20.44
N ARG A 130 62.81 -21.51 -19.24
CA ARG A 130 61.96 -21.41 -18.06
C ARG A 130 61.71 -19.96 -17.62
N ASP A 131 61.86 -18.99 -18.52
CA ASP A 131 61.60 -17.59 -18.20
C ASP A 131 60.77 -16.94 -19.29
N ILE A 132 59.98 -15.94 -18.91
CA ILE A 132 59.17 -15.16 -19.84
C ILE A 132 59.68 -13.72 -19.81
N ALA A 133 60.07 -13.22 -20.97
CA ALA A 133 60.55 -11.85 -21.06
C ALA A 133 59.37 -10.87 -21.06
N ALA A 134 59.68 -9.60 -20.79
CA ALA A 134 58.69 -8.53 -20.76
C ALA A 134 59.00 -7.57 -21.91
N TYR A 135 58.46 -7.88 -23.08
CA TYR A 135 58.67 -7.08 -24.27
C TYR A 135 57.57 -6.04 -24.42
N CYS A 136 57.79 -5.10 -25.34
CA CYS A 136 56.84 -4.00 -25.51
C CYS A 136 55.49 -4.48 -26.04
N ASN A 137 55.50 -5.45 -26.96
CA ASN A 137 54.26 -5.94 -27.53
C ASN A 137 54.37 -7.44 -27.79
N TYR A 138 53.37 -7.99 -28.47
CA TYR A 138 53.28 -9.43 -28.63
C TYR A 138 54.26 -9.96 -29.68
N THR A 139 54.59 -9.15 -30.68
CA THR A 139 55.31 -9.65 -31.86
C THR A 139 56.68 -10.23 -31.52
N GLN A 140 57.32 -9.78 -30.45
CA GLN A 140 58.62 -10.32 -30.07
C GLN A 140 58.52 -11.65 -29.34
N TYR A 141 57.33 -12.10 -28.99
CA TYR A 141 57.15 -13.34 -28.25
C TYR A 141 57.07 -14.52 -29.20
N GLN A 142 57.59 -15.65 -28.75
CA GLN A 142 57.50 -16.93 -29.46
C GLN A 142 56.95 -17.95 -28.47
N PRO A 143 55.64 -17.94 -28.24
CA PRO A 143 55.06 -18.82 -27.22
C PRO A 143 55.26 -20.29 -27.57
N ARG A 144 55.36 -21.11 -26.52
CA ARG A 144 55.59 -22.53 -26.70
C ARG A 144 54.32 -23.31 -27.05
N VAL A 145 53.15 -22.68 -26.98
CA VAL A 145 51.89 -23.33 -27.29
C VAL A 145 51.16 -22.51 -28.35
N LEU A 146 50.59 -23.21 -29.33
CA LEU A 146 49.89 -22.51 -30.41
C LEU A 146 48.61 -21.85 -29.91
N ALA A 147 47.84 -22.55 -29.08
CA ALA A 147 46.60 -22.02 -28.55
C ALA A 147 46.37 -22.61 -27.16
N VAL A 148 45.36 -22.10 -26.46
CA VAL A 148 45.06 -22.53 -25.10
C VAL A 148 43.59 -22.88 -25.02
N ILE A 149 43.29 -24.06 -24.47
CA ILE A 149 41.92 -24.44 -24.15
C ILE A 149 41.61 -23.88 -22.77
N GLY A 150 40.86 -22.78 -22.74
CA GLY A 150 40.70 -21.98 -21.55
C GLY A 150 40.02 -22.69 -20.41
N PRO A 151 39.98 -22.05 -19.24
CA PRO A 151 39.41 -22.69 -18.06
C PRO A 151 37.90 -22.82 -18.14
N HIS A 152 37.37 -23.80 -17.42
CA HIS A 152 35.91 -23.99 -17.40
C HIS A 152 35.22 -22.86 -16.66
N SER A 153 35.75 -22.48 -15.50
CA SER A 153 35.14 -21.40 -14.72
C SER A 153 35.30 -20.07 -15.46
N SER A 154 34.28 -19.22 -15.35
CA SER A 154 34.35 -17.93 -16.02
C SER A 154 35.10 -16.89 -15.20
N GLU A 155 35.05 -17.00 -13.87
CA GLU A 155 35.82 -16.09 -13.03
C GLU A 155 37.32 -16.27 -13.27
N LEU A 156 37.74 -17.50 -13.54
CA LEU A 156 39.12 -17.75 -13.96
C LEU A 156 39.34 -17.34 -15.41
N ALA A 157 38.31 -17.50 -16.24
CA ALA A 157 38.43 -17.16 -17.65
C ALA A 157 38.67 -15.66 -17.85
N MET A 158 38.08 -14.82 -17.01
CA MET A 158 38.31 -13.39 -17.10
C MET A 158 39.80 -13.07 -16.97
N VAL A 159 40.42 -13.56 -15.89
CA VAL A 159 41.82 -13.24 -15.64
C VAL A 159 42.71 -13.87 -16.70
N THR A 160 42.44 -15.12 -17.06
CA THR A 160 43.26 -15.79 -18.06
C THR A 160 43.17 -15.09 -19.41
N GLY A 161 41.96 -14.70 -19.82
CA GLY A 161 41.81 -13.99 -21.08
C GLY A 161 42.45 -12.62 -21.07
N LYS A 162 42.29 -11.88 -19.98
CA LYS A 162 42.93 -10.56 -19.89
C LYS A 162 44.45 -10.68 -19.92
N PHE A 163 45.00 -11.75 -19.36
CA PHE A 163 46.44 -11.96 -19.45
C PHE A 163 46.87 -12.36 -20.86
N PHE A 164 46.12 -13.27 -21.50
CA PHE A 164 46.52 -13.75 -22.81
C PHE A 164 46.35 -12.69 -23.90
N SER A 165 45.39 -11.78 -23.73
CA SER A 165 45.07 -10.83 -24.78
C SER A 165 46.24 -9.90 -25.09
N PHE A 166 47.12 -9.68 -24.14
CA PHE A 166 48.29 -8.84 -24.41
C PHE A 166 49.20 -9.50 -25.44
N PHE A 167 49.33 -10.82 -25.38
CA PHE A 167 50.12 -11.57 -26.34
C PHE A 167 49.32 -12.07 -27.53
N LEU A 168 48.03 -11.76 -27.58
CA LEU A 168 47.15 -12.19 -28.67
C LEU A 168 47.17 -13.70 -28.86
N MET A 169 47.22 -14.43 -27.75
CA MET A 169 47.23 -15.88 -27.79
C MET A 169 45.80 -16.39 -27.99
N PRO A 170 45.54 -17.19 -29.03
CA PRO A 170 44.18 -17.72 -29.22
C PRO A 170 43.75 -18.64 -28.09
N GLN A 171 42.60 -18.33 -27.49
CA GLN A 171 42.06 -19.09 -26.38
C GLN A 171 40.63 -19.48 -26.70
N VAL A 172 40.30 -20.76 -26.58
CA VAL A 172 38.94 -21.24 -26.73
C VAL A 172 38.52 -21.86 -25.41
N SER A 173 37.47 -21.32 -24.81
CA SER A 173 37.08 -21.65 -23.45
C SER A 173 35.75 -22.38 -23.45
N TYR A 174 35.76 -23.61 -22.95
CA TYR A 174 34.53 -24.34 -22.69
C TYR A 174 33.95 -23.91 -21.35
N GLY A 175 32.64 -23.67 -21.31
CA GLY A 175 31.96 -23.42 -20.07
C GLY A 175 31.93 -21.97 -19.60
N ALA A 176 32.76 -21.10 -20.15
CA ALA A 176 32.73 -19.69 -19.81
C ALA A 176 31.57 -19.03 -20.56
N SER A 177 30.59 -18.53 -19.82
CA SER A 177 29.31 -18.17 -20.43
C SER A 177 28.94 -16.70 -20.27
N MET A 178 29.32 -16.03 -19.18
CA MET A 178 28.78 -14.70 -18.94
C MET A 178 29.30 -13.71 -19.99
N GLU A 179 28.47 -12.70 -20.27
CA GLU A 179 28.48 -12.04 -21.57
C GLU A 179 29.70 -11.14 -21.76
N LEU A 180 30.15 -10.44 -20.73
CA LEU A 180 31.16 -9.40 -20.98
C LEU A 180 32.50 -9.98 -21.38
N LEU A 181 32.68 -11.30 -21.28
CA LEU A 181 33.85 -11.95 -21.87
C LEU A 181 33.88 -11.82 -23.38
N SER A 182 32.76 -11.47 -24.01
CA SER A 182 32.65 -11.31 -25.45
C SER A 182 33.05 -9.92 -25.92
N ALA A 183 33.37 -9.00 -24.99
CA ALA A 183 33.78 -7.66 -25.37
C ALA A 183 35.15 -7.69 -26.04
N ARG A 184 35.18 -7.47 -27.36
CA ARG A 184 36.41 -7.54 -28.12
C ARG A 184 37.40 -6.44 -27.74
N GLU A 185 36.96 -5.40 -27.03
CA GLU A 185 37.89 -4.36 -26.60
C GLU A 185 38.90 -4.90 -25.61
N THR A 186 38.47 -5.79 -24.71
CA THR A 186 39.33 -6.32 -23.67
C THR A 186 39.69 -7.79 -23.87
N PHE A 187 39.00 -8.51 -24.75
CA PHE A 187 39.29 -9.91 -25.04
C PHE A 187 39.37 -10.12 -26.54
N PRO A 188 40.41 -9.58 -27.19
CA PRO A 188 40.53 -9.75 -28.65
C PRO A 188 40.86 -11.17 -29.09
N SER A 189 41.30 -12.03 -28.19
CA SER A 189 41.76 -13.36 -28.56
C SER A 189 41.03 -14.45 -27.79
N PHE A 190 39.92 -14.11 -27.16
CA PHE A 190 39.16 -15.05 -26.33
C PHE A 190 37.94 -15.52 -27.11
N PHE A 191 37.89 -16.82 -27.39
CA PHE A 191 36.75 -17.48 -28.00
C PHE A 191 36.13 -18.45 -27.00
N ARG A 192 35.01 -19.05 -27.39
CA ARG A 192 34.34 -19.99 -26.51
C ARG A 192 33.49 -20.93 -27.34
N THR A 193 33.13 -22.06 -26.74
CA THR A 193 32.35 -23.09 -27.40
C THR A 193 30.99 -23.31 -26.75
N VAL A 194 30.70 -22.63 -25.64
CA VAL A 194 29.38 -22.67 -25.04
C VAL A 194 28.66 -21.37 -25.39
N PRO A 195 27.34 -21.37 -25.53
CA PRO A 195 26.64 -20.11 -25.78
C PRO A 195 26.72 -19.21 -24.57
N SER A 196 26.72 -17.90 -24.85
CA SER A 196 26.79 -16.92 -23.76
C SER A 196 25.47 -16.90 -22.99
N ASP A 197 25.48 -16.18 -21.87
CA ASP A 197 24.23 -15.97 -21.12
C ASP A 197 23.27 -15.07 -21.87
N ARG A 198 23.78 -14.29 -22.84
CA ARG A 198 22.93 -13.37 -23.59
C ARG A 198 21.85 -14.12 -24.35
N VAL A 199 22.21 -15.24 -25.00
CA VAL A 199 21.24 -15.94 -25.83
C VAL A 199 20.13 -16.56 -24.99
N GLN A 200 20.49 -17.18 -23.86
CA GLN A 200 19.47 -17.81 -23.02
C GLN A 200 18.61 -16.76 -22.33
N LEU A 201 19.20 -15.63 -21.94
CA LEU A 201 18.40 -14.57 -21.34
C LEU A 201 17.48 -13.92 -22.36
N THR A 202 17.93 -13.78 -23.61
CA THR A 202 17.05 -13.34 -24.68
C THR A 202 15.92 -14.33 -24.90
N ALA A 203 16.23 -15.62 -24.83
CA ALA A 203 15.19 -16.64 -24.95
C ALA A 203 14.17 -16.53 -23.83
N ALA A 204 14.63 -16.30 -22.60
CA ALA A 204 13.70 -16.15 -21.48
C ALA A 204 12.83 -14.91 -21.65
N ALA A 205 13.43 -13.79 -22.07
CA ALA A 205 12.66 -12.58 -22.29
C ALA A 205 11.62 -12.77 -23.40
N GLU A 206 12.02 -13.43 -24.49
CA GLU A 206 11.08 -13.70 -25.57
C GLU A 206 9.96 -14.63 -25.10
N LEU A 207 10.29 -15.61 -24.25
CA LEU A 207 9.27 -16.49 -23.69
C LEU A 207 8.26 -15.70 -22.87
N LEU A 208 8.76 -14.83 -21.98
CA LEU A 208 7.86 -14.03 -21.15
C LEU A 208 7.00 -13.11 -22.00
N GLN A 209 7.58 -12.51 -23.05
CA GLN A 209 6.79 -11.62 -23.90
C GLN A 209 5.78 -12.40 -24.73
N GLU A 210 6.14 -13.62 -25.16
CA GLU A 210 5.26 -14.40 -26.03
C GLU A 210 4.08 -14.96 -25.25
N PHE A 211 4.31 -15.45 -24.04
CA PHE A 211 3.18 -15.88 -23.22
C PHE A 211 2.42 -14.72 -22.59
N GLY A 212 3.00 -13.53 -22.57
CA GLY A 212 2.29 -12.34 -22.14
C GLY A 212 2.56 -11.89 -20.73
N TRP A 213 3.49 -12.52 -20.01
CA TRP A 213 3.84 -12.11 -18.66
C TRP A 213 4.77 -10.91 -18.75
N ASN A 214 4.19 -9.71 -18.85
CA ASN A 214 4.95 -8.47 -18.93
C ASN A 214 5.09 -7.80 -17.57
N TRP A 215 4.88 -8.55 -16.49
CA TRP A 215 5.05 -8.05 -15.12
C TRP A 215 5.64 -9.21 -14.33
N VAL A 216 6.98 -9.27 -14.26
CA VAL A 216 7.68 -10.39 -13.67
C VAL A 216 8.69 -9.85 -12.66
N ALA A 217 9.17 -10.74 -11.82
CA ALA A 217 10.22 -10.41 -10.84
C ALA A 217 11.49 -11.15 -11.21
N ALA A 218 12.61 -10.43 -11.20
CA ALA A 218 13.91 -11.00 -11.58
C ALA A 218 14.75 -11.19 -10.33
N LEU A 219 15.31 -12.39 -10.19
CA LEU A 219 16.19 -12.74 -9.09
C LEU A 219 17.50 -13.31 -9.63
N GLY A 220 18.57 -13.12 -8.88
CA GLY A 220 19.86 -13.63 -9.27
C GLY A 220 20.68 -14.00 -8.06
N SER A 221 21.59 -14.94 -8.26
CA SER A 221 22.48 -15.35 -7.18
C SER A 221 23.49 -14.25 -6.87
N ASP A 222 24.01 -14.29 -5.64
CA ASP A 222 24.85 -13.21 -5.13
C ASP A 222 26.19 -13.11 -5.83
N ASP A 223 26.64 -14.15 -6.54
CA ASP A 223 27.94 -14.11 -7.20
C ASP A 223 27.87 -13.24 -8.46
N GLU A 224 28.97 -13.24 -9.22
CA GLU A 224 29.00 -12.45 -10.45
C GLU A 224 28.04 -13.00 -11.49
N TYR A 225 27.81 -14.31 -11.49
CA TYR A 225 26.90 -14.92 -12.45
C TYR A 225 25.50 -14.31 -12.34
N GLY A 226 24.95 -14.28 -11.12
CA GLY A 226 23.63 -13.74 -10.94
C GLY A 226 23.55 -12.24 -11.23
N ARG A 227 24.58 -11.49 -10.85
CA ARG A 227 24.58 -10.05 -11.09
C ARG A 227 24.59 -9.74 -12.58
N GLN A 228 25.46 -10.44 -13.34
CA GLN A 228 25.49 -10.23 -14.78
C GLN A 228 24.18 -10.65 -15.42
N GLY A 229 23.61 -11.77 -14.97
CA GLY A 229 22.32 -12.19 -15.48
C GLY A 229 21.23 -11.17 -15.23
N LEU A 230 21.21 -10.60 -14.03
CA LEU A 230 20.22 -9.58 -13.70
C LEU A 230 20.38 -8.34 -14.56
N SER A 231 21.63 -7.89 -14.77
CA SER A 231 21.83 -6.71 -15.60
C SER A 231 21.39 -6.96 -17.05
N ILE A 232 21.77 -8.11 -17.60
CA ILE A 232 21.40 -8.42 -18.98
C ILE A 232 19.88 -8.54 -19.11
N PHE A 233 19.24 -9.20 -18.14
CA PHE A 233 17.78 -9.33 -18.21
C PHE A 233 17.10 -7.99 -18.01
N SER A 234 17.68 -7.10 -17.20
CA SER A 234 17.13 -5.75 -17.08
C SER A 234 17.14 -5.05 -18.43
N ALA A 235 18.26 -5.11 -19.14
CA ALA A 235 18.34 -4.48 -20.45
C ALA A 235 17.33 -5.10 -21.42
N LEU A 236 17.27 -6.44 -21.45
CA LEU A 236 16.38 -7.10 -22.40
C LEU A 236 14.91 -6.84 -22.09
N ALA A 237 14.53 -6.86 -20.81
CA ALA A 237 13.15 -6.58 -20.44
C ALA A 237 12.78 -5.14 -20.76
N ALA A 238 13.69 -4.19 -20.48
CA ALA A 238 13.41 -2.80 -20.84
C ALA A 238 13.24 -2.66 -22.35
N ALA A 239 14.00 -3.43 -23.13
CA ALA A 239 13.87 -3.37 -24.57
C ALA A 239 12.56 -3.97 -25.05
N ARG A 240 12.10 -5.05 -24.40
CA ARG A 240 10.98 -5.83 -24.88
C ARG A 240 9.65 -5.45 -24.24
N GLY A 241 9.62 -4.42 -23.39
CA GLY A 241 8.39 -4.00 -22.76
C GLY A 241 8.07 -4.72 -21.48
N ILE A 242 8.79 -5.79 -21.14
CA ILE A 242 8.60 -6.46 -19.87
C ILE A 242 9.11 -5.56 -18.74
N CYS A 243 8.42 -5.59 -17.61
CA CYS A 243 8.88 -4.84 -16.45
C CYS A 243 9.26 -5.80 -15.34
N ILE A 244 10.25 -5.41 -14.55
CA ILE A 244 10.71 -6.18 -13.40
C ILE A 244 10.13 -5.54 -12.15
N ALA A 245 9.25 -6.27 -11.45
CA ALA A 245 8.65 -5.76 -10.22
C ALA A 245 9.71 -5.50 -9.17
N HIS A 246 10.67 -6.42 -9.02
CA HIS A 246 11.64 -6.36 -7.95
C HIS A 246 12.92 -7.07 -8.39
N GLU A 247 14.05 -6.39 -8.27
CA GLU A 247 15.35 -6.97 -8.58
C GLU A 247 16.12 -7.19 -7.28
N GLY A 248 16.27 -8.46 -6.89
CA GLY A 248 16.99 -8.78 -5.68
C GLY A 248 18.00 -9.87 -5.92
N LEU A 249 18.98 -9.94 -5.03
CA LEU A 249 20.03 -10.95 -5.09
C LEU A 249 19.84 -11.93 -3.94
N VAL A 250 19.64 -13.19 -4.27
CA VAL A 250 19.55 -14.24 -3.26
C VAL A 250 20.96 -14.55 -2.76
N PRO A 251 21.19 -14.52 -1.46
CA PRO A 251 22.55 -14.76 -0.96
C PRO A 251 22.95 -16.22 -1.10
N LEU A 252 24.25 -16.43 -1.27
CA LEU A 252 24.79 -17.78 -1.31
C LEU A 252 24.74 -18.40 0.09
N PRO A 253 24.66 -19.74 0.19
CA PRO A 253 24.61 -20.40 1.50
C PRO A 253 25.90 -20.25 2.30
N LYS A 262 18.04 -11.01 4.27
CA LYS A 262 18.58 -12.13 3.51
C LYS A 262 17.54 -12.72 2.58
N VAL A 263 17.36 -14.04 2.67
CA VAL A 263 16.36 -14.72 1.86
C VAL A 263 14.95 -14.28 2.25
N GLN A 264 14.70 -14.09 3.56
CA GLN A 264 13.38 -13.70 4.02
C GLN A 264 12.95 -12.38 3.40
N ASP A 265 13.85 -11.39 3.37
CA ASP A 265 13.52 -10.09 2.80
C ASP A 265 13.21 -10.20 1.32
N VAL A 266 13.99 -11.01 0.59
CA VAL A 266 13.78 -11.14 -0.85
C VAL A 266 12.42 -11.79 -1.12
N LEU A 267 12.09 -12.84 -0.38
CA LEU A 267 10.79 -13.49 -0.57
C LEU A 267 9.64 -12.55 -0.19
N HIS A 268 9.80 -11.79 0.89
CA HIS A 268 8.76 -10.84 1.27
C HIS A 268 8.56 -9.79 0.20
N GLN A 269 9.65 -9.28 -0.37
CA GLN A 269 9.55 -8.28 -1.43
C GLN A 269 8.89 -8.86 -2.67
N VAL A 270 9.21 -10.11 -3.02
CA VAL A 270 8.59 -10.74 -4.18
C VAL A 270 7.09 -10.93 -3.94
N ASN A 271 6.72 -11.36 -2.73
CA ASN A 271 5.32 -11.60 -2.44
C ASN A 271 4.53 -10.30 -2.27
N GLN A 272 5.21 -9.20 -1.95
CA GLN A 272 4.51 -7.92 -1.80
C GLN A 272 3.87 -7.48 -3.10
N SER A 273 4.56 -7.67 -4.22
CA SER A 273 3.99 -7.36 -5.52
C SER A 273 3.19 -8.57 -6.02
N SER A 274 2.12 -8.28 -6.76
CA SER A 274 1.27 -9.34 -7.31
C SER A 274 1.92 -9.84 -8.60
N VAL A 275 2.99 -10.63 -8.41
CA VAL A 275 3.77 -11.19 -9.51
C VAL A 275 3.70 -12.70 -9.43
N GLN A 276 3.40 -13.34 -10.55
CA GLN A 276 3.26 -14.79 -10.62
C GLN A 276 4.29 -15.45 -11.51
N VAL A 277 5.26 -14.69 -12.04
CA VAL A 277 6.34 -15.24 -12.83
C VAL A 277 7.65 -14.66 -12.30
N VAL A 278 8.55 -15.53 -11.86
CA VAL A 278 9.82 -15.13 -11.26
C VAL A 278 10.94 -15.78 -12.03
N LEU A 279 11.79 -14.97 -12.66
CA LEU A 279 13.00 -15.45 -13.31
C LEU A 279 14.08 -15.62 -12.25
N LEU A 280 14.45 -16.87 -11.97
CA LEU A 280 15.51 -17.15 -11.01
C LEU A 280 16.75 -17.52 -11.80
N PHE A 281 17.62 -16.53 -12.02
CA PHE A 281 18.88 -16.73 -12.71
C PHE A 281 19.98 -16.83 -11.65
N ALA A 282 20.09 -18.02 -11.07
CA ALA A 282 20.97 -18.26 -9.95
C ALA A 282 21.76 -19.54 -10.16
N SER A 283 22.81 -19.71 -9.36
CA SER A 283 23.57 -20.94 -9.36
C SER A 283 22.78 -22.05 -8.68
N VAL A 284 23.38 -23.25 -8.63
CA VAL A 284 22.68 -24.39 -8.05
C VAL A 284 22.44 -24.18 -6.56
N HIS A 285 23.45 -23.71 -5.84
CA HIS A 285 23.35 -23.60 -4.39
C HIS A 285 22.36 -22.52 -3.98
N ALA A 286 22.41 -21.36 -4.62
CA ALA A 286 21.48 -20.28 -4.29
C ALA A 286 20.04 -20.68 -4.57
N ALA A 287 19.80 -21.32 -5.72
CA ALA A 287 18.46 -21.79 -6.05
C ALA A 287 17.98 -22.84 -5.06
N HIS A 288 18.88 -23.76 -4.67
CA HIS A 288 18.51 -24.78 -3.70
C HIS A 288 18.14 -24.17 -2.36
N ALA A 289 18.93 -23.20 -1.88
CA ALA A 289 18.61 -22.54 -0.63
C ALA A 289 17.29 -21.78 -0.71
N LEU A 290 17.08 -21.05 -1.81
CA LEU A 290 15.84 -20.32 -2.00
C LEU A 290 14.64 -21.27 -1.96
N PHE A 291 14.72 -22.37 -2.70
CA PHE A 291 13.59 -23.28 -2.76
C PHE A 291 13.37 -24.00 -1.44
N ASN A 292 14.44 -24.34 -0.71
CA ASN A 292 14.27 -24.95 0.59
C ASN A 292 13.58 -23.99 1.57
N TYR A 293 14.00 -22.73 1.59
CA TYR A 293 13.34 -21.77 2.47
C TYR A 293 11.89 -21.56 2.07
N SER A 294 11.61 -21.50 0.77
CA SER A 294 10.23 -21.37 0.33
C SER A 294 9.42 -22.60 0.71
N ILE A 295 10.05 -23.78 0.73
CA ILE A 295 9.38 -24.98 1.22
C ILE A 295 9.00 -24.83 2.69
N SER A 296 9.94 -24.35 3.50
CA SER A 296 9.65 -24.19 4.93
C SER A 296 8.55 -23.17 5.16
N SER A 297 8.55 -22.09 4.41
CA SER A 297 7.59 -21.00 4.59
C SER A 297 6.29 -21.23 3.84
N ARG A 298 6.20 -22.25 3.00
CA ARG A 298 5.01 -22.57 2.22
C ARG A 298 4.58 -21.38 1.34
N LEU A 299 5.46 -21.05 0.39
CA LEU A 299 5.17 -19.98 -0.55
C LEU A 299 4.15 -20.44 -1.59
N SER A 300 3.38 -19.50 -2.12
CA SER A 300 2.43 -19.81 -3.17
C SER A 300 3.17 -20.25 -4.43
N PRO A 301 2.58 -21.17 -5.21
CA PRO A 301 3.24 -21.62 -6.44
C PRO A 301 3.41 -20.48 -7.44
N LYS A 302 4.54 -20.52 -8.13
CA LYS A 302 4.87 -19.51 -9.14
C LYS A 302 5.57 -20.19 -10.31
N VAL A 303 5.56 -19.51 -11.45
CA VAL A 303 6.23 -19.99 -12.65
C VAL A 303 7.67 -19.51 -12.58
N TRP A 304 8.56 -20.38 -12.11
CA TRP A 304 9.99 -20.05 -12.03
C TRP A 304 10.61 -20.31 -13.39
N VAL A 305 11.08 -19.27 -14.04
CA VAL A 305 11.83 -19.41 -15.29
C VAL A 305 13.27 -19.74 -14.92
N ALA A 306 13.71 -20.95 -15.26
CA ALA A 306 14.94 -21.50 -14.73
C ALA A 306 16.12 -21.17 -15.62
N SER A 307 17.22 -20.77 -15.00
CA SER A 307 18.50 -20.72 -15.69
C SER A 307 19.02 -22.13 -15.89
N GLU A 308 19.95 -22.27 -16.83
CA GLU A 308 20.54 -23.58 -17.09
C GLU A 308 21.34 -24.13 -15.92
N ALA A 309 21.72 -23.29 -14.96
CA ALA A 309 22.54 -23.75 -13.85
C ALA A 309 21.79 -24.76 -13.00
N TRP A 310 20.55 -24.45 -12.61
CA TRP A 310 19.78 -25.29 -11.71
C TRP A 310 18.59 -25.96 -12.38
N LEU A 311 18.40 -25.78 -13.68
CA LEU A 311 17.28 -26.42 -14.35
C LEU A 311 17.41 -27.94 -14.33
N THR A 312 18.63 -28.44 -14.53
CA THR A 312 18.88 -29.88 -14.61
C THR A 312 19.66 -30.40 -13.42
N SER A 313 19.89 -29.57 -12.40
CA SER A 313 20.63 -30.01 -11.22
C SER A 313 19.76 -30.94 -10.38
N ASP A 314 20.31 -32.09 -10.00
CA ASP A 314 19.54 -33.08 -9.26
C ASP A 314 19.36 -32.69 -7.79
N LEU A 315 20.22 -31.81 -7.26
CA LEU A 315 20.04 -31.33 -5.90
C LEU A 315 18.73 -30.56 -5.77
N VAL A 316 18.52 -29.58 -6.66
CA VAL A 316 17.26 -28.85 -6.68
C VAL A 316 16.13 -29.75 -7.15
N MET A 317 16.41 -30.65 -8.08
CA MET A 317 15.37 -31.44 -8.72
C MET A 317 14.72 -32.41 -7.73
N GLY A 318 15.51 -32.97 -6.82
CA GLY A 318 14.99 -33.95 -5.88
C GLY A 318 14.69 -33.40 -4.50
N LEU A 319 14.55 -32.08 -4.40
CA LEU A 319 14.24 -31.46 -3.12
C LEU A 319 12.85 -31.88 -2.65
N PRO A 320 12.69 -32.24 -1.38
CA PRO A 320 11.38 -32.67 -0.90
C PRO A 320 10.36 -31.54 -0.93
N GLY A 321 9.15 -31.88 -1.34
CA GLY A 321 8.07 -30.92 -1.44
C GLY A 321 8.12 -30.00 -2.64
N MET A 322 9.08 -30.19 -3.54
CA MET A 322 9.28 -29.27 -4.64
C MET A 322 8.09 -29.22 -5.60
N ALA A 323 7.28 -30.27 -5.64
CA ALA A 323 6.18 -30.35 -6.59
C ALA A 323 5.14 -29.26 -6.37
N GLN A 324 5.14 -28.61 -5.21
CA GLN A 324 4.15 -27.60 -4.87
C GLN A 324 4.62 -26.18 -5.15
N MET A 325 5.54 -25.99 -6.10
CA MET A 325 6.07 -24.66 -6.41
C MET A 325 5.90 -24.28 -7.87
N GLY A 326 4.82 -24.72 -8.49
CA GLY A 326 4.51 -24.29 -9.84
C GLY A 326 5.45 -24.88 -10.88
N THR A 327 5.17 -24.55 -12.13
CA THR A 327 5.96 -25.03 -13.24
C THR A 327 7.33 -24.35 -13.26
N VAL A 328 8.33 -25.09 -13.73
CA VAL A 328 9.69 -24.60 -13.85
C VAL A 328 10.08 -24.72 -15.31
N LEU A 329 10.02 -23.60 -16.03
CA LEU A 329 10.32 -23.57 -17.46
C LEU A 329 11.72 -23.00 -17.66
N GLY A 330 12.64 -23.84 -18.16
CA GLY A 330 13.99 -23.41 -18.40
C GLY A 330 14.36 -23.60 -19.86
N PHE A 331 15.56 -23.15 -20.21
CA PHE A 331 16.07 -23.23 -21.58
C PHE A 331 17.35 -24.06 -21.55
N LEU A 332 17.20 -25.37 -21.67
CA LEU A 332 18.35 -26.26 -21.72
C LEU A 332 19.05 -26.15 -23.07
N GLN A 333 20.38 -26.24 -23.04
CA GLN A 333 21.16 -26.24 -24.26
C GLN A 333 20.83 -27.45 -25.12
N ARG A 334 20.89 -27.28 -26.42
CA ARG A 334 20.68 -28.36 -27.38
C ARG A 334 22.02 -28.63 -28.06
N GLY A 335 22.83 -29.48 -27.43
CA GLY A 335 24.12 -29.85 -27.97
C GLY A 335 24.31 -31.35 -27.99
N ALA A 336 25.02 -31.82 -29.00
CA ALA A 336 25.24 -33.24 -29.18
C ALA A 336 26.11 -33.80 -28.05
N GLN A 337 26.26 -35.12 -28.06
CA GLN A 337 27.05 -35.82 -27.06
C GLN A 337 27.98 -36.81 -27.76
N LEU A 338 29.17 -37.00 -27.18
CA LEU A 338 30.12 -37.95 -27.73
C LEU A 338 29.62 -39.37 -27.47
N HIS A 339 29.10 -40.01 -28.53
CA HIS A 339 28.51 -41.33 -28.39
C HIS A 339 29.55 -42.43 -28.16
N GLU A 340 30.84 -42.12 -28.28
CA GLU A 340 31.89 -43.09 -28.07
C GLU A 340 32.87 -42.68 -26.98
N PHE A 341 32.57 -41.60 -26.24
CA PHE A 341 33.45 -41.18 -25.15
C PHE A 341 33.56 -42.20 -24.02
N PRO A 342 32.48 -42.76 -23.48
CA PRO A 342 32.64 -43.71 -22.37
C PRO A 342 33.50 -44.92 -22.74
N GLN A 343 33.31 -45.47 -23.95
CA GLN A 343 34.13 -46.59 -24.38
C GLN A 343 35.60 -46.19 -24.46
N TYR A 344 35.87 -44.99 -24.99
CA TYR A 344 37.24 -44.51 -25.09
C TYR A 344 37.89 -44.38 -23.71
N VAL A 345 37.18 -43.74 -22.77
CA VAL A 345 37.79 -43.48 -21.47
C VAL A 345 37.97 -44.78 -20.70
N LYS A 346 37.01 -45.71 -20.82
CA LYS A 346 37.18 -47.00 -20.14
C LYS A 346 38.34 -47.77 -20.75
N THR A 347 38.50 -47.71 -22.07
CA THR A 347 39.62 -48.39 -22.73
C THR A 347 40.95 -47.81 -22.26
N HIS A 348 41.07 -46.48 -22.19
CA HIS A 348 42.36 -45.93 -21.77
C HIS A 348 42.60 -46.09 -20.27
N LEU A 349 41.56 -46.13 -19.44
CA LEU A 349 41.77 -46.46 -18.03
C LEU A 349 42.29 -47.88 -17.88
N ALA A 350 41.67 -48.84 -18.59
CA ALA A 350 42.16 -50.21 -18.54
C ALA A 350 43.57 -50.32 -19.11
N LEU A 351 43.86 -49.54 -20.16
CA LEU A 351 45.17 -49.60 -20.81
C LEU A 351 46.25 -48.97 -19.96
N ALA A 352 45.92 -47.93 -19.20
CA ALA A 352 46.88 -47.35 -18.25
C ALA A 352 47.04 -48.23 -17.03
N THR A 353 46.02 -49.03 -16.69
CA THR A 353 46.19 -50.04 -15.65
C THR A 353 47.26 -51.04 -16.04
N ASP A 354 47.38 -51.34 -17.33
CA ASP A 354 48.43 -52.23 -17.81
C ASP A 354 49.80 -51.59 -17.58
N PRO A 355 50.70 -52.23 -16.85
CA PRO A 355 52.02 -51.61 -16.62
C PRO A 355 52.91 -51.57 -17.85
N ALA A 356 52.73 -52.49 -18.80
CA ALA A 356 53.66 -52.59 -19.92
C ALA A 356 53.65 -51.33 -20.78
N PHE A 357 52.45 -50.87 -21.16
CA PHE A 357 52.36 -49.71 -22.05
C PHE A 357 52.93 -48.46 -21.38
N CYS A 358 52.51 -48.17 -20.15
CA CYS A 358 52.92 -46.95 -19.49
C CYS A 358 54.38 -46.98 -19.11
N SER A 359 54.91 -48.17 -18.80
CA SER A 359 56.34 -48.29 -18.55
C SER A 359 57.15 -48.13 -19.83
N ALA A 360 56.58 -48.54 -20.97
CA ALA A 360 57.25 -48.37 -22.25
C ALA A 360 57.28 -46.92 -22.72
N LEU A 361 56.53 -46.03 -22.08
CA LEU A 361 56.49 -44.63 -22.46
C LEU A 361 57.82 -43.96 -22.13
N GLN A 375 53.86 -33.95 -9.98
CA GLN A 375 53.36 -33.93 -11.35
C GLN A 375 52.18 -32.98 -11.49
N ARG A 376 51.54 -33.00 -12.67
CA ARG A 376 50.38 -32.14 -12.88
C ARG A 376 49.24 -32.52 -11.96
N CYS A 377 48.86 -33.79 -11.94
CA CYS A 377 47.78 -34.29 -11.10
C CYS A 377 48.25 -35.54 -10.39
N PRO A 378 49.03 -35.39 -9.31
CA PRO A 378 49.52 -36.58 -8.59
C PRO A 378 48.41 -37.42 -8.00
N GLN A 379 47.23 -36.83 -7.72
CA GLN A 379 46.11 -37.61 -7.23
C GLN A 379 45.43 -38.40 -8.34
N CYS A 380 45.67 -38.05 -9.60
CA CYS A 380 45.04 -38.74 -10.72
C CYS A 380 45.57 -40.14 -10.92
N ASP A 381 46.76 -40.46 -10.41
CA ASP A 381 47.29 -41.80 -10.57
C ASP A 381 46.62 -42.80 -9.63
N CYS A 382 46.29 -42.37 -8.41
CA CYS A 382 45.68 -43.26 -7.42
C CYS A 382 44.15 -43.19 -7.48
N ILE A 383 43.63 -43.47 -8.67
CA ILE A 383 42.19 -43.47 -8.92
C ILE A 383 41.80 -44.78 -9.58
N THR A 384 40.50 -45.05 -9.59
CA THR A 384 39.94 -46.24 -10.21
C THR A 384 38.67 -45.85 -10.96
N LEU A 385 38.13 -46.82 -11.70
CA LEU A 385 37.11 -46.52 -12.70
C LEU A 385 35.81 -46.02 -12.06
N GLN A 386 35.43 -46.56 -10.91
CA GLN A 386 34.17 -46.14 -10.31
C GLN A 386 34.25 -44.77 -9.67
N ASN A 387 35.44 -44.19 -9.55
CA ASN A 387 35.57 -42.82 -9.06
C ASN A 387 35.27 -41.77 -10.12
N VAL A 388 35.01 -42.18 -11.36
CA VAL A 388 34.77 -41.25 -12.45
C VAL A 388 33.51 -41.57 -13.23
N SER A 389 32.90 -42.74 -13.01
CA SER A 389 31.77 -43.18 -13.81
C SER A 389 30.53 -42.31 -13.63
N ALA A 390 30.50 -41.46 -12.60
CA ALA A 390 29.31 -40.66 -12.31
C ALA A 390 29.00 -39.62 -13.38
N GLY A 391 29.99 -39.15 -14.13
CA GLY A 391 29.76 -38.05 -15.04
C GLY A 391 30.16 -38.31 -16.49
N LEU A 392 30.02 -39.55 -16.95
CA LEU A 392 30.38 -39.86 -18.34
C LEU A 392 29.47 -39.14 -19.32
N ASN A 393 28.20 -39.00 -19.00
CA ASN A 393 27.26 -38.27 -19.87
C ASN A 393 27.20 -36.80 -19.43
N HIS A 394 28.34 -36.14 -19.57
CA HIS A 394 28.49 -34.73 -19.23
C HIS A 394 28.63 -33.95 -20.53
N HIS A 395 27.86 -32.86 -20.66
CA HIS A 395 27.75 -32.16 -21.93
C HIS A 395 28.90 -31.20 -22.19
N GLN A 396 29.77 -30.95 -21.21
CA GLN A 396 30.96 -30.13 -21.47
C GLN A 396 32.05 -30.91 -22.19
N THR A 397 31.92 -32.24 -22.25
CA THR A 397 32.82 -33.03 -23.08
C THR A 397 32.76 -32.60 -24.52
N PHE A 398 31.55 -32.36 -25.03
CA PHE A 398 31.41 -31.90 -26.42
C PHE A 398 31.99 -30.50 -26.59
N SER A 399 31.86 -29.65 -25.58
CA SER A 399 32.46 -28.33 -25.67
C SER A 399 33.97 -28.41 -25.79
N VAL A 400 34.61 -29.24 -24.98
CA VAL A 400 36.06 -29.42 -25.06
C VAL A 400 36.46 -30.01 -26.42
N TYR A 401 35.72 -31.03 -26.86
CA TYR A 401 35.98 -31.69 -28.13
C TYR A 401 35.89 -30.70 -29.30
N ALA A 402 34.84 -29.88 -29.30
CA ALA A 402 34.66 -28.90 -30.36
C ALA A 402 35.68 -27.78 -30.28
N ALA A 403 36.12 -27.41 -29.07
CA ALA A 403 37.18 -26.41 -28.97
C ALA A 403 38.48 -26.92 -29.60
N VAL A 404 38.81 -28.18 -29.33
CA VAL A 404 40.02 -28.76 -29.94
C VAL A 404 39.88 -28.81 -31.45
N TYR A 405 38.72 -29.24 -31.95
CA TYR A 405 38.51 -29.25 -33.40
C TYR A 405 38.60 -27.85 -34.00
N SER A 406 38.06 -26.84 -33.31
CA SER A 406 38.11 -25.49 -33.85
C SER A 406 39.54 -24.99 -33.94
N VAL A 407 40.34 -25.23 -32.91
CA VAL A 407 41.75 -24.83 -32.97
C VAL A 407 42.47 -25.56 -34.10
N ALA A 408 42.22 -26.86 -34.25
CA ALA A 408 42.87 -27.62 -35.31
C ALA A 408 42.47 -27.11 -36.69
N GLN A 409 41.19 -26.80 -36.88
CA GLN A 409 40.74 -26.31 -38.18
C GLN A 409 41.30 -24.92 -38.47
N ALA A 410 41.41 -24.07 -37.44
CA ALA A 410 42.04 -22.77 -37.64
C ALA A 410 43.49 -22.92 -38.04
N LEU A 411 44.21 -23.85 -37.39
CA LEU A 411 45.59 -24.10 -37.78
C LEU A 411 45.68 -24.62 -39.21
N HIS A 412 44.77 -25.52 -39.59
CA HIS A 412 44.76 -26.06 -40.94
C HIS A 412 44.51 -24.97 -41.97
N ASN A 413 43.56 -24.07 -41.70
CA ASN A 413 43.29 -22.96 -42.60
C ASN A 413 44.47 -22.00 -42.69
N THR A 414 45.13 -21.74 -41.56
CA THR A 414 46.28 -20.85 -41.57
C THR A 414 47.42 -21.44 -42.39
N LEU A 415 47.62 -22.76 -42.31
CA LEU A 415 48.60 -23.41 -43.17
C LEU A 415 48.13 -23.51 -44.61
N GLN A 416 46.87 -23.15 -44.88
CA GLN A 416 46.30 -23.04 -46.23
C GLN A 416 46.71 -24.23 -47.11
N CYS A 417 46.51 -25.42 -46.58
CA CYS A 417 47.05 -26.63 -47.17
C CYS A 417 45.96 -27.69 -47.35
N ASN A 418 46.16 -28.54 -48.36
CA ASN A 418 45.16 -29.48 -48.84
C ASN A 418 45.24 -30.81 -48.08
N ALA A 419 44.47 -31.79 -48.55
CA ALA A 419 44.40 -33.09 -47.89
C ALA A 419 45.59 -33.98 -48.21
N SER A 420 46.18 -33.87 -49.40
CA SER A 420 47.26 -34.77 -49.77
C SER A 420 48.50 -34.52 -48.93
N GLY A 421 48.83 -33.26 -48.69
CA GLY A 421 49.98 -32.89 -47.90
C GLY A 421 49.78 -31.48 -47.39
N CYS A 422 50.83 -30.95 -46.75
CA CYS A 422 50.71 -29.60 -46.20
C CYS A 422 52.09 -28.96 -46.20
N PRO A 423 52.32 -27.88 -46.95
CA PRO A 423 53.68 -27.49 -47.30
C PRO A 423 54.51 -27.04 -46.12
N ALA A 424 55.83 -27.24 -46.25
CA ALA A 424 56.77 -26.80 -45.24
C ALA A 424 56.86 -25.27 -45.24
N GLN A 425 56.95 -24.71 -44.04
CA GLN A 425 57.09 -23.27 -43.85
C GLN A 425 57.55 -23.02 -42.42
N ASP A 426 57.84 -21.77 -42.11
CA ASP A 426 58.20 -21.43 -40.74
C ASP A 426 57.00 -21.67 -39.83
N PRO A 427 57.25 -22.10 -38.59
CA PRO A 427 56.13 -22.33 -37.66
C PRO A 427 55.30 -21.08 -37.47
N VAL A 428 53.99 -21.26 -37.42
CA VAL A 428 53.05 -20.14 -37.38
C VAL A 428 52.93 -19.62 -35.96
N LYS A 429 52.95 -18.29 -35.81
CA LYS A 429 52.82 -17.69 -34.50
C LYS A 429 51.38 -17.84 -33.99
N PRO A 430 51.20 -17.89 -32.67
CA PRO A 430 49.83 -18.01 -32.14
C PRO A 430 48.91 -16.88 -32.57
N TRP A 431 49.41 -15.65 -32.64
CA TRP A 431 48.55 -14.52 -33.00
C TRP A 431 48.15 -14.52 -34.45
N GLN A 432 48.77 -15.36 -35.29
CA GLN A 432 48.38 -15.49 -36.68
C GLN A 432 47.14 -16.34 -36.87
N LEU A 433 46.72 -17.07 -35.82
CA LEU A 433 45.51 -17.88 -35.92
C LEU A 433 44.26 -17.01 -35.90
N LEU A 434 44.31 -15.86 -35.22
CA LEU A 434 43.12 -15.05 -35.03
C LEU A 434 42.54 -14.56 -36.33
N GLU A 435 43.40 -14.16 -37.28
CA GLU A 435 42.92 -13.71 -38.58
C GLU A 435 42.13 -14.79 -39.32
N ASN A 436 42.34 -16.06 -38.99
CA ASN A 436 41.66 -17.16 -39.64
C ASN A 436 40.65 -17.88 -38.76
N MET A 437 40.57 -17.53 -37.47
CA MET A 437 39.67 -18.24 -36.57
C MET A 437 38.39 -17.45 -36.30
N TYR A 438 38.31 -16.22 -36.77
CA TYR A 438 37.01 -15.59 -36.97
C TYR A 438 36.42 -16.08 -38.29
N ASN A 439 35.08 -16.06 -38.37
CA ASN A 439 34.34 -16.69 -39.47
C ASN A 439 34.58 -18.19 -39.56
N LEU A 440 35.24 -18.77 -38.56
CA LEU A 440 35.70 -20.15 -38.65
C LEU A 440 34.50 -21.09 -38.71
N THR A 441 34.53 -22.02 -39.67
CA THR A 441 33.49 -23.02 -39.84
C THR A 441 34.14 -24.39 -39.70
N PHE A 442 33.85 -25.08 -38.60
CA PHE A 442 34.44 -26.37 -38.29
C PHE A 442 33.35 -27.38 -37.99
N HIS A 443 33.50 -28.59 -38.53
CA HIS A 443 32.51 -29.65 -38.36
C HIS A 443 32.98 -30.59 -37.26
N VAL A 444 32.16 -30.72 -36.21
CA VAL A 444 32.47 -31.55 -35.06
C VAL A 444 31.45 -32.68 -35.02
N GLY A 445 31.86 -33.85 -35.50
CA GLY A 445 30.95 -34.99 -35.53
C GLY A 445 29.76 -34.81 -36.45
N GLY A 446 29.99 -34.24 -37.63
CA GLY A 446 28.92 -34.07 -38.61
C GLY A 446 28.03 -32.88 -38.38
N LEU A 447 28.35 -32.00 -37.44
CA LEU A 447 27.53 -30.82 -37.16
C LEU A 447 28.37 -29.56 -37.36
N PRO A 448 27.94 -28.64 -38.22
CA PRO A 448 28.74 -27.42 -38.44
C PRO A 448 28.54 -26.41 -37.33
N LEU A 449 29.64 -25.72 -36.98
CA LEU A 449 29.62 -24.67 -35.99
C LEU A 449 30.43 -23.48 -36.51
N ARG A 450 30.13 -22.30 -35.99
CA ARG A 450 30.75 -21.07 -36.45
C ARG A 450 31.17 -20.20 -35.28
N PHE A 451 32.24 -19.43 -35.48
CA PHE A 451 32.67 -18.44 -34.52
C PHE A 451 32.22 -17.06 -35.00
N ASP A 452 31.41 -16.39 -34.18
CA ASP A 452 30.95 -15.05 -34.53
C ASP A 452 32.12 -14.08 -34.51
N SER A 453 31.86 -12.84 -34.93
CA SER A 453 32.87 -11.80 -34.85
C SER A 453 33.25 -11.48 -33.41
N SER A 454 32.42 -11.88 -32.45
CA SER A 454 32.69 -11.67 -31.03
C SER A 454 33.13 -12.96 -30.34
N GLY A 455 33.52 -13.97 -31.10
CA GLY A 455 34.05 -15.18 -30.52
C GLY A 455 33.04 -16.08 -29.84
N ASN A 456 31.77 -15.92 -30.13
CA ASN A 456 30.71 -16.71 -29.52
C ASN A 456 30.13 -17.66 -30.56
N VAL A 457 30.05 -18.94 -30.21
CA VAL A 457 29.50 -19.94 -31.11
C VAL A 457 27.99 -19.86 -31.06
N ASP A 458 27.34 -20.32 -32.13
CA ASP A 458 25.89 -20.23 -32.26
C ASP A 458 25.30 -21.64 -32.24
N MET A 459 24.37 -21.87 -31.31
CA MET A 459 23.63 -23.11 -31.26
C MET A 459 22.27 -22.83 -30.62
N GLU A 460 21.31 -23.70 -30.91
CA GLU A 460 19.94 -23.48 -30.48
C GLU A 460 19.70 -24.04 -29.08
N TYR A 461 18.49 -23.82 -28.58
CA TYR A 461 18.10 -24.21 -27.23
C TYR A 461 16.81 -25.02 -27.28
N ASP A 462 16.45 -25.57 -26.12
CA ASP A 462 15.21 -26.32 -25.95
C ASP A 462 14.51 -25.83 -24.69
N LEU A 463 13.23 -25.50 -24.81
CA LEU A 463 12.44 -25.06 -23.65
C LEU A 463 11.92 -26.29 -22.94
N LYS A 464 12.50 -26.61 -21.79
CA LYS A 464 12.15 -27.80 -21.03
C LYS A 464 11.43 -27.39 -19.75
N LEU A 465 10.31 -28.04 -19.46
CA LEU A 465 9.56 -27.80 -18.23
C LEU A 465 9.57 -29.08 -17.41
N TRP A 466 9.22 -28.94 -16.14
CA TRP A 466 9.14 -30.10 -15.26
C TRP A 466 7.72 -30.67 -15.24
N VAL A 467 7.65 -32.00 -15.25
CA VAL A 467 6.38 -32.72 -15.06
C VAL A 467 6.50 -33.51 -13.77
N TRP A 468 5.35 -33.91 -13.24
CA TRP A 468 5.29 -34.54 -11.92
C TRP A 468 4.33 -35.72 -11.96
N GLN A 469 4.87 -36.93 -11.80
CA GLN A 469 4.07 -38.12 -11.55
C GLN A 469 4.81 -38.98 -10.54
N GLY A 470 4.17 -39.26 -9.41
CA GLY A 470 4.82 -40.01 -8.34
C GLY A 470 6.03 -39.32 -7.78
N SER A 471 6.00 -37.98 -7.71
CA SER A 471 7.10 -37.18 -7.17
C SER A 471 8.41 -37.40 -7.91
N VAL A 472 8.33 -37.84 -9.16
CA VAL A 472 9.53 -38.04 -9.99
C VAL A 472 9.50 -37.04 -11.12
N PRO A 473 10.28 -35.95 -11.05
CA PRO A 473 10.23 -34.92 -12.08
C PRO A 473 11.01 -35.31 -13.32
N ARG A 474 10.46 -34.99 -14.49
CA ARG A 474 11.08 -35.25 -15.77
C ARG A 474 11.06 -33.99 -16.62
N LEU A 475 12.01 -33.90 -17.54
CA LEU A 475 12.12 -32.79 -18.47
C LEU A 475 11.41 -33.14 -19.77
N HIS A 476 10.69 -32.17 -20.34
CA HIS A 476 9.98 -32.36 -21.59
C HIS A 476 10.17 -31.16 -22.50
N ASP A 477 10.37 -31.42 -23.79
CA ASP A 477 10.56 -30.37 -24.78
C ASP A 477 9.21 -29.77 -25.17
N VAL A 478 9.06 -28.47 -24.98
CA VAL A 478 7.86 -27.75 -25.40
C VAL A 478 8.20 -26.51 -26.21
N GLY A 479 9.40 -26.44 -26.78
CA GLY A 479 9.80 -25.27 -27.53
C GLY A 479 11.20 -25.44 -28.07
N ARG A 480 11.64 -24.42 -28.80
CA ARG A 480 12.95 -24.41 -29.41
C ARG A 480 13.33 -22.97 -29.73
N PHE A 481 14.48 -22.53 -29.24
CA PHE A 481 14.94 -21.16 -29.43
C PHE A 481 16.21 -21.19 -30.27
N ASN A 482 16.07 -20.86 -31.56
CA ASN A 482 17.17 -20.76 -32.49
C ASN A 482 17.30 -19.32 -33.00
N GLY A 483 17.05 -18.36 -32.13
CA GLY A 483 16.93 -16.97 -32.49
C GLY A 483 15.51 -16.47 -32.59
N SER A 484 14.54 -17.39 -32.63
CA SER A 484 13.12 -17.02 -32.66
C SER A 484 12.34 -18.11 -31.94
N LEU A 485 11.81 -17.78 -30.77
CA LEU A 485 11.16 -18.79 -29.95
C LEU A 485 9.89 -19.32 -30.62
N ARG A 486 9.71 -20.63 -30.56
CA ARG A 486 8.53 -21.30 -31.11
C ARG A 486 8.08 -22.35 -30.09
N THR A 487 7.05 -22.02 -29.33
CA THR A 487 6.56 -22.88 -28.26
C THR A 487 5.32 -23.65 -28.69
N GLU A 488 5.13 -24.80 -28.05
CA GLU A 488 3.92 -25.60 -28.18
C GLU A 488 3.21 -25.54 -26.83
N ARG A 489 2.39 -24.51 -26.66
CA ARG A 489 1.72 -24.27 -25.38
C ARG A 489 0.45 -25.09 -25.21
N LEU A 490 0.06 -25.87 -26.22
CA LEU A 490 -1.11 -26.72 -26.09
C LEU A 490 -0.83 -27.89 -25.15
N LYS A 491 0.41 -28.37 -25.12
CA LYS A 491 0.78 -29.50 -24.28
C LYS A 491 1.36 -29.10 -22.93
N ILE A 492 1.61 -27.82 -22.71
CA ILE A 492 2.16 -27.37 -21.44
C ILE A 492 1.12 -27.57 -20.34
N ARG A 493 1.54 -28.18 -19.24
CA ARG A 493 0.67 -28.43 -18.09
C ARG A 493 1.08 -27.47 -16.98
N TRP A 494 0.15 -26.61 -16.56
CA TRP A 494 0.42 -25.60 -15.56
C TRP A 494 0.03 -26.10 -14.17
N HIS A 495 0.38 -25.30 -13.16
CA HIS A 495 0.16 -25.64 -11.76
C HIS A 495 -1.17 -25.13 -11.22
N THR A 496 -1.89 -24.33 -11.98
CA THR A 496 -3.15 -23.77 -11.52
C THR A 496 -4.17 -24.92 -11.34
N SER A 497 -5.26 -24.63 -10.62
CA SER A 497 -6.29 -25.64 -10.38
C SER A 497 -6.75 -26.28 -11.68
N ASP A 498 -6.90 -25.48 -12.73
CA ASP A 498 -7.09 -25.97 -14.08
C ASP A 498 -5.84 -25.70 -14.91
N ASN A 499 -5.87 -26.14 -16.16
CA ASN A 499 -4.74 -25.94 -17.07
C ASN A 499 -4.87 -24.57 -17.75
N GLN A 500 -4.65 -23.54 -16.93
CA GLN A 500 -4.74 -22.16 -17.40
C GLN A 500 -3.42 -21.44 -17.09
N LYS A 501 -3.02 -20.58 -18.02
CA LYS A 501 -1.76 -19.86 -17.88
C LYS A 501 -1.83 -18.89 -16.70
N PRO A 502 -0.86 -18.90 -15.80
CA PRO A 502 -0.88 -17.96 -14.66
C PRO A 502 -0.72 -16.53 -15.13
N VAL A 503 -1.76 -15.73 -14.90
CA VAL A 503 -1.76 -14.34 -15.34
C VAL A 503 -0.83 -13.53 -14.44
N SER A 504 0.03 -12.74 -15.06
CA SER A 504 0.90 -11.80 -14.32
C SER A 504 1.22 -10.66 -15.27
N ARG A 505 0.46 -9.57 -15.15
CA ARG A 505 0.47 -8.50 -16.14
C ARG A 505 0.28 -7.15 -15.46
N CYS A 506 0.91 -6.13 -16.03
CA CYS A 506 0.79 -4.74 -15.58
C CYS A 506 0.06 -3.93 -16.63
N SER A 507 -0.53 -2.82 -16.18
CA SER A 507 -1.23 -1.90 -17.07
C SER A 507 -0.22 -0.90 -17.63
N ARG A 508 0.12 -1.04 -18.92
CA ARG A 508 1.06 -0.11 -19.53
C ARG A 508 0.51 1.31 -19.52
N GLN A 509 -0.77 1.46 -19.81
CA GLN A 509 -1.45 2.74 -19.79
C GLN A 509 -2.77 2.60 -19.04
N CYS A 510 -3.21 3.70 -18.45
CA CYS A 510 -4.46 3.73 -17.70
C CYS A 510 -5.57 4.29 -18.57
N GLN A 511 -6.74 3.64 -18.51
CA GLN A 511 -7.88 4.06 -19.31
C GLN A 511 -8.33 5.46 -18.91
N GLU A 512 -8.98 6.14 -19.85
CA GLU A 512 -9.40 7.53 -19.62
C GLU A 512 -10.31 7.63 -18.41
N GLY A 513 -10.06 8.62 -17.57
CA GLY A 513 -10.82 8.81 -16.36
C GLY A 513 -10.31 8.07 -15.14
N GLN A 514 -9.03 7.68 -15.13
CA GLN A 514 -8.45 6.93 -14.02
C GLN A 514 -7.18 7.62 -13.53
N VAL A 515 -6.84 7.35 -12.28
CA VAL A 515 -5.60 7.82 -11.68
C VAL A 515 -4.53 6.75 -11.86
N ARG A 516 -3.31 7.19 -12.13
CA ARG A 516 -2.20 6.30 -12.44
C ARG A 516 -1.16 6.36 -11.34
N ARG A 517 -0.69 5.20 -10.90
CA ARG A 517 0.31 5.08 -9.84
C ARG A 517 1.46 4.22 -10.34
N VAL A 518 2.66 4.78 -10.34
CA VAL A 518 3.82 4.10 -10.93
C VAL A 518 4.18 2.88 -10.09
N LYS A 519 4.38 1.75 -10.76
CA LYS A 519 4.78 0.49 -10.15
C LYS A 519 6.16 0.08 -10.65
N GLY A 520 6.61 -1.09 -10.20
CA GLY A 520 7.82 -1.70 -10.72
C GLY A 520 9.08 -1.11 -10.12
N PHE A 521 10.16 -1.88 -10.25
CA PHE A 521 11.48 -1.39 -9.86
C PHE A 521 11.86 -0.20 -10.72
N HIS A 522 11.64 -0.30 -12.02
CA HIS A 522 11.62 0.85 -12.91
C HIS A 522 10.20 1.39 -12.95
N SER A 523 10.04 2.65 -13.38
CA SER A 523 8.71 3.23 -13.43
C SER A 523 7.96 2.77 -14.69
N CYS A 524 7.50 1.53 -14.69
CA CYS A 524 7.09 0.86 -15.91
C CYS A 524 5.59 1.01 -16.17
N CYS A 525 4.78 0.53 -15.24
CA CYS A 525 3.36 0.32 -15.45
C CYS A 525 2.61 1.02 -14.34
N TYR A 526 1.40 1.45 -14.65
CA TYR A 526 0.61 2.26 -13.72
C TYR A 526 -0.51 1.40 -13.14
N ASP A 527 -0.62 1.39 -11.82
CA ASP A 527 -1.70 0.71 -11.12
C ASP A 527 -2.94 1.59 -11.21
N CYS A 528 -3.74 1.38 -12.25
CA CYS A 528 -4.94 2.18 -12.45
C CYS A 528 -5.94 1.90 -11.34
N VAL A 529 -6.43 2.96 -10.71
CA VAL A 529 -7.30 2.84 -9.55
C VAL A 529 -8.57 3.65 -9.81
N ASP A 530 -9.73 3.02 -9.59
CA ASP A 530 -11.00 3.70 -9.64
C ASP A 530 -11.36 4.17 -8.23
N CYS A 531 -11.73 5.43 -8.10
CA CYS A 531 -12.16 5.98 -6.82
C CYS A 531 -13.63 6.38 -6.90
N GLU A 532 -14.30 6.28 -5.75
CA GLU A 532 -15.75 6.35 -5.69
C GLU A 532 -16.27 7.75 -6.06
N ALA A 533 -17.59 7.87 -6.04
CA ALA A 533 -18.26 9.11 -6.42
C ALA A 533 -17.90 10.26 -5.48
N GLY A 534 -18.17 11.48 -5.90
CA GLY A 534 -17.77 12.65 -5.14
C GLY A 534 -16.36 13.11 -5.37
N SER A 535 -15.64 12.51 -6.32
CA SER A 535 -14.26 12.86 -6.59
C SER A 535 -14.03 12.88 -8.10
N TYR A 536 -12.94 13.54 -8.49
CA TYR A 536 -12.62 13.72 -9.89
C TYR A 536 -11.10 13.76 -10.05
N ARG A 537 -10.64 13.50 -11.26
CA ARG A 537 -9.22 13.60 -11.57
C ARG A 537 -8.90 15.05 -11.92
N GLN A 538 -8.33 15.78 -10.95
CA GLN A 538 -8.04 17.19 -11.17
C GLN A 538 -7.01 17.38 -12.27
N ASN A 539 -5.96 16.58 -12.25
CA ASN A 539 -4.89 16.66 -13.24
C ASN A 539 -4.50 15.24 -13.64
N PRO A 540 -4.04 15.05 -14.89
CA PRO A 540 -3.58 13.72 -15.30
C PRO A 540 -2.42 13.20 -14.47
N ASP A 541 -1.57 14.09 -13.96
CA ASP A 541 -0.39 13.69 -13.20
C ASP A 541 -0.68 13.43 -11.73
N ASP A 542 -1.90 13.70 -11.25
CA ASP A 542 -2.21 13.51 -9.85
C ASP A 542 -2.24 12.03 -9.49
N ILE A 543 -1.64 11.69 -8.35
CA ILE A 543 -1.63 10.31 -7.87
C ILE A 543 -3.00 9.84 -7.40
N ALA A 544 -3.75 10.70 -6.73
CA ALA A 544 -5.07 10.34 -6.22
C ALA A 544 -6.08 11.40 -6.64
N CYS A 545 -7.31 10.96 -6.91
CA CYS A 545 -8.36 11.89 -7.31
C CYS A 545 -8.71 12.84 -6.17
N THR A 546 -9.05 14.07 -6.52
CA THR A 546 -9.37 15.11 -5.54
C THR A 546 -10.87 15.30 -5.42
N PHE A 547 -11.33 15.52 -4.19
CA PHE A 547 -12.72 15.84 -3.97
C PHE A 547 -13.02 17.26 -4.45
N CYS A 548 -14.30 17.53 -4.71
CA CYS A 548 -14.75 18.86 -5.07
C CYS A 548 -15.54 19.47 -3.91
N GLY A 549 -16.09 20.66 -4.13
CA GLY A 549 -16.47 21.56 -3.05
C GLY A 549 -17.68 21.25 -2.21
N GLN A 550 -18.15 20.00 -2.24
CA GLN A 550 -19.19 19.51 -1.33
C GLN A 550 -20.56 20.10 -1.66
N ASP A 551 -20.61 21.06 -2.59
CA ASP A 551 -21.85 21.63 -3.07
C ASP A 551 -22.19 21.15 -4.48
N GLU A 552 -21.48 20.13 -4.96
CA GLU A 552 -21.67 19.62 -6.31
C GLU A 552 -21.35 18.14 -6.32
N TRP A 553 -22.20 17.37 -6.99
CA TRP A 553 -22.08 15.92 -7.03
C TRP A 553 -21.06 15.50 -8.09
N SER A 554 -20.68 14.22 -8.05
CA SER A 554 -19.75 13.66 -9.01
C SER A 554 -20.13 12.20 -9.28
N PRO A 555 -20.15 11.77 -10.55
CA PRO A 555 -20.43 10.37 -10.84
C PRO A 555 -19.19 9.50 -10.69
N GLU A 556 -19.43 8.19 -10.69
CA GLU A 556 -18.34 7.22 -10.64
C GLU A 556 -17.51 7.29 -11.92
N ARG A 557 -16.19 7.23 -11.77
CA ARG A 557 -15.26 7.23 -12.90
C ARG A 557 -15.46 8.48 -13.76
N SER A 558 -15.24 9.64 -13.13
CA SER A 558 -15.50 10.92 -13.74
C SER A 558 -14.26 11.80 -13.68
N THR A 559 -14.02 12.55 -14.77
CA THR A 559 -12.91 13.49 -14.80
C THR A 559 -13.20 14.77 -14.03
N ARG A 560 -14.46 15.18 -13.93
CA ARG A 560 -14.80 16.44 -13.29
C ARG A 560 -16.17 16.32 -12.62
N CYS A 561 -16.40 17.19 -11.64
CA CYS A 561 -17.65 17.22 -10.89
C CYS A 561 -18.72 18.01 -11.66
N PHE A 562 -19.97 17.74 -11.32
CA PHE A 562 -21.13 18.45 -11.87
C PHE A 562 -21.84 19.20 -10.76
N ARG A 563 -22.24 20.44 -11.08
CA ARG A 563 -22.86 21.31 -10.09
C ARG A 563 -24.23 20.79 -9.68
N ARG A 564 -24.51 20.88 -8.37
CA ARG A 564 -25.79 20.46 -7.82
C ARG A 564 -26.82 21.57 -8.05
N ARG A 565 -27.98 21.20 -8.57
CA ARG A 565 -29.06 22.14 -8.80
C ARG A 565 -30.27 21.78 -7.94
N SER A 566 -30.90 22.83 -7.40
CA SER A 566 -31.99 22.63 -6.43
C SER A 566 -33.18 21.94 -7.08
N ARG A 567 -33.83 21.08 -6.29
CA ARG A 567 -35.06 20.40 -6.72
C ARG A 567 -36.00 20.35 -5.52
N PHE A 568 -36.90 21.32 -5.45
CA PHE A 568 -37.91 21.40 -4.41
C PHE A 568 -39.26 20.97 -4.99
N LEU A 569 -40.31 21.13 -4.19
CA LEU A 569 -41.66 20.83 -4.64
C LEU A 569 -42.10 21.90 -5.62
N ALA A 570 -42.00 21.60 -6.91
CA ALA A 570 -42.34 22.57 -7.94
C ALA A 570 -43.83 22.53 -8.25
N TRP A 571 -44.34 23.64 -8.79
CA TRP A 571 -45.75 23.76 -9.14
C TRP A 571 -46.18 22.79 -10.22
N GLY A 572 -45.25 22.25 -11.00
CA GLY A 572 -45.58 21.35 -12.09
C GLY A 572 -45.57 19.87 -11.75
N GLU A 573 -45.27 19.50 -10.51
CA GLU A 573 -45.22 18.10 -10.14
C GLU A 573 -46.62 17.48 -10.17
N PRO A 574 -46.75 16.22 -10.59
CA PRO A 574 -48.09 15.61 -10.66
C PRO A 574 -48.81 15.56 -9.32
N ALA A 575 -48.09 15.32 -8.23
CA ALA A 575 -48.71 15.38 -6.92
C ALA A 575 -49.24 16.78 -6.64
N VAL A 576 -48.46 17.79 -7.00
CA VAL A 576 -48.92 19.17 -6.85
C VAL A 576 -50.19 19.40 -7.67
N LEU A 577 -50.24 18.86 -8.88
CA LEU A 577 -51.43 19.03 -9.72
C LEU A 577 -52.66 18.38 -9.09
N LEU A 578 -52.52 17.14 -8.61
CA LEU A 578 -53.67 16.46 -8.04
C LEU A 578 -54.15 17.16 -6.77
N LEU A 579 -53.22 17.64 -5.94
CA LEU A 579 -53.64 18.36 -4.75
C LEU A 579 -54.25 19.73 -5.09
N LEU A 580 -53.80 20.37 -6.18
CA LEU A 580 -54.46 21.60 -6.60
C LEU A 580 -55.88 21.33 -7.07
N LEU A 581 -56.09 20.22 -7.76
CA LEU A 581 -57.46 19.85 -8.15
C LEU A 581 -58.33 19.58 -6.92
N LEU A 582 -57.78 18.88 -5.94
CA LEU A 582 -58.53 18.65 -4.70
C LEU A 582 -58.82 19.97 -4.00
N LEU A 583 -57.87 20.89 -4.01
CA LEU A 583 -58.08 22.22 -3.42
C LEU A 583 -59.18 22.98 -4.14
N SER A 584 -59.21 22.91 -5.46
CA SER A 584 -60.26 23.61 -6.22
C SER A 584 -61.62 23.01 -5.91
N LEU A 585 -61.70 21.67 -5.80
CA LEU A 585 -62.96 21.04 -5.43
C LEU A 585 -63.41 21.48 -4.03
N ALA A 586 -62.47 21.51 -3.07
CA ALA A 586 -62.81 21.93 -1.72
C ALA A 586 -63.26 23.39 -1.68
N LEU A 587 -62.59 24.26 -2.44
CA LEU A 587 -63.00 25.66 -2.52
C LEU A 587 -64.39 25.79 -3.12
N GLY A 588 -64.68 25.02 -4.17
CA GLY A 588 -66.01 25.06 -4.75
C GLY A 588 -67.09 24.63 -3.76
N LEU A 589 -66.83 23.55 -3.02
CA LEU A 589 -67.79 23.10 -2.01
C LEU A 589 -67.97 24.16 -0.92
N VAL A 590 -66.87 24.77 -0.47
CA VAL A 590 -66.96 25.79 0.57
C VAL A 590 -67.77 26.98 0.07
N LEU A 591 -67.53 27.43 -1.16
CA LEU A 591 -68.26 28.57 -1.70
C LEU A 591 -69.73 28.25 -1.87
N ALA A 592 -70.06 27.03 -2.33
CA ALA A 592 -71.45 26.65 -2.47
C ALA A 592 -72.16 26.63 -1.13
N ALA A 593 -71.51 26.07 -0.10
CA ALA A 593 -72.10 26.04 1.23
C ALA A 593 -72.27 27.45 1.79
N LEU A 594 -71.28 28.32 1.55
CA LEU A 594 -71.37 29.70 2.03
C LEU A 594 -72.52 30.43 1.36
N GLY A 595 -72.67 30.28 0.05
CA GLY A 595 -73.80 30.89 -0.64
C GLY A 595 -75.13 30.37 -0.12
N LEU A 596 -75.22 29.06 0.11
CA LEU A 596 -76.44 28.49 0.66
C LEU A 596 -76.75 29.07 2.03
N PHE A 597 -75.74 29.20 2.89
CA PHE A 597 -75.95 29.66 4.25
C PHE A 597 -76.23 31.16 4.34
N VAL A 598 -75.74 31.95 3.37
CA VAL A 598 -76.05 33.37 3.35
C VAL A 598 -77.35 33.66 2.62
N HIS A 599 -77.81 32.76 1.76
CA HIS A 599 -79.09 32.99 1.08
C HIS A 599 -80.26 32.67 2.00
N HIS A 600 -80.26 31.49 2.61
CA HIS A 600 -81.29 31.10 3.57
C HIS A 600 -80.88 31.46 5.00
N ARG A 601 -80.48 32.71 5.22
CA ARG A 601 -79.97 33.11 6.53
C ARG A 601 -81.07 33.23 7.58
N ASP A 602 -82.30 33.50 7.17
CA ASP A 602 -83.42 33.61 8.10
C ASP A 602 -84.07 32.28 8.39
N SER A 603 -83.67 31.21 7.70
CA SER A 603 -84.27 29.90 7.93
C SER A 603 -83.86 29.35 9.29
N PRO A 604 -84.71 28.54 9.92
CA PRO A 604 -84.34 27.93 11.20
C PRO A 604 -83.10 27.04 11.13
N LEU A 605 -82.75 26.54 9.95
CA LEU A 605 -81.57 25.68 9.80
C LEU A 605 -80.32 26.38 10.32
N VAL A 606 -79.93 27.49 9.67
CA VAL A 606 -78.73 28.20 10.09
C VAL A 606 -78.93 28.86 11.44
N GLN A 607 -80.16 29.28 11.75
CA GLN A 607 -80.41 29.93 13.04
C GLN A 607 -80.11 29.00 14.20
N ALA A 608 -80.53 27.75 14.11
CA ALA A 608 -80.16 26.77 15.13
C ALA A 608 -78.69 26.41 15.03
N SER A 609 -78.18 26.26 13.81
CA SER A 609 -76.78 25.89 13.60
C SER A 609 -75.91 27.15 13.51
N GLY A 610 -76.02 27.99 14.53
CA GLY A 610 -75.25 29.21 14.58
C GLY A 610 -75.94 30.40 13.97
N GLY A 611 -75.62 30.69 12.70
CA GLY A 611 -76.10 31.87 12.04
C GLY A 611 -74.95 32.59 11.36
N PRO A 612 -74.67 33.82 11.81
CA PRO A 612 -73.43 34.48 11.36
C PRO A 612 -72.18 33.68 11.71
N LEU A 613 -72.22 32.92 12.80
CA LEU A 613 -71.09 32.06 13.14
C LEU A 613 -70.86 30.99 12.09
N ALA A 614 -71.95 30.45 11.52
CA ALA A 614 -71.80 29.44 10.48
C ALA A 614 -71.12 30.03 9.24
N CYS A 615 -71.52 31.23 8.82
CA CYS A 615 -70.87 31.88 7.68
C CYS A 615 -69.42 32.20 7.99
N PHE A 616 -69.14 32.64 9.23
CA PHE A 616 -67.77 32.92 9.62
C PHE A 616 -66.91 31.66 9.56
N GLY A 617 -67.45 30.53 10.02
CA GLY A 617 -66.72 29.28 9.95
C GLY A 617 -66.50 28.81 8.52
N LEU A 618 -67.50 29.02 7.65
CA LEU A 618 -67.32 28.69 6.25
C LEU A 618 -66.21 29.54 5.61
N VAL A 619 -66.19 30.84 5.93
CA VAL A 619 -65.13 31.71 5.44
C VAL A 619 -63.78 31.25 5.97
N CYS A 620 -63.74 30.81 7.24
CA CYS A 620 -62.50 30.30 7.81
C CYS A 620 -62.02 29.05 7.08
N LEU A 621 -62.94 28.15 6.75
CA LEU A 621 -62.55 26.95 6.00
C LEU A 621 -62.02 27.32 4.62
N GLY A 622 -62.70 28.26 3.94
CA GLY A 622 -62.19 28.73 2.66
C GLY A 622 -60.82 29.36 2.77
N LEU A 623 -60.58 30.09 3.86
CA LEU A 623 -59.27 30.74 4.03
C LEU A 623 -58.19 29.72 4.39
N VAL A 624 -58.54 28.65 5.11
CA VAL A 624 -57.59 27.55 5.31
C VAL A 624 -57.23 26.93 3.96
N CYS A 625 -58.24 26.70 3.13
CA CYS A 625 -57.97 26.16 1.79
C CYS A 625 -57.06 27.09 0.99
N LEU A 626 -57.31 28.39 1.06
CA LEU A 626 -56.47 29.35 0.35
C LEU A 626 -55.04 29.37 0.90
N SER A 627 -54.89 29.29 2.23
CA SER A 627 -53.57 29.31 2.84
C SER A 627 -52.81 28.01 2.59
N VAL A 628 -53.51 26.93 2.20
CA VAL A 628 -52.81 25.73 1.74
C VAL A 628 -51.94 26.06 0.53
N LEU A 629 -52.36 27.04 -0.28
CA LEU A 629 -51.69 27.36 -1.53
C LEU A 629 -50.26 27.88 -1.36
N LEU A 630 -49.90 28.37 -0.18
CA LEU A 630 -48.57 28.98 -0.01
C LEU A 630 -47.47 27.97 0.26
N PHE A 631 -47.82 26.70 0.51
CA PHE A 631 -46.79 25.72 0.86
C PHE A 631 -45.78 25.48 -0.25
N PRO A 632 -46.17 25.29 -1.55
CA PRO A 632 -45.18 24.82 -2.54
C PRO A 632 -44.26 25.92 -3.01
N GLY A 633 -43.53 25.67 -4.09
CA GLY A 633 -42.74 26.70 -4.72
C GLY A 633 -41.39 26.86 -4.07
N GLN A 634 -40.70 27.91 -4.51
CA GLN A 634 -39.42 28.26 -3.89
C GLN A 634 -39.66 28.63 -2.43
N PRO A 635 -38.94 28.02 -1.50
CA PRO A 635 -39.16 28.31 -0.08
C PRO A 635 -38.59 29.65 0.35
N SER A 636 -39.34 30.72 0.12
CA SER A 636 -38.95 32.03 0.62
C SER A 636 -38.98 32.03 2.14
N PRO A 637 -38.05 32.73 2.80
CA PRO A 637 -38.00 32.70 4.26
C PRO A 637 -39.30 33.14 4.93
N ALA A 638 -39.93 34.21 4.43
CA ALA A 638 -41.20 34.65 5.01
C ALA A 638 -42.28 33.60 4.81
N ARG A 639 -42.31 32.97 3.64
CA ARG A 639 -43.31 31.94 3.36
C ARG A 639 -43.16 30.76 4.30
N CYS A 640 -41.92 30.27 4.48
CA CYS A 640 -41.66 29.15 5.37
C CYS A 640 -41.95 29.52 6.82
N LEU A 641 -41.65 30.76 7.21
CA LEU A 641 -41.97 31.20 8.57
C LEU A 641 -43.48 31.24 8.81
N ALA A 642 -44.24 31.71 7.82
CA ALA A 642 -45.67 31.93 8.00
C ALA A 642 -46.53 30.75 7.58
N GLN A 643 -45.92 29.64 7.13
CA GLN A 643 -46.68 28.45 6.80
C GLN A 643 -47.68 28.08 7.88
N GLN A 644 -47.19 27.75 9.09
CA GLN A 644 -48.07 27.22 10.13
C GLN A 644 -49.11 28.23 10.61
N PRO A 645 -48.77 29.48 10.97
CA PRO A 645 -49.80 30.36 11.53
C PRO A 645 -50.96 30.64 10.60
N LEU A 646 -50.69 30.89 9.31
CA LEU A 646 -51.77 31.16 8.39
C LEU A 646 -52.52 29.90 8.01
N SER A 647 -51.92 28.73 8.21
CA SER A 647 -52.62 27.46 8.02
C SER A 647 -53.33 26.99 9.29
N HIS A 648 -53.22 27.73 10.39
CA HIS A 648 -53.85 27.33 11.64
C HIS A 648 -54.86 28.33 12.19
N LEU A 649 -54.72 29.63 11.92
CA LEU A 649 -55.66 30.59 12.50
C LEU A 649 -57.10 30.34 12.08
N PRO A 650 -57.45 30.28 10.78
CA PRO A 650 -58.86 30.07 10.42
C PRO A 650 -59.36 28.69 10.80
N LEU A 651 -58.48 27.68 10.80
CA LEU A 651 -58.88 26.37 11.28
C LEU A 651 -59.23 26.44 12.77
N THR A 652 -58.45 27.20 13.54
CA THR A 652 -58.79 27.42 14.93
C THR A 652 -60.15 28.11 15.08
N GLY A 653 -60.41 29.10 14.23
CA GLY A 653 -61.71 29.78 14.29
C GLY A 653 -62.87 28.85 14.00
N CYS A 654 -62.74 28.03 12.95
CA CYS A 654 -63.81 27.10 12.60
C CYS A 654 -64.01 26.06 13.70
N LEU A 655 -62.90 25.55 14.26
CA LEU A 655 -63.01 24.59 15.35
C LEU A 655 -63.67 25.20 16.57
N SER A 656 -63.34 26.47 16.87
CA SER A 656 -63.98 27.12 18.01
C SER A 656 -65.48 27.33 17.77
N THR A 657 -65.87 27.70 16.55
CA THR A 657 -67.29 27.83 16.25
C THR A 657 -68.02 26.50 16.44
N LEU A 658 -67.45 25.42 15.90
CA LEU A 658 -68.06 24.10 16.06
C LEU A 658 -68.10 23.70 17.53
N PHE A 659 -67.08 24.11 18.30
CA PHE A 659 -67.07 23.80 19.73
C PHE A 659 -68.14 24.54 20.49
N LEU A 660 -68.40 25.80 20.15
CA LEU A 660 -69.51 26.51 20.79
C LEU A 660 -70.85 25.85 20.46
N GLN A 661 -71.03 25.42 19.20
CA GLN A 661 -72.24 24.67 18.89
C GLN A 661 -72.33 23.40 19.73
N ALA A 662 -71.22 22.68 19.85
CA ALA A 662 -71.20 21.45 20.65
C ALA A 662 -71.51 21.73 22.11
N ALA A 663 -70.95 22.81 22.66
CA ALA A 663 -71.19 23.17 24.05
C ALA A 663 -72.65 23.53 24.29
N GLU A 664 -73.26 24.26 23.35
CA GLU A 664 -74.68 24.55 23.44
C GLU A 664 -75.50 23.26 23.46
N ILE A 665 -75.17 22.33 22.55
CA ILE A 665 -75.90 21.06 22.50
C ILE A 665 -75.74 20.30 23.82
N PHE A 666 -74.52 20.24 24.34
CA PHE A 666 -74.26 19.51 25.57
C PHE A 666 -74.98 20.14 26.76
N VAL A 667 -74.99 21.47 26.84
CA VAL A 667 -75.69 22.14 27.92
C VAL A 667 -77.18 21.87 27.86
N GLU A 668 -77.76 21.93 26.66
CA GLU A 668 -79.19 21.66 26.54
C GLU A 668 -79.52 20.18 26.69
N SER A 669 -78.53 19.30 26.57
CA SER A 669 -78.80 17.86 26.64
C SER A 669 -78.59 17.29 28.04
N GLU A 670 -77.37 17.40 28.58
CA GLU A 670 -76.99 16.70 29.79
C GLU A 670 -76.65 17.65 30.93
N LEU A 671 -77.43 18.70 31.10
CA LEU A 671 -77.27 19.61 32.23
C LEU A 671 -78.62 19.89 32.87
N PRO A 672 -78.64 20.20 34.16
CA PRO A 672 -79.90 20.59 34.80
C PRO A 672 -80.43 21.89 34.19
N LEU A 673 -81.76 21.99 34.17
CA LEU A 673 -82.39 23.16 33.57
C LEU A 673 -82.06 24.44 34.34
N SER A 674 -81.76 24.31 35.64
CA SER A 674 -81.43 25.49 36.44
C SER A 674 -80.19 26.19 35.91
N TRP A 675 -79.14 25.42 35.63
CA TRP A 675 -77.95 26.01 35.01
C TRP A 675 -78.15 26.25 33.52
N ALA A 676 -79.03 25.48 32.88
CA ALA A 676 -79.26 25.63 31.45
C ALA A 676 -79.88 26.97 31.11
N ASP A 677 -80.85 27.41 31.92
CA ASP A 677 -81.53 28.67 31.61
C ASP A 677 -80.58 29.86 31.67
N ARG A 678 -79.44 29.72 32.34
CA ARG A 678 -78.42 30.76 32.37
C ARG A 678 -77.33 30.55 31.33
N LEU A 679 -76.94 29.31 31.08
CA LEU A 679 -75.86 29.05 30.13
C LEU A 679 -76.31 29.23 28.69
N SER A 680 -77.51 28.77 28.35
CA SER A 680 -77.97 28.83 26.97
C SER A 680 -78.19 30.27 26.51
N GLY A 681 -78.74 31.11 27.40
CA GLY A 681 -78.99 32.50 27.02
C GLY A 681 -77.75 33.37 26.96
N CYS A 682 -76.62 32.89 27.48
CA CYS A 682 -75.38 33.65 27.43
C CYS A 682 -74.36 33.10 26.44
N LEU A 683 -74.38 31.81 26.15
CA LEU A 683 -73.40 31.20 25.25
C LEU A 683 -73.60 31.62 23.80
N ARG A 684 -74.71 32.27 23.47
CA ARG A 684 -75.01 32.71 22.11
C ARG A 684 -75.08 34.22 22.07
N GLY A 685 -74.45 34.83 21.07
CA GLY A 685 -74.54 36.25 20.86
C GLY A 685 -73.23 36.97 21.05
N PRO A 686 -73.28 38.14 21.71
CA PRO A 686 -72.03 38.88 21.97
C PRO A 686 -71.02 38.10 22.78
N TRP A 687 -71.47 37.30 23.75
CA TRP A 687 -70.53 36.46 24.50
C TRP A 687 -69.94 35.36 23.64
N ALA A 688 -70.72 34.83 22.69
CA ALA A 688 -70.17 33.86 21.74
C ALA A 688 -69.09 34.51 20.88
N TRP A 689 -69.35 35.73 20.41
CA TRP A 689 -68.34 36.45 19.65
C TRP A 689 -67.09 36.70 20.49
N LEU A 690 -67.28 37.06 21.76
CA LEU A 690 -66.14 37.23 22.65
C LEU A 690 -65.37 35.93 22.85
N VAL A 691 -66.06 34.80 22.94
CA VAL A 691 -65.38 33.53 23.16
C VAL A 691 -64.56 33.14 21.93
N VAL A 692 -65.16 33.26 20.74
CA VAL A 692 -64.42 32.92 19.53
C VAL A 692 -63.27 33.90 19.32
N LEU A 693 -63.46 35.17 19.68
CA LEU A 693 -62.36 36.13 19.62
C LEU A 693 -61.25 35.77 20.58
N LEU A 694 -61.60 35.33 21.79
CA LEU A 694 -60.59 34.90 22.74
C LEU A 694 -59.80 33.71 22.21
N ALA A 695 -60.49 32.75 21.59
CA ALA A 695 -59.81 31.62 20.97
C ALA A 695 -58.85 32.09 19.88
N MET A 696 -59.31 33.00 19.02
CA MET A 696 -58.46 33.49 17.95
C MET A 696 -57.24 34.23 18.48
N LEU A 697 -57.43 35.07 19.49
CA LEU A 697 -56.30 35.82 20.04
C LEU A 697 -55.34 34.92 20.79
N VAL A 698 -55.83 33.90 21.51
CA VAL A 698 -54.90 33.01 22.18
C VAL A 698 -54.11 32.20 21.15
N GLU A 699 -54.76 31.81 20.04
CA GLU A 699 -54.04 31.16 18.96
C GLU A 699 -52.98 32.08 18.35
N VAL A 700 -53.32 33.36 18.16
CA VAL A 700 -52.37 34.30 17.58
C VAL A 700 -51.20 34.56 18.52
N ALA A 701 -51.47 34.66 19.81
CA ALA A 701 -50.41 34.87 20.79
C ALA A 701 -49.48 33.66 20.82
N LEU A 702 -50.03 32.45 20.81
CA LEU A 702 -49.19 31.26 20.74
C LEU A 702 -48.40 31.23 19.44
N CYS A 703 -49.02 31.66 18.33
CA CYS A 703 -48.35 31.66 17.03
C CYS A 703 -47.15 32.58 17.03
N THR A 704 -47.33 33.81 17.51
CA THR A 704 -46.19 34.72 17.57
C THR A 704 -45.15 34.20 18.55
N TRP A 705 -45.59 33.52 19.61
CA TRP A 705 -44.63 32.99 20.59
C TRP A 705 -43.73 31.93 19.98
N TYR A 706 -44.30 30.97 19.25
CA TYR A 706 -43.42 29.93 18.72
C TYR A 706 -42.83 30.33 17.38
N LEU A 707 -43.20 31.48 16.81
CA LEU A 707 -42.41 31.97 15.68
C LEU A 707 -41.22 32.79 16.16
N VAL A 708 -41.35 33.49 17.29
CA VAL A 708 -40.22 34.22 17.82
C VAL A 708 -39.27 33.31 18.59
N ALA A 709 -39.80 32.24 19.19
CA ALA A 709 -38.97 31.31 19.97
C ALA A 709 -38.46 30.15 19.12
N PHE A 710 -39.36 29.42 18.47
CA PHE A 710 -38.95 28.30 17.63
C PHE A 710 -38.70 28.80 16.22
N PRO A 711 -37.46 28.76 15.73
CA PRO A 711 -37.17 29.34 14.42
C PRO A 711 -37.43 28.34 13.31
N PRO A 712 -38.34 28.65 12.39
CA PRO A 712 -38.52 27.82 11.19
C PRO A 712 -37.47 28.18 10.15
N GLU A 713 -36.57 27.24 9.89
CA GLU A 713 -35.38 27.50 9.08
C GLU A 713 -35.53 26.91 7.69
N VAL A 714 -35.10 27.66 6.68
CA VAL A 714 -35.06 27.17 5.30
C VAL A 714 -33.63 26.66 5.10
N VAL A 715 -33.41 25.40 5.42
CA VAL A 715 -32.10 24.78 5.29
C VAL A 715 -31.94 24.28 3.86
N THR A 716 -30.68 24.10 3.46
CA THR A 716 -30.33 23.58 2.14
C THR A 716 -29.52 22.31 2.35
N ASP A 717 -30.19 21.17 2.26
CA ASP A 717 -29.53 19.88 2.48
C ASP A 717 -28.67 19.56 1.27
N TRP A 718 -27.37 19.85 1.39
CA TRP A 718 -26.44 19.62 0.29
C TRP A 718 -26.13 18.16 0.05
N HIS A 719 -26.49 17.27 0.98
CA HIS A 719 -26.09 15.87 0.92
C HIS A 719 -27.26 14.94 1.21
N MET A 720 -28.40 15.21 0.56
CA MET A 720 -29.56 14.31 0.66
C MET A 720 -29.85 13.62 -0.66
N LEU A 721 -30.06 14.38 -1.73
CA LEU A 721 -30.31 13.76 -3.02
C LEU A 721 -28.99 13.37 -3.69
N PRO A 722 -29.00 12.33 -4.52
CA PRO A 722 -27.73 11.83 -5.10
C PRO A 722 -27.03 12.85 -5.99
N THR A 723 -27.74 13.36 -7.00
CA THR A 723 -27.12 14.22 -8.01
C THR A 723 -27.69 15.63 -8.04
N GLU A 724 -28.62 15.97 -7.16
CA GLU A 724 -29.26 17.27 -7.17
C GLU A 724 -29.36 17.82 -5.75
N ALA A 725 -29.54 19.13 -5.65
CA ALA A 725 -29.57 19.82 -4.39
C ALA A 725 -30.97 19.74 -3.77
N LEU A 726 -31.07 20.13 -2.49
CA LEU A 726 -32.33 20.14 -1.79
C LEU A 726 -32.48 21.47 -1.05
N VAL A 727 -33.70 21.98 -1.03
CA VAL A 727 -34.05 23.20 -0.29
C VAL A 727 -35.26 22.83 0.57
N HIS A 728 -35.02 22.61 1.86
CA HIS A 728 -36.04 22.10 2.77
C HIS A 728 -36.47 23.18 3.75
N CYS A 729 -37.78 23.40 3.85
CA CYS A 729 -38.36 24.24 4.90
C CYS A 729 -38.64 23.34 6.10
N ARG A 730 -37.79 23.43 7.12
CA ARG A 730 -37.84 22.52 8.26
C ARG A 730 -38.00 23.32 9.54
N THR A 731 -38.74 22.74 10.48
CA THR A 731 -38.98 23.33 11.79
C THR A 731 -38.63 22.31 12.87
N ARG A 732 -38.82 22.71 14.12
CA ARG A 732 -38.46 21.85 15.25
C ARG A 732 -39.27 20.54 15.21
N SER A 733 -38.61 19.45 15.58
CA SER A 733 -39.18 18.11 15.48
C SER A 733 -40.29 17.92 16.50
N TRP A 734 -41.53 17.94 16.01
CA TRP A 734 -42.73 17.58 16.77
C TRP A 734 -43.11 18.64 17.81
N VAL A 735 -42.23 19.62 18.04
CA VAL A 735 -42.48 20.62 19.07
C VAL A 735 -43.16 21.85 18.51
N SER A 736 -42.66 22.36 17.38
CA SER A 736 -43.26 23.56 16.77
C SER A 736 -44.69 23.28 16.34
N PHE A 737 -44.87 22.34 15.40
CA PHE A 737 -46.22 22.08 14.91
C PHE A 737 -47.06 21.34 15.94
N GLY A 738 -46.42 20.62 16.86
CA GLY A 738 -47.16 20.02 17.96
C GLY A 738 -47.80 21.07 18.87
N LEU A 739 -47.02 22.08 19.25
CA LEU A 739 -47.56 23.17 20.05
C LEU A 739 -48.57 23.98 19.26
N ALA A 740 -48.36 24.10 17.94
CA ALA A 740 -49.34 24.79 17.11
C ALA A 740 -50.65 24.01 17.04
N HIS A 741 -50.58 22.68 17.06
CA HIS A 741 -51.75 21.82 16.94
C HIS A 741 -52.41 21.54 18.28
N ALA A 742 -51.75 21.89 19.39
CA ALA A 742 -52.30 21.58 20.72
C ALA A 742 -53.67 22.22 20.94
N THR A 743 -53.81 23.50 20.57
CA THR A 743 -55.09 24.19 20.81
C THR A 743 -56.21 23.60 19.96
N ASN A 744 -55.92 23.32 18.69
CA ASN A 744 -56.93 22.70 17.83
C ASN A 744 -57.29 21.31 18.35
N ALA A 745 -56.29 20.55 18.80
CA ALA A 745 -56.55 19.22 19.34
C ALA A 745 -57.43 19.28 20.58
N THR A 746 -57.15 20.23 21.48
CA THR A 746 -57.95 20.35 22.69
C THR A 746 -59.38 20.77 22.38
N LEU A 747 -59.54 21.74 21.47
CA LEU A 747 -60.88 22.16 21.09
C LEU A 747 -61.66 21.01 20.46
N ALA A 748 -61.02 20.27 19.55
CA ALA A 748 -61.70 19.16 18.90
C ALA A 748 -62.01 18.05 19.88
N PHE A 749 -61.10 17.77 20.82
CA PHE A 749 -61.34 16.73 21.81
C PHE A 749 -62.50 17.09 22.71
N LEU A 750 -62.56 18.34 23.16
CA LEU A 750 -63.68 18.76 24.02
C LEU A 750 -64.99 18.73 23.25
N CYS A 751 -64.98 19.18 21.99
CA CYS A 751 -66.17 19.12 21.15
C CYS A 751 -66.65 17.67 20.99
N PHE A 752 -65.72 16.76 20.68
CA PHE A 752 -66.08 15.36 20.53
C PHE A 752 -66.65 14.81 21.83
N LEU A 753 -66.01 15.11 22.96
CA LEU A 753 -66.46 14.59 24.24
C LEU A 753 -67.86 15.11 24.59
N GLY A 754 -68.12 16.39 24.37
CA GLY A 754 -69.42 16.95 24.67
C GLY A 754 -70.51 16.60 23.68
N THR A 755 -70.15 16.08 22.50
CA THR A 755 -71.16 15.76 21.50
C THR A 755 -71.44 14.28 21.35
N PHE A 756 -70.45 13.41 21.57
CA PHE A 756 -70.58 12.03 21.10
C PHE A 756 -71.55 11.19 21.94
N LEU A 757 -72.01 11.70 23.08
CA LEU A 757 -73.22 11.21 23.72
C LEU A 757 -74.27 12.29 23.62
N VAL A 758 -75.47 11.92 23.16
CA VAL A 758 -76.63 12.80 23.17
C VAL A 758 -77.86 11.94 22.98
N ARG A 759 -79.00 12.45 23.42
CA ARG A 759 -80.28 11.78 23.20
C ARG A 759 -80.93 12.37 21.95
N SER A 760 -81.01 11.56 20.90
CA SER A 760 -81.59 11.98 19.62
C SER A 760 -82.98 11.38 19.51
N GLN A 761 -83.98 12.13 19.98
CA GLN A 761 -85.35 11.67 19.89
C GLN A 761 -85.83 11.68 18.44
N PRO A 762 -86.70 10.75 18.05
CA PRO A 762 -87.12 10.69 16.63
C PRO A 762 -87.86 11.93 16.15
N GLY A 763 -88.44 12.72 17.05
CA GLY A 763 -89.13 13.93 16.68
C GLY A 763 -88.24 15.15 16.53
N ARG A 764 -86.92 14.99 16.63
CA ARG A 764 -86.00 16.10 16.54
C ARG A 764 -84.87 15.77 15.57
N TYR A 765 -84.26 16.79 14.97
CA TYR A 765 -83.11 16.62 14.09
C TYR A 765 -81.87 16.35 14.92
N ASN A 766 -81.10 15.34 14.52
CA ASN A 766 -79.87 14.99 15.23
C ASN A 766 -78.82 16.03 14.90
N ARG A 767 -78.71 17.05 15.74
CA ARG A 767 -77.74 18.12 15.57
C ARG A 767 -76.34 17.71 16.04
N ALA A 768 -76.15 16.44 16.41
CA ALA A 768 -74.89 15.97 16.95
C ALA A 768 -74.12 15.05 16.01
N ARG A 769 -74.80 14.38 15.08
CA ARG A 769 -74.12 13.44 14.20
C ARG A 769 -73.08 14.14 13.33
N GLY A 770 -73.42 15.31 12.80
CA GLY A 770 -72.46 16.05 11.99
C GLY A 770 -71.21 16.43 12.77
N LEU A 771 -71.40 16.92 14.00
CA LEU A 771 -70.27 17.29 14.83
C LEU A 771 -69.41 16.08 15.18
N THR A 772 -70.05 14.97 15.56
CA THR A 772 -69.29 13.77 15.93
C THR A 772 -68.46 13.28 14.76
N PHE A 773 -69.07 13.19 13.57
CA PHE A 773 -68.31 12.67 12.45
C PHE A 773 -67.27 13.67 11.94
N ALA A 774 -67.52 14.97 12.08
CA ALA A 774 -66.50 15.94 11.73
C ALA A 774 -65.27 15.81 12.64
N MET A 775 -65.51 15.70 13.94
CA MET A 775 -64.41 15.57 14.87
C MET A 775 -63.68 14.26 14.66
N LEU A 776 -64.42 13.19 14.39
CA LEU A 776 -63.81 11.90 14.10
C LEU A 776 -62.95 11.95 12.85
N ALA A 777 -63.45 12.61 11.80
CA ALA A 777 -62.66 12.74 10.57
C ALA A 777 -61.39 13.53 10.83
N TYR A 778 -61.50 14.63 11.57
CA TYR A 778 -60.31 15.40 11.93
C TYR A 778 -59.28 14.53 12.65
N PHE A 779 -59.72 13.83 13.69
CA PHE A 779 -58.80 13.01 14.47
C PHE A 779 -58.16 11.92 13.63
N ILE A 780 -58.96 11.20 12.83
CA ILE A 780 -58.42 10.08 12.08
C ILE A 780 -57.48 10.58 10.99
N THR A 781 -57.83 11.67 10.30
CA THR A 781 -56.98 12.16 9.23
C THR A 781 -55.65 12.65 9.77
N TRP A 782 -55.65 13.32 10.93
CA TRP A 782 -54.36 13.76 11.46
C TRP A 782 -53.55 12.62 12.07
N VAL A 783 -54.21 11.66 12.71
CA VAL A 783 -53.50 10.51 13.25
C VAL A 783 -52.84 9.71 12.13
N SER A 784 -53.55 9.52 11.01
CA SER A 784 -52.93 8.85 9.87
C SER A 784 -51.88 9.75 9.20
N PHE A 785 -52.06 11.06 9.29
CA PHE A 785 -51.10 11.99 8.69
C PHE A 785 -49.75 11.92 9.36
N VAL A 786 -49.72 11.82 10.70
CA VAL A 786 -48.44 11.92 11.42
C VAL A 786 -47.41 10.90 10.95
N PRO A 787 -47.72 9.60 10.87
CA PRO A 787 -46.73 8.67 10.29
C PRO A 787 -46.39 8.97 8.85
N LEU A 788 -47.34 9.48 8.08
CA LEU A 788 -47.05 9.89 6.71
C LEU A 788 -46.01 11.01 6.70
N LEU A 789 -46.12 11.98 7.60
CA LEU A 789 -45.04 12.95 7.78
C LEU A 789 -43.75 12.26 8.19
N ALA A 790 -43.84 11.21 8.99
CA ALA A 790 -42.65 10.56 9.54
C ALA A 790 -41.95 9.63 8.55
N ASN A 791 -42.57 9.28 7.42
CA ASN A 791 -41.95 8.31 6.54
C ASN A 791 -41.85 8.75 5.09
N VAL A 792 -42.60 9.76 4.66
CA VAL A 792 -42.60 10.16 3.26
C VAL A 792 -41.28 10.83 2.90
N GLN A 793 -40.83 10.59 1.67
CA GLN A 793 -39.61 11.20 1.17
C GLN A 793 -39.68 12.72 1.26
N VAL A 794 -38.56 13.34 1.64
CA VAL A 794 -38.57 14.71 2.15
C VAL A 794 -39.09 15.74 1.15
N VAL A 795 -38.97 15.48 -0.15
CA VAL A 795 -39.47 16.44 -1.13
C VAL A 795 -40.99 16.57 -1.04
N LEU A 796 -41.68 15.44 -0.89
CA LEU A 796 -43.14 15.43 -0.85
C LEU A 796 -43.69 15.76 0.54
N ARG A 797 -42.84 16.18 1.47
CA ARG A 797 -43.31 16.54 2.81
C ARG A 797 -44.31 17.70 2.80
N PRO A 798 -44.08 18.81 2.08
CA PRO A 798 -45.14 19.81 1.97
C PRO A 798 -46.39 19.28 1.30
N ALA A 799 -46.26 18.36 0.35
CA ALA A 799 -47.43 17.77 -0.29
C ALA A 799 -48.25 16.97 0.72
N VAL A 800 -47.57 16.25 1.63
CA VAL A 800 -48.26 15.53 2.69
C VAL A 800 -48.94 16.50 3.65
N GLN A 801 -48.27 17.61 3.95
CA GLN A 801 -48.90 18.66 4.75
C GLN A 801 -50.20 19.14 4.09
N MET A 802 -50.12 19.41 2.80
CA MET A 802 -51.26 19.88 2.02
C MET A 802 -52.38 18.86 2.04
N GLY A 803 -52.05 17.59 1.83
CA GLY A 803 -53.06 16.55 1.86
C GLY A 803 -53.75 16.47 3.21
N ALA A 804 -52.98 16.57 4.29
CA ALA A 804 -53.58 16.58 5.61
C ALA A 804 -54.58 17.71 5.74
N LEU A 805 -54.18 18.94 5.38
CA LEU A 805 -55.09 20.08 5.52
C LEU A 805 -56.32 19.93 4.63
N LEU A 806 -56.13 19.50 3.39
CA LEU A 806 -57.25 19.42 2.45
C LEU A 806 -58.24 18.33 2.84
N LEU A 807 -57.73 17.17 3.25
CA LEU A 807 -58.63 16.12 3.73
C LEU A 807 -59.31 16.54 5.03
N CYS A 808 -58.63 17.31 5.87
CA CYS A 808 -59.28 17.87 7.06
C CYS A 808 -60.49 18.72 6.67
N VAL A 809 -60.28 19.64 5.72
CA VAL A 809 -61.38 20.52 5.31
C VAL A 809 -62.49 19.71 4.67
N LEU A 810 -62.15 18.76 3.80
CA LEU A 810 -63.17 17.95 3.14
C LEU A 810 -63.97 17.14 4.15
N GLY A 811 -63.28 16.58 5.16
CA GLY A 811 -64.00 15.81 6.17
C GLY A 811 -64.94 16.67 6.99
N ILE A 812 -64.46 17.83 7.44
CA ILE A 812 -65.33 18.67 8.26
C ILE A 812 -66.53 19.15 7.45
N LEU A 813 -66.31 19.52 6.18
CA LEU A 813 -67.43 19.88 5.31
C LEU A 813 -68.42 18.73 5.19
N ALA A 814 -67.98 17.61 4.62
CA ALA A 814 -68.87 16.50 4.31
C ALA A 814 -69.54 15.93 5.56
N ALA A 815 -68.99 16.17 6.74
CA ALA A 815 -69.62 15.66 7.94
C ALA A 815 -70.62 16.66 8.54
N PHE A 816 -70.26 17.95 8.61
CA PHE A 816 -71.10 18.92 9.31
C PHE A 816 -71.98 19.74 8.38
N HIS A 817 -71.40 20.32 7.33
CA HIS A 817 -72.14 21.28 6.52
C HIS A 817 -72.91 20.61 5.40
N LEU A 818 -72.37 19.51 4.86
CA LEU A 818 -73.04 18.82 3.75
C LEU A 818 -74.43 18.30 4.12
N PRO A 819 -74.63 17.61 5.26
CA PRO A 819 -76.00 17.17 5.59
C PRO A 819 -76.98 18.31 5.73
N ARG A 820 -76.54 19.45 6.27
CA ARG A 820 -77.43 20.61 6.38
C ARG A 820 -77.80 21.14 5.00
N CYS A 821 -76.81 21.28 4.12
CA CYS A 821 -77.05 21.81 2.79
C CYS A 821 -77.93 20.89 1.95
N TYR A 822 -77.81 19.58 2.16
CA TYR A 822 -78.62 18.62 1.40
C TYR A 822 -80.11 18.88 1.61
N LEU A 823 -80.53 18.97 2.87
CA LEU A 823 -81.93 19.26 3.16
C LEU A 823 -82.27 20.74 2.96
N LEU A 824 -81.28 21.62 2.97
CA LEU A 824 -81.54 23.02 2.66
C LEU A 824 -81.93 23.21 1.21
N MET A 825 -81.31 22.48 0.28
CA MET A 825 -81.64 22.56 -1.13
C MET A 825 -82.77 21.63 -1.54
N ARG A 826 -82.67 20.33 -1.23
CA ARG A 826 -83.53 19.36 -1.89
C ARG A 826 -84.89 19.18 -1.21
N GLN A 827 -84.92 19.17 0.12
CA GLN A 827 -86.15 18.92 0.88
C GLN A 827 -86.36 20.05 1.87
N PRO A 828 -86.89 21.19 1.42
CA PRO A 828 -87.14 22.31 2.34
C PRO A 828 -88.39 22.17 3.20
N GLY A 829 -88.99 20.98 3.26
CA GLY A 829 -90.16 20.76 4.09
C GLY A 829 -89.89 20.45 5.53
N LEU A 830 -88.62 20.42 5.95
CA LEU A 830 -88.25 20.09 7.31
C LEU A 830 -87.68 21.28 8.07
N ASN A 831 -87.69 22.47 7.47
CA ASN A 831 -87.11 23.66 8.11
C ASN A 831 -88.13 24.41 8.94
N THR A 832 -88.81 23.68 9.83
CA THR A 832 -89.78 24.40 10.65
C THR A 832 -89.16 24.79 11.99
N SER B 34 65.06 11.00 -17.90
CA SER B 34 63.75 11.63 -17.77
C SER B 34 63.29 11.57 -16.32
N ASP B 35 62.12 12.12 -16.04
CA ASP B 35 61.55 12.11 -14.69
C ASP B 35 60.82 10.82 -14.37
N PHE B 36 60.70 9.90 -15.33
CA PHE B 36 60.05 8.62 -15.09
C PHE B 36 61.00 7.57 -14.50
N TYR B 37 62.28 7.90 -14.34
CA TYR B 37 63.26 6.97 -13.79
C TYR B 37 64.13 7.72 -12.78
N LEU B 38 64.44 7.04 -11.69
CA LEU B 38 65.38 7.57 -10.70
C LEU B 38 66.07 6.40 -10.02
N PRO B 39 67.34 6.14 -10.31
CA PRO B 39 68.02 4.98 -9.72
C PRO B 39 68.17 5.14 -8.21
N GLY B 40 68.20 4.00 -7.52
CA GLY B 40 68.34 3.99 -6.07
C GLY B 40 68.56 2.58 -5.59
N ASP B 41 68.76 2.46 -4.28
CA ASP B 41 68.95 1.14 -3.68
C ASP B 41 67.72 0.27 -3.85
N TYR B 42 66.53 0.85 -3.74
CA TYR B 42 65.28 0.11 -3.86
C TYR B 42 64.30 0.95 -4.68
N LEU B 43 63.95 0.46 -5.87
CA LEU B 43 63.00 1.15 -6.71
C LEU B 43 61.59 0.96 -6.18
N LEU B 44 60.66 1.74 -6.72
CA LEU B 44 59.27 1.73 -6.25
C LEU B 44 58.39 2.06 -7.44
N GLY B 45 57.83 1.03 -8.07
CA GLY B 45 57.09 1.23 -9.30
C GLY B 45 55.81 2.01 -9.09
N GLY B 46 55.32 2.59 -10.19
CA GLY B 46 54.09 3.34 -10.17
C GLY B 46 53.27 3.06 -11.41
N LEU B 47 51.97 3.32 -11.29
CA LEU B 47 51.02 3.06 -12.37
C LEU B 47 49.98 4.17 -12.36
N PHE B 48 50.04 5.05 -13.35
CA PHE B 48 49.19 6.23 -13.40
C PHE B 48 48.49 6.32 -14.76
N SER B 49 47.23 6.75 -14.74
CA SER B 49 46.45 6.91 -15.96
C SER B 49 46.71 8.30 -16.53
N LEU B 50 47.65 8.38 -17.48
CA LEU B 50 48.00 9.67 -18.06
C LEU B 50 47.10 10.04 -19.22
N HIS B 51 46.35 9.08 -19.77
CA HIS B 51 45.47 9.34 -20.90
C HIS B 51 44.21 8.50 -20.76
N ALA B 52 43.14 8.95 -21.43
CA ALA B 52 41.86 8.25 -21.40
C ALA B 52 41.26 8.27 -22.80
N MET B 67 48.93 2.75 -28.70
CA MET B 67 49.65 3.21 -27.52
C MET B 67 48.87 4.32 -26.82
N CYS B 68 49.22 4.54 -25.55
CA CYS B 68 48.53 5.55 -24.75
C CYS B 68 48.81 6.97 -25.25
N LYS B 69 49.82 7.15 -26.09
CA LYS B 69 50.16 8.49 -26.56
C LYS B 69 49.09 9.07 -27.47
N GLU B 70 48.40 8.22 -28.23
CA GLU B 70 47.42 8.74 -29.18
C GLU B 70 46.12 9.16 -28.52
N TYR B 71 45.90 8.79 -27.26
CA TYR B 71 44.70 9.19 -26.55
C TYR B 71 44.83 10.63 -26.05
N GLU B 72 43.70 11.21 -25.69
CA GLU B 72 43.70 12.56 -25.11
C GLU B 72 44.34 12.54 -23.73
N VAL B 73 45.04 13.62 -23.41
CA VAL B 73 45.81 13.70 -22.18
C VAL B 73 44.88 14.03 -21.01
N LYS B 74 45.17 13.47 -19.85
CA LYS B 74 44.44 13.75 -18.62
C LYS B 74 45.37 14.43 -17.61
N VAL B 75 44.83 15.43 -16.91
CA VAL B 75 45.63 16.21 -15.99
C VAL B 75 45.79 15.51 -14.63
N ILE B 76 44.79 14.75 -14.20
CA ILE B 76 44.83 14.11 -12.89
C ILE B 76 45.97 13.09 -12.82
N GLY B 77 46.20 12.38 -13.93
CA GLY B 77 47.29 11.41 -13.94
C GLY B 77 48.65 12.05 -13.71
N TYR B 78 48.91 13.16 -14.42
CA TYR B 78 50.16 13.87 -14.20
C TYR B 78 50.22 14.49 -12.81
N ASN B 79 49.08 14.93 -12.28
CA ASN B 79 49.06 15.48 -10.92
C ASN B 79 49.50 14.43 -9.91
N LEU B 80 48.94 13.22 -10.01
CA LEU B 80 49.31 12.15 -9.07
C LEU B 80 50.74 11.68 -9.32
N MET B 81 51.18 11.69 -10.58
CA MET B 81 52.57 11.38 -10.90
C MET B 81 53.51 12.33 -10.18
N GLN B 82 53.24 13.64 -10.26
CA GLN B 82 54.06 14.61 -9.56
C GLN B 82 53.96 14.45 -8.05
N ALA B 83 52.79 14.05 -7.56
CA ALA B 83 52.65 13.77 -6.13
C ALA B 83 53.60 12.67 -5.69
N MET B 84 53.63 11.57 -6.45
CA MET B 84 54.54 10.47 -6.11
C MET B 84 55.99 10.90 -6.21
N ARG B 85 56.34 11.66 -7.25
CA ARG B 85 57.71 12.14 -7.37
C ARG B 85 58.10 13.00 -6.18
N PHE B 86 57.23 13.92 -5.78
CA PHE B 86 57.51 14.78 -4.63
C PHE B 86 57.64 13.96 -3.36
N ALA B 87 56.79 12.96 -3.18
CA ALA B 87 56.87 12.12 -1.99
C ALA B 87 58.21 11.40 -1.92
N VAL B 88 58.64 10.80 -3.03
CA VAL B 88 59.93 10.09 -3.04
C VAL B 88 61.08 11.08 -2.81
N GLU B 89 61.00 12.26 -3.43
CA GLU B 89 62.05 13.25 -3.28
C GLU B 89 62.15 13.72 -1.83
N GLU B 90 61.02 13.93 -1.16
CA GLU B 90 61.05 14.39 0.22
C GLU B 90 61.49 13.26 1.16
N ILE B 91 61.20 12.02 0.80
CA ILE B 91 61.79 10.89 1.53
C ILE B 91 63.30 10.94 1.43
N ASN B 92 63.81 11.22 0.22
CA ASN B 92 65.26 11.34 0.05
C ASN B 92 65.83 12.48 0.89
N ASN B 93 65.11 13.60 0.96
CA ASN B 93 65.58 14.73 1.77
C ASN B 93 65.66 14.36 3.24
N ASP B 94 64.61 13.75 3.77
CA ASP B 94 64.48 13.55 5.22
C ASP B 94 65.53 12.56 5.70
N SER B 95 66.39 13.01 6.63
CA SER B 95 67.42 12.15 7.18
C SER B 95 66.93 11.33 8.37
N SER B 96 65.73 11.63 8.89
CA SER B 96 65.18 10.83 9.98
C SER B 96 64.47 9.59 9.45
N LEU B 97 64.02 9.63 8.21
CA LEU B 97 63.33 8.50 7.57
C LEU B 97 64.23 7.96 6.46
N LEU B 98 64.54 6.67 6.53
CA LEU B 98 65.43 6.00 5.59
C LEU B 98 66.74 6.76 5.47
N PRO B 99 67.59 6.76 6.51
CA PRO B 99 68.84 7.51 6.44
C PRO B 99 69.89 6.74 5.64
N GLY B 100 70.44 7.39 4.62
CA GLY B 100 71.47 6.78 3.81
C GLY B 100 70.99 5.73 2.83
N VAL B 101 69.68 5.57 2.67
CA VAL B 101 69.10 4.60 1.75
C VAL B 101 68.33 5.40 0.70
N LEU B 102 68.90 5.53 -0.49
CA LEU B 102 68.21 6.22 -1.57
C LEU B 102 67.00 5.42 -2.01
N LEU B 103 65.89 6.11 -2.22
CA LEU B 103 64.65 5.51 -2.70
C LEU B 103 64.39 5.97 -4.13
N GLY B 104 64.24 5.01 -5.03
CA GLY B 104 63.96 5.30 -6.42
C GLY B 104 62.54 4.92 -6.82
N TYR B 105 62.23 5.14 -8.09
CA TYR B 105 60.91 4.83 -8.60
C TYR B 105 60.97 4.61 -10.09
N GLU B 106 59.96 3.90 -10.60
CA GLU B 106 59.85 3.53 -12.02
C GLU B 106 58.38 3.70 -12.39
N ILE B 107 58.06 4.84 -12.98
CA ILE B 107 56.67 5.18 -13.33
C ILE B 107 56.41 4.78 -14.77
N VAL B 108 55.33 4.04 -15.00
CA VAL B 108 54.93 3.60 -16.32
C VAL B 108 53.52 4.11 -16.59
N ASP B 109 53.35 4.78 -17.72
CA ASP B 109 52.03 5.26 -18.11
C ASP B 109 51.15 4.07 -18.49
N VAL B 110 49.96 4.00 -17.90
CA VAL B 110 48.96 2.99 -18.25
C VAL B 110 47.69 3.73 -18.65
N CYS B 111 47.04 3.24 -19.70
CA CYS B 111 45.75 3.81 -20.07
C CYS B 111 44.69 3.43 -19.05
N TYR B 112 43.46 3.86 -19.30
CA TYR B 112 42.36 3.53 -18.40
C TYR B 112 42.17 2.02 -18.30
N ILE B 113 42.11 1.35 -19.45
CA ILE B 113 41.92 -0.10 -19.50
C ILE B 113 43.02 -0.76 -20.33
N SER B 114 43.35 -0.13 -21.46
CA SER B 114 44.08 -0.82 -22.53
C SER B 114 45.39 -1.43 -22.05
N ASN B 115 46.17 -0.68 -21.28
CA ASN B 115 47.51 -1.11 -20.87
C ASN B 115 47.49 -1.46 -19.39
N ASN B 116 47.47 -2.76 -19.07
CA ASN B 116 47.53 -3.19 -17.68
C ASN B 116 48.35 -4.46 -17.48
N VAL B 117 49.00 -4.99 -18.51
CA VAL B 117 49.71 -6.26 -18.42
C VAL B 117 51.21 -6.08 -18.61
N GLN B 118 51.62 -5.34 -19.64
CA GLN B 118 53.04 -5.14 -19.90
C GLN B 118 53.76 -4.44 -18.75
N PRO B 119 53.24 -3.35 -18.16
CA PRO B 119 53.99 -2.69 -17.08
C PRO B 119 54.28 -3.60 -15.89
N VAL B 120 53.35 -4.47 -15.52
CA VAL B 120 53.59 -5.34 -14.37
C VAL B 120 54.67 -6.36 -14.69
N LEU B 121 54.66 -6.91 -15.91
CA LEU B 121 55.73 -7.81 -16.33
C LEU B 121 57.07 -7.10 -16.33
N TYR B 122 57.08 -5.82 -16.73
CA TYR B 122 58.31 -5.04 -16.64
C TYR B 122 58.74 -4.89 -15.19
N PHE B 123 57.79 -4.68 -14.28
CA PHE B 123 58.10 -4.54 -12.87
C PHE B 123 58.74 -5.80 -12.30
N LEU B 124 58.19 -6.97 -12.65
CA LEU B 124 58.68 -8.21 -12.08
C LEU B 124 59.87 -8.80 -12.81
N ALA B 125 60.22 -8.27 -13.99
CA ALA B 125 61.38 -8.77 -14.69
C ALA B 125 62.66 -8.37 -13.97
N HIS B 126 63.72 -9.14 -14.21
CA HIS B 126 65.03 -8.80 -13.69
C HIS B 126 65.59 -7.57 -14.41
N GLU B 127 66.81 -7.19 -14.08
CA GLU B 127 67.46 -6.09 -14.79
C GLU B 127 67.75 -6.44 -16.24
N ASP B 128 67.73 -7.72 -16.60
CA ASP B 128 67.96 -8.17 -17.97
C ASP B 128 66.66 -8.45 -18.72
N ASN B 129 65.52 -8.05 -18.17
CA ASN B 129 64.21 -8.18 -18.82
C ASN B 129 63.84 -9.65 -19.04
N LEU B 130 63.97 -10.45 -17.98
CA LEU B 130 63.57 -11.85 -17.99
C LEU B 130 62.95 -12.21 -16.66
N LEU B 131 61.76 -12.82 -16.70
CA LEU B 131 61.05 -13.22 -15.49
C LEU B 131 61.06 -14.73 -15.36
N PRO B 132 61.80 -15.30 -14.40
CA PRO B 132 61.84 -16.75 -14.28
C PRO B 132 60.52 -17.32 -13.78
N ILE B 133 60.33 -18.61 -14.03
CA ILE B 133 59.15 -19.35 -13.60
C ILE B 133 59.59 -20.43 -12.63
N GLN B 134 58.95 -20.48 -11.47
CA GLN B 134 59.31 -21.45 -10.44
C GLN B 134 58.14 -21.62 -9.49
N GLU B 135 58.19 -22.70 -8.71
CA GLU B 135 57.10 -23.00 -7.78
C GLU B 135 57.09 -22.04 -6.60
N ASP B 136 58.26 -21.74 -6.05
CA ASP B 136 58.38 -20.90 -4.86
C ASP B 136 59.19 -19.66 -5.19
N TYR B 137 58.65 -18.49 -4.82
CA TYR B 137 59.27 -17.22 -5.13
C TYR B 137 59.84 -16.52 -3.90
N SER B 138 60.00 -17.25 -2.79
CA SER B 138 60.53 -16.62 -1.57
C SER B 138 61.95 -16.12 -1.78
N ASN B 139 62.73 -16.80 -2.60
CA ASN B 139 64.08 -16.36 -2.91
C ASN B 139 64.14 -15.39 -4.07
N TYR B 140 63.01 -15.10 -4.71
CA TYR B 140 63.00 -14.21 -5.87
C TYR B 140 63.19 -12.76 -5.43
N ILE B 141 63.95 -12.01 -6.21
CA ILE B 141 64.17 -10.58 -6.00
C ILE B 141 63.66 -9.85 -7.23
N SER B 142 62.63 -9.04 -7.05
CA SER B 142 62.03 -8.31 -8.16
C SER B 142 62.74 -6.98 -8.39
N ARG B 143 62.53 -6.42 -9.58
CA ARG B 143 63.13 -5.12 -9.90
C ARG B 143 62.60 -4.03 -8.99
N VAL B 144 61.29 -3.97 -8.81
CA VAL B 144 60.66 -3.02 -7.91
C VAL B 144 60.40 -3.73 -6.59
N VAL B 145 60.22 -2.95 -5.53
CA VAL B 145 60.02 -3.50 -4.20
C VAL B 145 58.55 -3.34 -3.83
N ALA B 146 57.89 -2.37 -4.46
CA ALA B 146 56.46 -2.16 -4.28
C ALA B 146 55.94 -1.42 -5.50
N VAL B 147 54.62 -1.33 -5.62
CA VAL B 147 53.98 -0.68 -6.75
C VAL B 147 52.79 0.12 -6.25
N ILE B 148 52.63 1.34 -6.76
CA ILE B 148 51.46 2.16 -6.50
C ILE B 148 50.45 1.91 -7.60
N GLY B 149 49.40 1.17 -7.29
CA GLY B 149 48.53 0.60 -8.30
C GLY B 149 47.73 1.63 -9.07
N PRO B 150 47.00 1.16 -10.07
CA PRO B 150 46.21 2.06 -10.91
C PRO B 150 45.13 2.79 -10.14
N ASP B 151 44.50 3.74 -10.82
CA ASP B 151 43.52 4.62 -10.20
C ASP B 151 42.08 4.11 -10.29
N ASN B 152 41.83 3.04 -11.05
CA ASN B 152 40.49 2.51 -11.21
C ASN B 152 40.45 1.05 -10.76
N SER B 153 39.23 0.58 -10.47
CA SER B 153 39.06 -0.72 -9.82
C SER B 153 39.52 -1.87 -10.72
N GLU B 154 39.22 -1.82 -12.01
CA GLU B 154 39.41 -2.99 -12.85
C GLU B 154 40.89 -3.25 -13.12
N SER B 155 41.65 -2.20 -13.44
CA SER B 155 43.08 -2.36 -13.66
C SER B 155 43.79 -2.77 -12.37
N VAL B 156 43.32 -2.25 -11.23
CA VAL B 156 43.85 -2.68 -9.95
C VAL B 156 43.58 -4.16 -9.74
N MET B 157 42.38 -4.61 -10.10
CA MET B 157 42.05 -6.02 -9.95
C MET B 157 42.96 -6.89 -10.81
N THR B 158 43.21 -6.48 -12.06
CA THR B 158 44.08 -7.25 -12.94
C THR B 158 45.51 -7.29 -12.39
N VAL B 159 46.04 -6.13 -12.00
CA VAL B 159 47.42 -6.06 -11.51
C VAL B 159 47.57 -6.86 -10.22
N ALA B 160 46.56 -6.82 -9.35
CA ALA B 160 46.63 -7.57 -8.10
C ALA B 160 46.48 -9.06 -8.34
N ASN B 161 45.67 -9.45 -9.33
CA ASN B 161 45.59 -10.87 -9.67
C ASN B 161 46.93 -11.39 -10.19
N PHE B 162 47.63 -10.58 -10.98
CA PHE B 162 48.89 -11.05 -11.54
C PHE B 162 50.02 -10.98 -10.52
N LEU B 163 49.97 -10.00 -9.60
CA LEU B 163 51.00 -9.86 -8.57
C LEU B 163 50.78 -10.74 -7.36
N SER B 164 49.62 -11.40 -7.23
CA SER B 164 49.41 -12.26 -6.08
C SER B 164 50.45 -13.36 -5.98
N LEU B 165 50.96 -13.83 -7.12
CA LEU B 165 51.95 -14.91 -7.12
C LEU B 165 53.20 -14.52 -6.37
N PHE B 166 53.62 -13.26 -6.50
CA PHE B 166 54.86 -12.77 -5.91
C PHE B 166 54.64 -12.04 -4.60
N LEU B 167 53.41 -11.65 -4.29
CA LEU B 167 53.08 -10.90 -3.08
C LEU B 167 53.85 -9.59 -3.00
N LEU B 168 53.97 -8.89 -4.12
CA LEU B 168 54.45 -7.52 -4.09
C LEU B 168 53.39 -6.62 -3.49
N PRO B 169 53.73 -5.77 -2.53
CA PRO B 169 52.76 -4.80 -2.00
C PRO B 169 52.27 -3.89 -3.11
N GLN B 170 50.98 -3.56 -3.07
CA GLN B 170 50.36 -2.68 -4.06
C GLN B 170 49.34 -1.81 -3.34
N ILE B 171 49.68 -0.53 -3.15
CA ILE B 171 48.80 0.41 -2.46
C ILE B 171 48.08 1.20 -3.54
N THR B 172 46.89 0.74 -3.92
CA THR B 172 46.09 1.50 -4.85
C THR B 172 45.42 2.68 -4.17
N TYR B 173 45.09 3.69 -4.97
CA TYR B 173 44.40 4.89 -4.51
C TYR B 173 43.15 5.08 -5.35
N SER B 174 42.12 5.66 -4.74
CA SER B 174 40.88 6.04 -5.41
C SER B 174 40.21 4.86 -6.11
N ALA B 175 40.48 3.63 -5.65
CA ALA B 175 39.76 2.46 -6.09
C ALA B 175 38.81 2.02 -4.98
N ILE B 176 37.52 2.23 -5.17
CA ILE B 176 36.55 2.16 -4.10
C ILE B 176 35.76 0.85 -4.10
N SER B 177 36.03 -0.04 -5.04
CA SER B 177 35.25 -1.27 -5.13
C SER B 177 35.42 -2.11 -3.87
N ASP B 178 34.32 -2.74 -3.43
CA ASP B 178 34.34 -3.54 -2.22
C ASP B 178 34.88 -4.95 -2.44
N GLU B 179 35.06 -5.37 -3.69
CA GLU B 179 35.67 -6.67 -3.92
C GLU B 179 37.16 -6.67 -3.60
N LEU B 180 37.75 -5.50 -3.36
CA LEU B 180 39.11 -5.40 -2.87
C LEU B 180 39.20 -5.45 -1.35
N ARG B 181 38.06 -5.52 -0.65
CA ARG B 181 38.07 -5.59 0.80
C ARG B 181 38.59 -6.92 1.32
N ASP B 182 38.38 -8.01 0.60
CA ASP B 182 38.76 -9.33 1.05
C ASP B 182 40.18 -9.67 0.61
N LYS B 183 40.94 -10.27 1.52
CA LYS B 183 42.34 -10.61 1.27
C LYS B 183 42.54 -12.05 0.87
N VAL B 184 41.46 -12.79 0.63
CA VAL B 184 41.59 -14.17 0.17
C VAL B 184 42.11 -14.20 -1.26
N ARG B 185 41.55 -13.35 -2.13
CA ARG B 185 41.94 -13.31 -3.53
C ARG B 185 42.87 -12.16 -3.86
N PHE B 186 43.10 -11.22 -2.94
CA PHE B 186 44.03 -10.12 -3.14
C PHE B 186 44.94 -10.03 -1.91
N PRO B 187 45.83 -11.01 -1.74
CA PRO B 187 46.66 -11.03 -0.52
C PRO B 187 47.56 -9.82 -0.36
N ALA B 188 48.03 -9.24 -1.46
CA ALA B 188 49.02 -8.16 -1.42
C ALA B 188 48.45 -6.87 -1.99
N LEU B 189 47.21 -6.54 -1.63
CA LEU B 189 46.56 -5.32 -2.08
C LEU B 189 46.20 -4.48 -0.87
N LEU B 190 46.48 -3.18 -0.95
CA LEU B 190 46.17 -2.22 0.09
C LEU B 190 45.46 -1.02 -0.52
N ARG B 191 45.13 -0.05 0.33
CA ARG B 191 44.46 1.15 -0.15
C ARG B 191 44.88 2.35 0.69
N THR B 192 44.63 3.54 0.13
CA THR B 192 44.75 4.79 0.85
C THR B 192 43.47 5.62 0.71
N THR B 193 42.36 4.94 0.46
CA THR B 193 41.09 5.59 0.20
C THR B 193 39.98 4.72 0.81
N PRO B 194 39.04 5.31 1.52
CA PRO B 194 37.92 4.51 2.06
C PRO B 194 37.11 3.88 0.94
N SER B 195 36.59 2.69 1.21
CA SER B 195 35.86 1.93 0.20
C SER B 195 34.52 2.60 -0.09
N ALA B 196 33.83 2.08 -1.11
CA ALA B 196 32.51 2.60 -1.46
C ALA B 196 31.49 2.37 -0.36
N ASP B 197 31.77 1.44 0.56
CA ASP B 197 30.92 1.28 1.73
C ASP B 197 30.76 2.59 2.47
N HIS B 198 31.87 3.30 2.71
CA HIS B 198 31.80 4.55 3.44
C HIS B 198 31.21 5.68 2.60
N HIS B 199 31.38 5.64 1.28
CA HIS B 199 30.70 6.61 0.42
C HIS B 199 29.19 6.45 0.53
N ILE B 200 28.71 5.21 0.44
CA ILE B 200 27.28 4.95 0.56
C ILE B 200 26.77 5.32 1.95
N GLU B 201 27.57 5.04 2.98
CA GLU B 201 27.19 5.40 4.34
C GLU B 201 27.09 6.92 4.49
N ALA B 202 28.02 7.67 3.91
CA ALA B 202 27.96 9.12 3.95
C ALA B 202 26.72 9.63 3.23
N MET B 203 26.40 9.03 2.08
CA MET B 203 25.20 9.43 1.37
C MET B 203 23.96 9.19 2.20
N VAL B 204 23.87 8.02 2.83
CA VAL B 204 22.69 7.67 3.64
C VAL B 204 22.58 8.60 4.84
N GLN B 205 23.69 8.90 5.51
CA GLN B 205 23.65 9.82 6.64
C GLN B 205 23.25 11.21 6.21
N LEU B 206 23.70 11.65 5.03
CA LEU B 206 23.30 12.96 4.52
C LEU B 206 21.80 13.00 4.25
N MET B 207 21.26 11.94 3.65
CA MET B 207 19.80 11.89 3.44
C MET B 207 19.05 11.89 4.76
N LEU B 208 19.52 11.13 5.74
CA LEU B 208 18.84 11.06 7.03
C LEU B 208 18.86 12.40 7.75
N HIS B 209 19.99 13.12 7.68
CA HIS B 209 20.10 14.37 8.41
C HIS B 209 19.11 15.42 7.87
N PHE B 210 18.89 15.41 6.55
CA PHE B 210 17.96 16.35 5.93
C PHE B 210 16.60 15.75 5.67
N ARG B 211 16.33 14.54 6.17
CA ARG B 211 15.01 13.91 6.14
C ARG B 211 14.52 13.71 4.70
N TRP B 212 15.34 13.01 3.92
CA TRP B 212 14.96 12.56 2.59
C TRP B 212 14.74 11.05 2.62
N ASN B 213 13.49 10.62 2.45
CA ASN B 213 13.15 9.21 2.49
C ASN B 213 12.50 8.73 1.20
N TRP B 214 12.70 9.46 0.10
CA TRP B 214 12.11 9.11 -1.18
C TRP B 214 13.07 9.60 -2.26
N ILE B 215 13.91 8.70 -2.77
CA ILE B 215 15.01 9.11 -3.62
C ILE B 215 14.94 8.40 -4.97
N ILE B 216 15.88 8.72 -5.86
CA ILE B 216 15.97 8.14 -7.19
C ILE B 216 17.42 7.75 -7.40
N VAL B 217 17.66 6.53 -7.88
CA VAL B 217 19.01 6.04 -8.13
C VAL B 217 19.19 5.89 -9.63
N LEU B 218 20.27 6.47 -10.16
CA LEU B 218 20.66 6.30 -11.55
C LEU B 218 22.04 5.68 -11.58
N VAL B 219 22.18 4.59 -12.32
CA VAL B 219 23.46 3.88 -12.42
C VAL B 219 23.92 3.93 -13.86
N SER B 220 25.07 3.32 -14.15
CA SER B 220 25.59 3.22 -15.50
C SER B 220 25.67 1.76 -15.90
N SER B 221 25.83 1.53 -17.21
CA SER B 221 25.93 0.18 -17.71
C SER B 221 27.23 -0.50 -17.28
N ASP B 222 28.20 0.26 -16.77
CA ASP B 222 29.46 -0.31 -16.33
C ASP B 222 29.25 -1.13 -15.06
N THR B 223 30.32 -1.82 -14.65
CA THR B 223 30.26 -2.59 -13.41
C THR B 223 30.31 -1.66 -12.20
N TYR B 224 30.99 -0.52 -12.33
CA TYR B 224 31.06 0.44 -11.24
C TYR B 224 29.68 0.92 -10.83
N GLY B 225 28.90 1.39 -11.80
CA GLY B 225 27.57 1.87 -11.50
C GLY B 225 26.66 0.79 -10.96
N ARG B 226 26.73 -0.41 -11.53
CA ARG B 226 25.87 -1.51 -11.09
C ARG B 226 26.18 -1.90 -9.65
N ASP B 227 27.47 -2.06 -9.32
CA ASP B 227 27.83 -2.43 -7.97
C ASP B 227 27.46 -1.33 -6.97
N ASN B 228 27.67 -0.06 -7.33
CA ASN B 228 27.31 1.02 -6.42
C ASN B 228 25.79 1.08 -6.23
N GLY B 229 25.03 0.89 -7.29
CA GLY B 229 23.58 0.89 -7.17
C GLY B 229 23.08 -0.23 -6.29
N GLN B 230 23.60 -1.44 -6.48
CA GLN B 230 23.19 -2.56 -5.64
C GLN B 230 23.59 -2.33 -4.19
N LEU B 231 24.79 -1.79 -3.96
CA LEU B 231 25.25 -1.53 -2.60
C LEU B 231 24.36 -0.50 -1.92
N LEU B 232 24.03 0.58 -2.61
CA LEU B 232 23.17 1.60 -2.02
C LEU B 232 21.76 1.05 -1.78
N GLY B 233 21.24 0.25 -2.71
CA GLY B 233 19.93 -0.34 -2.51
C GLY B 233 19.88 -1.27 -1.32
N GLU B 234 20.95 -2.05 -1.12
CA GLU B 234 21.01 -2.94 0.04
C GLU B 234 21.16 -2.14 1.33
N ARG B 235 21.94 -1.06 1.29
CA ARG B 235 22.14 -0.24 2.49
C ARG B 235 20.88 0.51 2.88
N VAL B 236 20.11 0.98 1.89
CA VAL B 236 19.05 1.93 2.15
C VAL B 236 17.77 1.25 2.64
N ALA B 237 17.64 -0.06 2.43
CA ALA B 237 16.42 -0.75 2.80
C ALA B 237 16.27 -0.91 4.31
N ARG B 238 17.34 -0.75 5.06
CA ARG B 238 17.30 -0.90 6.51
C ARG B 238 17.30 0.43 7.25
N ARG B 239 17.26 1.55 6.54
CA ARG B 239 17.25 2.86 7.16
C ARG B 239 15.94 3.61 6.89
N ASP B 240 14.89 2.89 6.50
CA ASP B 240 13.57 3.47 6.27
C ASP B 240 13.61 4.60 5.24
N ILE B 241 14.43 4.42 4.21
CA ILE B 241 14.45 5.29 3.04
C ILE B 241 14.16 4.42 1.82
N CYS B 242 13.22 4.85 1.00
CA CYS B 242 12.79 4.07 -0.15
C CYS B 242 13.41 4.61 -1.43
N ILE B 243 13.47 3.75 -2.44
CA ILE B 243 13.92 4.13 -3.77
C ILE B 243 12.70 4.14 -4.67
N ALA B 244 12.37 5.30 -5.21
CA ALA B 244 11.26 5.39 -6.15
C ALA B 244 11.51 4.50 -7.36
N PHE B 245 12.71 4.59 -7.94
CA PHE B 245 13.06 3.77 -9.10
C PHE B 245 14.56 3.89 -9.36
N GLN B 246 15.11 2.82 -9.96
CA GLN B 246 16.51 2.77 -10.35
C GLN B 246 16.59 2.52 -11.86
N GLU B 247 17.36 3.35 -12.55
CA GLU B 247 17.46 3.27 -14.00
C GLU B 247 18.93 3.29 -14.43
N THR B 248 19.22 2.58 -15.51
CA THR B 248 20.57 2.47 -16.04
C THR B 248 20.75 3.48 -17.17
N LEU B 249 21.72 4.37 -16.99
CA LEU B 249 22.09 5.30 -18.05
C LEU B 249 22.93 4.56 -19.09
N PRO B 250 22.61 4.69 -20.37
CA PRO B 250 23.45 4.04 -21.39
C PRO B 250 24.82 4.66 -21.43
N THR B 251 25.83 3.83 -21.72
CA THR B 251 27.19 4.33 -21.83
C THR B 251 27.33 5.15 -23.11
N LEU B 252 27.89 6.36 -22.98
CA LEU B 252 27.97 7.28 -24.11
C LEU B 252 29.16 8.19 -23.85
N GLN B 253 30.30 7.87 -24.44
CA GLN B 253 31.47 8.73 -24.30
C GLN B 253 31.25 10.03 -25.05
N PRO B 254 31.83 11.14 -24.57
CA PRO B 254 31.65 12.41 -25.26
C PRO B 254 32.47 12.51 -26.54
N ASN B 255 32.40 13.66 -27.20
CA ASN B 255 33.16 13.92 -28.43
C ASN B 255 32.79 12.94 -29.53
N GLN B 256 31.53 12.46 -29.52
CA GLN B 256 31.03 11.61 -30.58
C GLN B 256 29.52 11.75 -30.62
N ASN B 257 28.93 11.36 -31.74
CA ASN B 257 27.51 11.62 -31.97
C ASN B 257 26.66 10.45 -31.48
N MET B 258 25.58 10.78 -30.78
CA MET B 258 24.67 9.80 -30.22
C MET B 258 23.74 9.26 -31.29
N THR B 259 23.16 8.09 -31.01
CA THR B 259 22.18 7.48 -31.91
C THR B 259 20.77 7.84 -31.48
N SER B 260 19.82 7.70 -32.42
CA SER B 260 18.44 8.04 -32.13
C SER B 260 17.86 7.17 -31.02
N GLU B 261 18.25 5.89 -30.98
CA GLU B 261 17.77 5.01 -29.91
C GLU B 261 18.25 5.49 -28.56
N GLU B 262 19.51 5.92 -28.46
CA GLU B 262 20.01 6.46 -27.21
C GLU B 262 19.32 7.77 -26.85
N ARG B 263 18.99 8.60 -27.84
CA ARG B 263 18.24 9.82 -27.56
C ARG B 263 16.86 9.50 -26.98
N GLN B 264 16.18 8.51 -27.56
CA GLN B 264 14.90 8.07 -27.00
C GLN B 264 15.09 7.52 -25.60
N ARG B 265 16.18 6.79 -25.37
CA ARG B 265 16.47 6.27 -24.04
C ARG B 265 16.60 7.40 -23.03
N LEU B 266 17.40 8.42 -23.35
CA LEU B 266 17.60 9.54 -22.43
C LEU B 266 16.30 10.32 -22.19
N VAL B 267 15.52 10.55 -23.24
CA VAL B 267 14.27 11.29 -23.04
C VAL B 267 13.32 10.47 -22.18
N THR B 268 13.33 9.14 -22.33
CA THR B 268 12.54 8.30 -21.45
C THR B 268 13.01 8.41 -20.00
N ILE B 269 14.33 8.38 -19.79
CA ILE B 269 14.88 8.52 -18.44
C ILE B 269 14.40 9.81 -17.80
N VAL B 270 14.47 10.92 -18.53
CA VAL B 270 14.17 12.20 -17.90
C VAL B 270 12.67 12.42 -17.79
N ASP B 271 11.88 11.82 -18.68
CA ASP B 271 10.43 11.83 -18.49
C ASP B 271 10.05 11.09 -17.21
N LYS B 272 10.60 9.89 -17.03
CA LYS B 272 10.30 9.10 -15.84
C LYS B 272 10.84 9.76 -14.59
N LEU B 273 11.94 10.52 -14.73
CA LEU B 273 12.46 11.32 -13.63
C LEU B 273 11.49 12.43 -13.25
N GLN B 274 10.96 13.14 -14.25
CA GLN B 274 10.16 14.33 -13.99
C GLN B 274 8.77 13.94 -13.47
N GLN B 275 8.22 12.83 -13.97
CA GLN B 275 6.87 12.46 -13.55
C GLN B 275 6.84 11.94 -12.12
N SER B 276 8.00 11.64 -11.54
CA SER B 276 8.06 11.13 -10.18
C SER B 276 8.14 12.28 -9.18
N THR B 277 7.71 12.00 -7.94
CA THR B 277 7.68 12.99 -6.88
C THR B 277 8.93 12.98 -6.00
N ALA B 278 9.90 12.12 -6.30
CA ALA B 278 11.15 12.13 -5.56
C ALA B 278 12.06 13.24 -6.08
N ARG B 279 12.73 13.93 -5.14
CA ARG B 279 13.56 15.08 -5.50
C ARG B 279 14.98 14.94 -4.96
N VAL B 280 15.49 13.71 -4.91
CA VAL B 280 16.89 13.45 -4.56
C VAL B 280 17.39 12.40 -5.54
N VAL B 281 18.24 12.82 -6.46
CA VAL B 281 18.71 11.96 -7.56
C VAL B 281 20.18 11.67 -7.33
N VAL B 282 20.48 10.46 -6.89
CA VAL B 282 21.85 10.00 -6.76
C VAL B 282 22.27 9.37 -8.08
N VAL B 283 23.49 9.65 -8.51
CA VAL B 283 24.00 9.18 -9.80
C VAL B 283 25.32 8.46 -9.56
N PHE B 284 25.35 7.17 -9.88
CA PHE B 284 26.56 6.36 -9.79
C PHE B 284 27.04 6.12 -11.22
N SER B 285 27.85 7.03 -11.74
CA SER B 285 28.26 6.95 -13.13
C SER B 285 29.56 7.72 -13.29
N PRO B 286 30.50 7.20 -14.10
CA PRO B 286 31.71 7.95 -14.38
C PRO B 286 31.41 9.27 -15.09
N ASP B 287 32.27 10.25 -14.87
CA ASP B 287 32.03 11.61 -15.33
C ASP B 287 32.01 11.73 -16.85
N LEU B 288 32.52 10.73 -17.58
CA LEU B 288 32.59 10.84 -19.03
C LEU B 288 31.23 10.84 -19.69
N THR B 289 30.32 9.95 -19.26
CA THR B 289 29.06 9.73 -19.93
C THR B 289 27.92 10.61 -19.40
N LEU B 290 28.22 11.52 -18.49
CA LEU B 290 27.19 12.37 -17.90
C LEU B 290 27.01 13.68 -18.65
N TYR B 291 27.77 13.92 -19.73
CA TYR B 291 27.56 15.13 -20.50
C TYR B 291 26.22 15.10 -21.21
N HIS B 292 25.93 14.01 -21.94
CA HIS B 292 24.71 13.94 -22.74
C HIS B 292 23.46 13.94 -21.86
N PHE B 293 23.51 13.21 -20.75
CA PHE B 293 22.34 13.14 -19.86
C PHE B 293 21.99 14.52 -19.33
N PHE B 294 23.00 15.28 -18.89
CA PHE B 294 22.73 16.60 -18.35
C PHE B 294 22.32 17.58 -19.47
N ASN B 295 22.89 17.41 -20.67
CA ASN B 295 22.45 18.22 -21.79
C ASN B 295 20.96 18.03 -22.05
N GLU B 296 20.50 16.78 -22.07
CA GLU B 296 19.10 16.54 -22.40
C GLU B 296 18.20 16.93 -21.23
N VAL B 297 18.73 16.85 -19.99
CA VAL B 297 18.00 17.37 -18.84
C VAL B 297 17.77 18.87 -18.98
N LEU B 298 18.82 19.61 -19.36
CA LEU B 298 18.65 21.04 -19.62
C LEU B 298 17.66 21.27 -20.75
N ARG B 299 17.70 20.43 -21.79
CA ARG B 299 16.81 20.59 -22.92
C ARG B 299 15.35 20.42 -22.50
N GLN B 300 15.06 19.44 -21.65
CA GLN B 300 13.68 19.21 -21.23
C GLN B 300 13.21 20.20 -20.17
N ASN B 301 14.10 21.05 -19.66
CA ASN B 301 13.74 22.12 -18.74
C ASN B 301 13.16 21.55 -17.45
N PHE B 302 13.95 20.69 -16.79
CA PHE B 302 13.56 20.02 -15.56
C PHE B 302 14.37 20.60 -14.41
N THR B 303 13.69 21.06 -13.38
CA THR B 303 14.33 21.74 -12.25
C THR B 303 13.74 21.27 -10.93
N GLY B 304 14.55 21.37 -9.88
CA GLY B 304 14.07 21.10 -8.54
C GLY B 304 14.54 19.79 -7.95
N ALA B 305 15.68 19.29 -8.39
CA ALA B 305 16.21 18.01 -7.95
C ALA B 305 17.53 18.21 -7.22
N VAL B 306 17.68 17.53 -6.08
CA VAL B 306 18.92 17.58 -5.31
C VAL B 306 19.79 16.43 -5.79
N TRP B 307 20.74 16.74 -6.66
CA TRP B 307 21.61 15.72 -7.21
C TRP B 307 22.73 15.39 -6.23
N ILE B 308 22.90 14.10 -5.96
CA ILE B 308 23.97 13.60 -5.10
C ILE B 308 24.95 12.85 -5.98
N ALA B 309 26.22 13.23 -5.91
CA ALA B 309 27.24 12.73 -6.82
C ALA B 309 28.15 11.74 -6.11
N SER B 310 28.41 10.61 -6.76
CA SER B 310 29.43 9.69 -6.29
C SER B 310 30.81 10.29 -6.49
N GLU B 311 31.85 9.60 -6.01
CA GLU B 311 33.20 10.15 -6.05
C GLU B 311 33.71 10.33 -7.48
N SER B 312 33.08 9.70 -8.47
CA SER B 312 33.59 9.78 -9.83
C SER B 312 33.44 11.18 -10.41
N TRP B 313 32.25 11.78 -10.27
CA TRP B 313 32.00 13.10 -10.85
C TRP B 313 31.70 14.15 -9.80
N ALA B 314 31.95 13.86 -8.53
CA ALA B 314 31.77 14.87 -7.49
C ALA B 314 32.83 15.96 -7.53
N ILE B 315 33.95 15.72 -8.20
CA ILE B 315 35.02 16.71 -8.30
C ILE B 315 35.42 16.88 -9.75
N ASP B 316 34.59 16.40 -10.66
CA ASP B 316 34.87 16.56 -12.08
C ASP B 316 34.76 18.02 -12.47
N PRO B 317 35.80 18.62 -13.05
CA PRO B 317 35.76 20.07 -13.32
C PRO B 317 34.90 20.42 -14.53
N VAL B 318 34.90 19.57 -15.56
CA VAL B 318 34.25 19.92 -16.83
C VAL B 318 32.76 20.13 -16.65
N LEU B 319 32.11 19.27 -15.85
CA LEU B 319 30.67 19.42 -15.64
C LEU B 319 30.35 20.75 -14.97
N HIS B 320 31.16 21.18 -14.02
CA HIS B 320 30.98 22.50 -13.43
C HIS B 320 31.26 23.60 -14.45
N ASN B 321 32.28 23.39 -15.29
CA ASN B 321 32.61 24.27 -16.41
C ASN B 321 31.47 24.40 -17.42
N LEU B 322 30.53 23.46 -17.45
CA LEU B 322 29.38 23.61 -18.32
C LEU B 322 28.55 24.83 -17.93
N THR B 323 28.53 25.18 -16.64
CA THR B 323 27.98 26.43 -16.10
C THR B 323 26.54 26.70 -16.51
N GLU B 324 25.77 25.67 -16.85
CA GLU B 324 24.34 25.81 -17.03
C GLU B 324 23.56 24.93 -16.05
N LEU B 325 24.25 24.08 -15.30
CA LEU B 325 23.63 23.22 -14.30
C LEU B 325 23.18 23.98 -13.06
N ARG B 326 23.54 25.25 -12.91
CA ARG B 326 23.24 25.99 -11.69
C ARG B 326 21.73 26.20 -11.50
N HIS B 327 20.94 26.05 -12.55
CA HIS B 327 19.49 26.23 -12.44
C HIS B 327 18.75 24.91 -12.18
N LEU B 328 19.45 23.78 -12.19
CA LEU B 328 18.79 22.50 -11.95
C LEU B 328 18.49 22.31 -10.47
N GLY B 329 19.35 22.82 -9.60
CA GLY B 329 19.19 22.64 -8.18
C GLY B 329 20.55 22.62 -7.51
N THR B 330 20.60 21.93 -6.36
CA THR B 330 21.85 21.78 -5.64
C THR B 330 22.59 20.54 -6.11
N PHE B 331 23.92 20.62 -6.14
CA PHE B 331 24.77 19.55 -6.63
C PHE B 331 25.72 19.15 -5.51
N LEU B 332 25.26 18.24 -4.65
CA LEU B 332 26.13 17.68 -3.62
C LEU B 332 26.98 16.55 -4.22
N GLY B 333 28.01 16.16 -3.49
CA GLY B 333 28.89 15.11 -3.95
C GLY B 333 29.73 14.60 -2.81
N ILE B 334 30.25 13.39 -2.99
CA ILE B 334 31.06 12.72 -1.98
C ILE B 334 32.49 12.63 -2.50
N THR B 335 33.44 13.09 -1.69
CA THR B 335 34.84 13.10 -2.10
C THR B 335 35.71 13.15 -0.85
N ILE B 336 37.00 12.91 -1.03
CA ILE B 336 37.93 12.82 0.08
C ILE B 336 38.28 14.21 0.58
N GLN B 337 38.47 14.33 1.89
CA GLN B 337 38.94 15.57 2.50
C GLN B 337 40.23 16.04 1.84
N SER B 338 40.33 17.33 1.59
CA SER B 338 41.55 17.91 1.03
C SER B 338 42.52 18.21 2.16
N VAL B 339 43.72 17.65 2.07
CA VAL B 339 44.77 17.83 3.07
C VAL B 339 45.84 18.71 2.45
N PRO B 340 46.10 19.90 2.99
CA PRO B 340 47.08 20.80 2.37
C PRO B 340 48.50 20.29 2.50
N ILE B 341 49.08 19.83 1.38
CA ILE B 341 50.46 19.36 1.37
C ILE B 341 51.39 20.55 1.27
N PRO B 342 52.28 20.76 2.22
CA PRO B 342 53.15 21.95 2.18
C PRO B 342 54.24 21.80 1.12
N GLY B 343 54.51 22.91 0.44
CA GLY B 343 55.56 22.91 -0.57
C GLY B 343 55.33 21.97 -1.73
N PHE B 344 54.08 21.78 -2.15
CA PHE B 344 53.79 20.93 -3.28
C PHE B 344 53.29 21.69 -4.50
N SER B 345 52.54 22.78 -4.31
CA SER B 345 52.09 23.57 -5.44
C SER B 345 53.27 24.16 -6.19
N GLU B 346 54.26 24.67 -5.46
CA GLU B 346 55.46 25.20 -6.12
C GLU B 346 56.23 24.09 -6.82
N PHE B 347 56.30 22.90 -6.22
CA PHE B 347 56.99 21.79 -6.85
C PHE B 347 56.30 21.37 -8.13
N ARG B 348 54.96 21.30 -8.12
CA ARG B 348 54.22 20.94 -9.31
C ARG B 348 54.36 22.01 -10.39
N GLU B 349 54.34 23.29 -9.99
CA GLU B 349 54.47 24.38 -10.96
C GLU B 349 55.88 24.46 -11.53
N TRP B 350 56.90 24.03 -10.78
CA TRP B 350 58.27 24.12 -11.26
C TRP B 350 58.48 23.29 -12.52
N GLY B 351 57.92 22.10 -12.56
CA GLY B 351 58.05 21.23 -13.71
C GLY B 351 57.03 21.50 -14.80
N THR B 367 61.16 3.08 -21.95
CA THR B 367 60.63 2.08 -22.87
C THR B 367 59.30 2.53 -23.48
N CYS B 368 58.44 1.58 -23.77
CA CYS B 368 57.16 1.88 -24.40
C CYS B 368 56.10 2.22 -23.36
N ASN B 369 55.17 3.09 -23.75
CA ASN B 369 54.09 3.58 -22.88
C ASN B 369 54.66 4.20 -21.61
N GLN B 370 55.76 4.95 -21.75
CA GLN B 370 56.44 5.57 -20.62
C GLN B 370 56.82 7.00 -20.97
N GLU B 371 55.87 7.77 -21.52
CA GLU B 371 56.17 9.14 -21.92
C GLU B 371 54.88 9.92 -22.08
N CYS B 372 54.98 11.24 -21.91
CA CYS B 372 53.90 12.18 -22.20
C CYS B 372 54.50 13.50 -22.64
N ASP B 373 53.80 14.18 -23.55
CA ASP B 373 54.26 15.47 -24.07
C ASP B 373 53.27 16.60 -23.83
N ASN B 374 51.97 16.34 -23.95
CA ASN B 374 50.95 17.37 -23.81
C ASN B 374 50.44 17.50 -22.37
N CYS B 375 51.05 16.76 -21.44
CA CYS B 375 50.60 16.80 -20.04
C CYS B 375 50.75 18.19 -19.45
N LEU B 376 51.90 18.82 -19.64
CA LEU B 376 52.15 20.14 -19.05
C LEU B 376 51.21 21.19 -19.63
N ASN B 377 51.01 21.17 -20.95
CA ASN B 377 50.12 22.13 -21.58
C ASN B 377 48.69 21.99 -21.06
N ALA B 378 48.23 20.75 -20.90
CA ALA B 378 46.88 20.53 -20.37
C ALA B 378 46.78 20.99 -18.92
N THR B 379 47.78 20.66 -18.09
CA THR B 379 47.73 21.06 -16.69
C THR B 379 47.85 22.57 -16.52
N LEU B 380 48.41 23.27 -17.52
CA LEU B 380 48.50 24.73 -17.43
C LEU B 380 47.12 25.38 -17.33
N SER B 381 46.16 24.87 -18.12
CA SER B 381 44.84 25.51 -18.17
C SER B 381 44.06 25.29 -16.87
N PHE B 382 44.17 24.10 -16.28
CA PHE B 382 43.45 23.76 -15.06
C PHE B 382 44.26 24.02 -13.80
N ASN B 383 45.27 24.90 -13.87
CA ASN B 383 46.11 25.15 -12.70
C ASN B 383 45.33 25.89 -11.61
N THR B 384 44.58 26.93 -12.00
CA THR B 384 43.90 27.75 -10.99
C THR B 384 42.79 26.97 -10.30
N ILE B 385 41.99 26.20 -11.05
CA ILE B 385 40.90 25.45 -10.44
C ILE B 385 41.44 24.38 -9.52
N LEU B 386 42.53 23.71 -9.92
CA LEU B 386 43.15 22.72 -9.06
C LEU B 386 43.73 23.36 -7.80
N ARG B 387 44.33 24.54 -7.94
CA ARG B 387 44.92 25.20 -6.78
C ARG B 387 43.85 25.64 -5.78
N LEU B 388 42.77 26.26 -6.26
CA LEU B 388 41.71 26.69 -5.34
C LEU B 388 40.95 25.49 -4.77
N SER B 389 40.75 24.44 -5.56
CA SER B 389 40.02 23.27 -5.09
C SER B 389 40.81 22.45 -4.08
N GLY B 390 42.12 22.63 -3.99
CA GLY B 390 42.94 21.81 -3.14
C GLY B 390 43.31 20.50 -3.79
N GLU B 391 43.88 19.60 -2.99
CA GLU B 391 44.32 18.30 -3.44
C GLU B 391 43.48 17.23 -2.77
N ARG B 392 42.87 16.35 -3.57
CA ARG B 392 41.99 15.31 -3.06
C ARG B 392 42.65 13.93 -3.13
N VAL B 393 43.07 13.50 -4.32
CA VAL B 393 43.68 12.18 -4.46
C VAL B 393 45.20 12.28 -4.37
N VAL B 394 45.75 13.48 -4.41
CA VAL B 394 47.20 13.66 -4.30
C VAL B 394 47.70 13.15 -2.95
N TYR B 395 46.96 13.46 -1.88
CA TYR B 395 47.37 12.98 -0.57
C TYR B 395 47.30 11.47 -0.46
N SER B 396 46.43 10.83 -1.24
CA SER B 396 46.39 9.37 -1.23
C SER B 396 47.72 8.79 -1.72
N VAL B 397 48.24 9.32 -2.83
CA VAL B 397 49.52 8.85 -3.35
C VAL B 397 50.66 9.22 -2.39
N TYR B 398 50.61 10.43 -1.84
CA TYR B 398 51.63 10.86 -0.88
C TYR B 398 51.69 9.90 0.32
N SER B 399 50.51 9.57 0.87
CA SER B 399 50.45 8.69 2.02
C SER B 399 50.87 7.26 1.65
N ALA B 400 50.52 6.81 0.44
CA ALA B 400 50.95 5.47 0.03
C ALA B 400 52.47 5.38 -0.06
N VAL B 401 53.10 6.40 -0.65
CA VAL B 401 54.56 6.37 -0.77
C VAL B 401 55.21 6.46 0.60
N TYR B 402 54.68 7.30 1.49
CA TYR B 402 55.23 7.33 2.84
C TYR B 402 54.99 6.03 3.60
N ALA B 403 53.87 5.35 3.32
CA ALA B 403 53.62 4.06 3.95
C ALA B 403 54.66 3.04 3.53
N VAL B 404 54.96 2.98 2.24
CA VAL B 404 56.01 2.07 1.76
C VAL B 404 57.35 2.45 2.39
N ALA B 405 57.64 3.75 2.46
CA ALA B 405 58.92 4.20 3.03
C ALA B 405 59.04 3.82 4.50
N HIS B 406 57.99 4.04 5.29
CA HIS B 406 58.03 3.69 6.70
C HIS B 406 58.14 2.18 6.89
N ALA B 407 57.43 1.41 6.07
CA ALA B 407 57.53 -0.05 6.15
C ALA B 407 58.94 -0.52 5.85
N LEU B 408 59.55 0.03 4.80
CA LEU B 408 60.92 -0.36 4.46
C LEU B 408 61.90 0.06 5.55
N HIS B 409 61.70 1.25 6.12
CA HIS B 409 62.56 1.73 7.18
C HIS B 409 62.48 0.83 8.42
N SER B 410 61.27 0.39 8.76
CA SER B 410 61.13 -0.52 9.90
C SER B 410 61.67 -1.90 9.57
N LEU B 411 61.52 -2.35 8.32
CA LEU B 411 62.04 -3.65 7.93
C LEU B 411 63.56 -3.69 8.01
N LEU B 412 64.22 -2.63 7.56
CA LEU B 412 65.68 -2.59 7.66
C LEU B 412 66.15 -2.41 9.09
N GLY B 413 65.25 -2.12 10.02
CA GLY B 413 65.63 -1.93 11.41
C GLY B 413 66.53 -0.75 11.63
N CYS B 414 66.35 0.33 10.87
CA CYS B 414 67.21 1.49 10.98
C CYS B 414 66.90 2.25 12.27
N ASP B 415 67.94 2.88 12.83
CA ASP B 415 67.86 3.63 14.07
C ASP B 415 68.13 5.11 13.83
N LYS B 416 67.53 5.63 12.75
CA LYS B 416 67.57 7.02 12.28
C LYS B 416 68.98 7.53 12.05
N SER B 417 69.99 6.68 12.14
CA SER B 417 71.36 7.04 11.80
C SER B 417 72.02 6.05 10.86
N THR B 418 71.75 4.76 11.03
CA THR B 418 72.36 3.70 10.24
C THR B 418 71.30 2.74 9.74
N CYS B 419 71.62 2.05 8.64
CA CYS B 419 70.71 1.08 8.05
C CYS B 419 71.50 -0.17 7.66
N THR B 420 70.87 -1.34 7.83
CA THR B 420 71.55 -2.60 7.58
C THR B 420 71.72 -2.90 6.11
N LYS B 421 70.92 -2.28 5.23
CA LYS B 421 71.02 -2.44 3.78
C LYS B 421 70.88 -3.91 3.37
N ARG B 422 70.02 -4.65 4.08
CA ARG B 422 69.79 -6.04 3.73
C ARG B 422 68.91 -6.13 2.49
N VAL B 423 69.06 -7.24 1.75
CA VAL B 423 68.21 -7.48 0.60
C VAL B 423 66.78 -7.68 1.06
N VAL B 424 65.84 -7.07 0.36
CA VAL B 424 64.43 -7.06 0.76
C VAL B 424 63.64 -7.90 -0.25
N TYR B 425 62.91 -8.88 0.27
CA TYR B 425 61.94 -9.57 -0.57
C TYR B 425 60.58 -8.87 -0.46
N PRO B 426 59.87 -8.76 -1.58
CA PRO B 426 58.60 -8.01 -1.56
C PRO B 426 57.58 -8.55 -0.56
N TRP B 427 57.55 -9.86 -0.34
CA TRP B 427 56.60 -10.40 0.64
C TRP B 427 56.96 -9.95 2.05
N GLN B 428 58.26 -9.82 2.34
CA GLN B 428 58.67 -9.27 3.63
C GLN B 428 58.19 -7.83 3.76
N LEU B 429 58.31 -7.04 2.69
CA LEU B 429 57.83 -5.67 2.74
C LEU B 429 56.32 -5.62 2.95
N LEU B 430 55.58 -6.55 2.33
CA LEU B 430 54.14 -6.60 2.57
C LEU B 430 53.84 -6.93 4.02
N GLU B 431 54.56 -7.90 4.59
CA GLU B 431 54.36 -8.27 5.98
C GLU B 431 54.63 -7.09 6.90
N GLU B 432 55.65 -6.30 6.60
CA GLU B 432 55.95 -5.13 7.43
C GLU B 432 54.96 -4.00 7.20
N ILE B 433 54.49 -3.83 5.97
CA ILE B 433 53.63 -2.71 5.63
C ILE B 433 52.21 -2.93 6.11
N TRP B 434 51.85 -4.19 6.40
CA TRP B 434 50.55 -4.42 7.02
C TRP B 434 50.47 -3.88 8.44
N LYS B 435 51.61 -3.47 9.01
CA LYS B 435 51.66 -3.08 10.41
C LYS B 435 52.30 -1.70 10.62
N VAL B 436 52.01 -0.74 9.75
CA VAL B 436 52.56 0.60 9.86
C VAL B 436 51.54 1.49 10.53
N ASN B 437 52.00 2.32 11.48
CA ASN B 437 51.13 3.26 12.17
C ASN B 437 51.97 4.49 12.52
N PHE B 438 51.91 5.50 11.65
CA PHE B 438 52.65 6.73 11.85
C PHE B 438 51.70 7.91 11.64
N THR B 439 52.23 9.12 11.76
CA THR B 439 51.46 10.34 11.58
C THR B 439 52.00 11.10 10.38
N LEU B 440 51.09 11.82 9.71
CA LEU B 440 51.43 12.49 8.47
C LEU B 440 50.47 13.66 8.28
N LEU B 441 50.98 14.88 8.37
CA LEU B 441 50.18 16.10 8.22
C LEU B 441 48.97 16.06 9.16
N ASP B 442 49.23 15.71 10.41
CA ASP B 442 48.21 15.61 11.46
C ASP B 442 47.14 14.59 11.10
N HIS B 443 47.52 13.52 10.40
CA HIS B 443 46.62 12.43 10.07
C HIS B 443 47.30 11.11 10.41
N GLN B 444 46.53 10.18 11.00
CA GLN B 444 47.07 8.88 11.34
C GLN B 444 46.94 7.94 10.17
N ILE B 445 48.06 7.32 9.78
CA ILE B 445 48.10 6.39 8.66
C ILE B 445 48.36 5.01 9.22
N PHE B 446 47.32 4.17 9.25
CA PHE B 446 47.46 2.78 9.65
C PHE B 446 46.49 1.96 8.82
N PHE B 447 46.88 0.73 8.52
CA PHE B 447 46.09 -0.15 7.67
C PHE B 447 45.20 -1.06 8.50
N ASP B 448 43.90 -1.00 8.23
CA ASP B 448 42.94 -1.88 8.86
C ASP B 448 43.17 -3.31 8.38
N PRO B 449 42.66 -4.30 9.11
CA PRO B 449 42.91 -5.70 8.71
C PRO B 449 42.42 -6.05 7.32
N GLN B 450 41.52 -5.27 6.74
CA GLN B 450 41.03 -5.51 5.38
C GLN B 450 41.70 -4.60 4.36
N GLY B 451 42.81 -3.97 4.71
CA GLY B 451 43.59 -3.18 3.76
C GLY B 451 42.99 -1.84 3.38
N ASP B 452 42.76 -0.98 4.36
CA ASP B 452 42.27 0.37 4.11
C ASP B 452 42.77 1.27 5.23
N VAL B 453 42.79 2.57 4.96
CA VAL B 453 43.08 3.58 5.98
C VAL B 453 41.91 4.56 6.01
N ALA B 454 41.47 4.90 7.22
CA ALA B 454 40.27 5.71 7.40
C ALA B 454 40.61 7.18 7.19
N LEU B 455 40.57 7.61 5.93
CA LEU B 455 40.68 9.02 5.59
C LEU B 455 39.30 9.65 5.62
N HIS B 456 39.21 10.85 6.20
CA HIS B 456 37.93 11.51 6.33
C HIS B 456 37.34 11.79 4.95
N LEU B 457 36.08 11.40 4.77
CA LEU B 457 35.35 11.76 3.56
C LEU B 457 34.80 13.18 3.71
N GLU B 458 34.00 13.60 2.74
CA GLU B 458 33.55 14.98 2.70
C GLU B 458 32.41 15.11 1.70
N ILE B 459 31.31 15.73 2.13
CA ILE B 459 30.23 16.08 1.22
C ILE B 459 30.45 17.51 0.76
N VAL B 460 30.60 17.70 -0.55
CA VAL B 460 30.95 18.98 -1.14
C VAL B 460 29.80 19.45 -2.01
N GLN B 461 29.46 20.74 -1.88
CA GLN B 461 28.35 21.33 -2.61
C GLN B 461 28.90 22.33 -3.62
N TRP B 462 28.58 22.10 -4.89
CA TRP B 462 29.16 22.91 -5.96
C TRP B 462 28.69 24.35 -5.85
N GLN B 463 29.62 25.28 -5.94
CA GLN B 463 29.33 26.72 -5.91
C GLN B 463 29.75 27.33 -7.23
N TRP B 464 28.79 27.98 -7.91
CA TRP B 464 29.04 28.55 -9.23
C TRP B 464 29.54 29.99 -9.10
N ASP B 465 30.77 30.10 -8.62
CA ASP B 465 31.45 31.39 -8.48
C ASP B 465 32.95 31.13 -8.58
N ARG B 466 33.60 31.78 -9.55
CA ARG B 466 35.02 31.57 -9.78
C ARG B 466 35.90 32.33 -8.79
N SER B 467 35.34 33.25 -8.02
CA SER B 467 36.15 34.01 -7.07
C SER B 467 36.63 33.15 -5.90
N GLN B 468 35.88 32.12 -5.53
CA GLN B 468 36.29 31.22 -4.45
C GLN B 468 36.30 29.78 -4.94
N ASN B 469 36.44 28.83 -4.03
CA ASN B 469 36.55 27.42 -4.39
C ASN B 469 35.34 26.99 -5.20
N PRO B 470 35.52 26.43 -6.40
CA PRO B 470 34.38 25.90 -7.15
C PRO B 470 33.64 24.80 -6.41
N PHE B 471 34.34 23.99 -5.62
CA PHE B 471 33.75 22.92 -4.84
C PHE B 471 33.94 23.27 -3.36
N GLN B 472 32.88 23.75 -2.73
CA GLN B 472 32.93 24.19 -1.34
C GLN B 472 32.41 23.09 -0.42
N SER B 473 33.20 22.76 0.60
CA SER B 473 32.83 21.70 1.53
C SER B 473 31.67 22.13 2.41
N VAL B 474 30.77 21.19 2.70
CA VAL B 474 29.67 21.44 3.63
C VAL B 474 29.56 20.37 4.71
N ALA B 475 30.29 19.27 4.66
CA ALA B 475 30.20 18.24 5.68
C ALA B 475 31.47 17.42 5.69
N SER B 476 31.72 16.74 6.81
CA SER B 476 32.86 15.86 6.97
C SER B 476 32.41 14.53 7.55
N TYR B 477 32.91 13.44 6.98
CA TYR B 477 32.54 12.09 7.38
C TYR B 477 33.76 11.38 7.96
N TYR B 478 33.57 10.76 9.12
CA TYR B 478 34.64 10.04 9.79
C TYR B 478 34.42 8.54 9.65
N PRO B 479 35.22 7.83 8.86
CA PRO B 479 34.97 6.39 8.66
C PRO B 479 35.08 5.57 9.93
N LEU B 480 35.93 5.96 10.87
CA LEU B 480 36.14 5.14 12.07
C LEU B 480 34.87 5.06 12.91
N GLN B 481 34.14 6.16 13.04
CA GLN B 481 32.89 6.17 13.78
C GLN B 481 31.68 5.90 12.91
N ARG B 482 31.86 5.84 11.58
CA ARG B 482 30.74 5.71 10.64
C ARG B 482 29.71 6.81 10.87
N GLN B 483 30.18 7.99 11.25
CA GLN B 483 29.32 9.11 11.61
C GLN B 483 29.64 10.29 10.71
N LEU B 484 28.59 10.94 10.22
CA LEU B 484 28.70 12.18 9.45
C LEU B 484 28.33 13.34 10.36
N LYS B 485 29.24 14.30 10.49
CA LYS B 485 29.07 15.40 11.43
C LYS B 485 29.73 16.64 10.87
N ASN B 486 29.61 17.75 11.61
CA ASN B 486 30.18 19.04 11.22
C ASN B 486 29.61 19.50 9.88
N ILE B 487 28.29 19.69 9.86
CA ILE B 487 27.56 20.12 8.67
C ILE B 487 27.34 21.62 8.75
N GLN B 488 27.70 22.33 7.68
CA GLN B 488 27.58 23.77 7.64
C GLN B 488 26.33 24.17 6.84
N ASP B 489 26.20 25.47 6.59
CA ASP B 489 25.09 25.96 5.79
C ASP B 489 25.26 25.57 4.33
N ILE B 490 24.16 25.17 3.70
CA ILE B 490 24.15 24.79 2.29
C ILE B 490 23.21 25.71 1.56
N SER B 491 23.71 26.37 0.52
CA SER B 491 22.90 27.30 -0.27
C SER B 491 21.99 26.49 -1.19
N TRP B 492 20.76 26.29 -0.77
CA TRP B 492 19.82 25.46 -1.52
C TRP B 492 19.30 26.20 -2.75
N HIS B 493 18.40 25.53 -3.47
CA HIS B 493 17.80 26.08 -4.67
C HIS B 493 16.35 26.53 -4.46
N THR B 494 15.90 26.60 -3.21
CA THR B 494 14.53 26.97 -2.90
C THR B 494 14.40 28.49 -2.82
N ILE B 495 13.17 28.97 -2.57
CA ILE B 495 12.91 30.40 -2.60
C ILE B 495 13.54 31.10 -1.40
N ASN B 496 13.33 30.56 -0.20
CA ASN B 496 13.82 31.15 1.04
C ASN B 496 14.75 30.17 1.75
N ASN B 497 15.64 29.55 0.97
CA ASN B 497 16.74 28.74 1.51
C ASN B 497 16.25 27.70 2.50
N THR B 498 15.15 27.05 2.17
CA THR B 498 14.58 25.99 3.01
C THR B 498 15.00 24.63 2.45
N ILE B 499 15.12 23.65 3.35
CA ILE B 499 15.51 22.30 2.96
C ILE B 499 14.48 21.74 1.98
N PRO B 500 14.91 21.27 0.80
CA PRO B 500 13.95 20.67 -0.13
C PRO B 500 13.27 19.46 0.48
N MET B 501 11.98 19.33 0.21
CA MET B 501 11.19 18.21 0.71
C MET B 501 11.20 17.09 -0.31
N SER B 502 11.57 15.89 0.13
CA SER B 502 11.66 14.71 -0.73
C SER B 502 11.01 13.52 -0.07
N MET B 503 9.79 13.72 0.43
CA MET B 503 8.99 12.66 1.04
C MET B 503 7.88 12.26 0.08
N CYS B 504 7.58 10.96 0.04
CA CYS B 504 6.54 10.48 -0.87
C CYS B 504 5.14 10.61 -0.27
N SER B 505 5.03 10.48 1.05
CA SER B 505 3.74 10.56 1.73
C SER B 505 3.80 11.63 2.79
N LYS B 506 2.81 12.51 2.80
CA LYS B 506 2.74 13.56 3.82
C LYS B 506 2.48 12.95 5.19
N ARG B 507 2.92 13.65 6.23
CA ARG B 507 2.67 13.20 7.59
C ARG B 507 1.19 13.26 7.90
N CYS B 508 0.67 12.18 8.46
CA CYS B 508 -0.76 12.09 8.74
C CYS B 508 -1.16 13.05 9.85
N GLN B 509 -2.37 13.59 9.74
CA GLN B 509 -2.92 14.43 10.79
C GLN B 509 -3.15 13.60 12.05
N SER B 510 -3.03 14.25 13.20
CA SER B 510 -3.14 13.57 14.50
C SER B 510 -4.44 12.78 14.61
N GLY B 511 -4.32 11.48 14.91
CA GLY B 511 -5.48 10.62 15.03
C GLY B 511 -6.03 10.16 13.69
N GLN B 512 -5.14 9.73 12.79
CA GLN B 512 -5.53 9.30 11.46
C GLN B 512 -4.80 8.00 11.13
N LYS B 513 -5.56 7.02 10.63
CA LYS B 513 -4.98 5.72 10.30
C LYS B 513 -4.02 5.82 9.12
N LYS B 514 -2.95 5.02 9.18
CA LYS B 514 -2.01 4.90 8.07
C LYS B 514 -2.33 3.62 7.30
N LYS B 515 -2.43 3.75 5.98
CA LYS B 515 -2.72 2.61 5.12
C LYS B 515 -1.67 2.54 4.02
N PRO B 516 -0.88 1.47 3.94
CA PRO B 516 0.11 1.37 2.87
C PRO B 516 -0.55 1.39 1.49
N VAL B 517 0.10 2.06 0.55
CA VAL B 517 -0.44 2.21 -0.79
C VAL B 517 0.34 1.39 -1.83
N GLY B 518 1.58 1.03 -1.56
CA GLY B 518 2.37 0.26 -2.49
C GLY B 518 3.37 -0.61 -1.79
N ILE B 519 4.36 -1.07 -2.56
CA ILE B 519 5.39 -1.93 -1.99
C ILE B 519 6.28 -1.17 -1.02
N HIS B 520 6.48 0.12 -1.26
CA HIS B 520 7.38 0.92 -0.43
C HIS B 520 6.75 1.18 0.94
N VAL B 521 7.52 0.90 1.99
CA VAL B 521 7.00 1.04 3.35
C VAL B 521 6.79 2.51 3.70
N CYS B 522 7.68 3.39 3.23
CA CYS B 522 7.60 4.80 3.60
C CYS B 522 6.46 5.54 2.92
N CYS B 523 5.81 4.94 1.93
CA CYS B 523 4.70 5.56 1.23
C CYS B 523 3.38 5.00 1.76
N PHE B 524 2.46 5.89 2.10
CA PHE B 524 1.18 5.48 2.67
C PHE B 524 0.14 6.57 2.40
N GLU B 525 -1.12 6.23 2.64
CA GLU B 525 -2.21 7.17 2.58
C GLU B 525 -2.83 7.33 3.95
N CYS B 526 -3.27 8.55 4.27
CA CYS B 526 -3.87 8.86 5.55
C CYS B 526 -5.39 8.80 5.41
N ILE B 527 -6.00 7.81 6.04
CA ILE B 527 -7.44 7.66 6.07
C ILE B 527 -7.90 7.79 7.51
N ASP B 528 -8.88 8.66 7.74
CA ASP B 528 -9.27 9.00 9.10
C ASP B 528 -10.04 7.86 9.76
N CYS B 529 -9.88 7.73 11.06
CA CYS B 529 -10.58 6.69 11.82
C CYS B 529 -12.08 6.95 11.80
N LEU B 530 -12.85 5.89 11.60
CA LEU B 530 -14.30 5.99 11.61
C LEU B 530 -14.79 6.33 13.01
N PRO B 531 -16.01 6.87 13.14
CA PRO B 531 -16.52 7.21 14.48
C PRO B 531 -16.62 5.98 15.37
N GLY B 532 -16.32 6.17 16.65
CA GLY B 532 -16.30 5.10 17.61
C GLY B 532 -14.95 4.47 17.86
N THR B 533 -13.90 4.92 17.17
CA THR B 533 -12.57 4.35 17.35
C THR B 533 -11.55 5.49 17.37
N PHE B 534 -10.38 5.19 17.93
CA PHE B 534 -9.28 6.15 17.97
C PHE B 534 -8.05 5.45 17.43
N LEU B 535 -6.89 6.08 17.58
CA LEU B 535 -5.62 5.49 17.19
C LEU B 535 -4.63 5.58 18.35
N ASN B 536 -4.13 4.44 18.79
CA ASN B 536 -3.09 4.38 19.81
C ASN B 536 -1.75 4.36 19.10
N HIS B 537 -1.13 5.53 18.96
CA HIS B 537 0.14 5.65 18.25
C HIS B 537 1.22 4.79 18.89
N THR B 538 1.19 4.64 20.22
CA THR B 538 2.19 3.84 20.91
C THR B 538 2.11 2.37 20.51
N GLU B 539 0.89 1.84 20.35
CA GLU B 539 0.74 0.42 20.04
C GLU B 539 0.97 0.15 18.56
N ASP B 540 0.12 0.72 17.70
CA ASP B 540 0.21 0.47 16.26
C ASP B 540 -0.56 1.57 15.54
N GLU B 541 0.14 2.28 14.65
CA GLU B 541 -0.43 3.42 13.94
C GLU B 541 -1.03 3.04 12.60
N TYR B 542 -1.05 1.76 12.23
CA TYR B 542 -1.56 1.33 10.94
C TYR B 542 -3.03 0.97 10.95
N GLU B 543 -3.63 0.74 12.13
CA GLU B 543 -5.04 0.36 12.21
C GLU B 543 -5.68 1.05 13.40
N CYS B 544 -6.94 1.46 13.24
CA CYS B 544 -7.69 2.05 14.32
C CYS B 544 -7.98 1.01 15.41
N GLN B 545 -8.06 1.50 16.65
CA GLN B 545 -8.37 0.65 17.82
C GLN B 545 -9.55 1.27 18.55
N ALA B 546 -10.67 0.55 18.58
CA ALA B 546 -11.89 1.08 19.17
C ALA B 546 -11.79 1.07 20.70
N CYS B 547 -12.54 1.97 21.33
CA CYS B 547 -12.53 2.10 22.78
C CYS B 547 -13.54 1.14 23.39
N PRO B 548 -13.14 0.31 24.36
CA PRO B 548 -14.11 -0.56 25.03
C PRO B 548 -14.96 0.19 26.05
N ASN B 549 -15.73 -0.56 26.84
CA ASN B 549 -16.49 -0.02 27.96
C ASN B 549 -17.60 0.92 27.51
N ASN B 550 -18.15 0.66 26.33
CA ASN B 550 -19.37 1.33 25.86
C ASN B 550 -19.24 2.84 25.82
N GLU B 551 -18.11 3.36 25.36
CA GLU B 551 -17.91 4.79 25.20
C GLU B 551 -17.59 5.10 23.74
N TRP B 552 -18.03 6.25 23.28
CA TRP B 552 -17.99 6.62 21.87
C TRP B 552 -16.93 7.69 21.61
N SER B 553 -16.50 7.79 20.36
CA SER B 553 -15.51 8.76 19.93
C SER B 553 -15.98 9.44 18.64
N TYR B 554 -15.59 10.71 18.49
CA TYR B 554 -15.94 11.47 17.31
C TYR B 554 -14.93 11.23 16.19
N GLN B 555 -15.06 12.00 15.11
CA GLN B 555 -14.14 11.91 13.99
C GLN B 555 -12.77 12.45 14.39
N SER B 556 -11.73 11.77 13.91
CA SER B 556 -10.33 12.21 14.09
C SER B 556 -10.01 12.48 15.55
N GLU B 557 -10.51 11.63 16.44
CA GLU B 557 -10.32 11.78 17.88
C GLU B 557 -9.47 10.62 18.38
N THR B 558 -8.40 10.93 19.12
CA THR B 558 -7.49 9.94 19.66
C THR B 558 -7.77 9.60 21.12
N SER B 559 -8.80 10.21 21.72
CA SER B 559 -9.10 10.00 23.14
C SER B 559 -10.60 9.75 23.28
N CYS B 560 -10.98 8.50 23.47
CA CYS B 560 -12.38 8.16 23.68
C CYS B 560 -12.89 8.74 24.99
N PHE B 561 -14.10 9.27 24.97
CA PHE B 561 -14.73 9.86 26.14
C PHE B 561 -15.87 8.96 26.61
N LYS B 562 -16.02 8.84 27.93
CA LYS B 562 -17.05 7.98 28.49
C LYS B 562 -18.43 8.55 28.22
N ARG B 563 -19.32 7.73 27.67
CA ARG B 563 -20.70 8.13 27.47
C ARG B 563 -21.38 8.33 28.81
N GLN B 564 -21.87 9.54 29.05
CA GLN B 564 -22.58 9.82 30.29
C GLN B 564 -23.94 9.13 30.25
N LEU B 565 -24.34 8.58 31.40
CA LEU B 565 -25.58 7.81 31.48
C LEU B 565 -26.71 8.76 31.89
N VAL B 566 -27.64 9.00 30.97
CA VAL B 566 -28.78 9.86 31.22
C VAL B 566 -30.01 8.99 31.45
N PHE B 567 -30.76 9.31 32.50
CA PHE B 567 -31.98 8.59 32.83
C PHE B 567 -32.89 9.52 33.61
N LEU B 568 -34.04 8.99 34.02
CA LEU B 568 -35.02 9.78 34.75
C LEU B 568 -34.53 10.04 36.17
N GLU B 569 -34.27 11.30 36.49
CA GLU B 569 -33.80 11.69 37.81
C GLU B 569 -34.94 12.39 38.54
N TRP B 570 -34.90 12.31 39.87
CA TRP B 570 -35.99 12.85 40.68
C TRP B 570 -36.17 14.35 40.48
N HIS B 571 -35.06 15.09 40.40
CA HIS B 571 -35.12 16.55 40.33
C HIS B 571 -34.98 17.03 38.88
N GLU B 572 -36.09 16.94 38.16
CA GLU B 572 -36.23 17.48 36.82
C GLU B 572 -37.64 18.04 36.67
N ALA B 573 -37.83 18.86 35.64
CA ALA B 573 -39.11 19.54 35.46
C ALA B 573 -40.22 18.59 35.00
N PRO B 574 -40.06 17.85 33.89
CA PRO B 574 -41.16 16.95 33.48
C PRO B 574 -41.46 15.89 34.51
N THR B 575 -40.44 15.36 35.18
CA THR B 575 -40.67 14.32 36.17
C THR B 575 -41.36 14.87 37.41
N ILE B 576 -41.05 16.12 37.80
CA ILE B 576 -41.74 16.69 38.95
C ILE B 576 -43.17 17.04 38.60
N ALA B 577 -43.43 17.43 37.35
CA ALA B 577 -44.80 17.63 36.91
C ALA B 577 -45.59 16.32 36.96
N VAL B 578 -44.98 15.24 36.47
CA VAL B 578 -45.61 13.92 36.51
C VAL B 578 -45.84 13.49 37.95
N ALA B 579 -44.87 13.74 38.83
CA ALA B 579 -45.01 13.37 40.23
C ALA B 579 -46.14 14.13 40.90
N LEU B 580 -46.25 15.43 40.63
CA LEU B 580 -47.34 16.22 41.20
C LEU B 580 -48.69 15.73 40.70
N LEU B 581 -48.78 15.43 39.39
CA LEU B 581 -50.03 14.94 38.83
C LEU B 581 -50.42 13.59 39.44
N ALA B 582 -49.45 12.68 39.56
CA ALA B 582 -49.70 11.37 40.16
C ALA B 582 -50.06 11.49 41.63
N ALA B 583 -49.43 12.43 42.36
CA ALA B 583 -49.77 12.63 43.76
C ALA B 583 -51.18 13.16 43.91
N LEU B 584 -51.59 14.09 43.03
CA LEU B 584 -52.97 14.56 43.05
C LEU B 584 -53.94 13.41 42.80
N GLY B 585 -53.65 12.57 41.81
CA GLY B 585 -54.51 11.42 41.55
C GLY B 585 -54.56 10.46 42.73
N PHE B 586 -53.41 10.20 43.36
CA PHE B 586 -53.36 9.29 44.49
C PHE B 586 -54.15 9.83 45.66
N LEU B 587 -54.01 11.12 45.96
CA LEU B 587 -54.78 11.72 47.04
C LEU B 587 -56.27 11.67 46.75
N SER B 588 -56.66 11.96 45.50
CA SER B 588 -58.08 11.94 45.17
C SER B 588 -58.66 10.54 45.30
N THR B 589 -57.94 9.52 44.83
CA THR B 589 -58.49 8.16 44.91
C THR B 589 -58.45 7.63 46.34
N LEU B 590 -57.47 8.05 47.14
CA LEU B 590 -57.47 7.67 48.55
C LEU B 590 -58.65 8.29 49.29
N ALA B 591 -58.95 9.56 48.99
CA ALA B 591 -60.13 10.19 49.56
C ALA B 591 -61.40 9.49 49.10
N ILE B 592 -61.43 9.05 47.84
CA ILE B 592 -62.58 8.31 47.33
C ILE B 592 -62.77 7.01 48.10
N LEU B 593 -61.67 6.29 48.36
CA LEU B 593 -61.77 5.07 49.14
C LEU B 593 -62.24 5.35 50.56
N VAL B 594 -61.72 6.42 51.18
CA VAL B 594 -62.14 6.77 52.53
C VAL B 594 -63.64 7.04 52.57
N ILE B 595 -64.12 7.82 51.59
CA ILE B 595 -65.55 8.12 51.54
C ILE B 595 -66.37 6.86 51.31
N PHE B 596 -65.93 6.01 50.38
CA PHE B 596 -66.68 4.79 50.08
C PHE B 596 -66.75 3.87 51.29
N TRP B 597 -65.66 3.76 52.06
CA TRP B 597 -65.74 2.98 53.29
C TRP B 597 -66.57 3.69 54.35
N ARG B 598 -66.70 5.01 54.26
CA ARG B 598 -67.55 5.74 55.19
C ARG B 598 -69.03 5.48 54.97
N HIS B 599 -69.46 5.29 53.72
CA HIS B 599 -70.87 4.99 53.41
C HIS B 599 -70.93 3.61 52.76
N PHE B 600 -71.49 2.64 53.50
CA PHE B 600 -71.81 1.33 52.95
C PHE B 600 -73.26 1.01 53.28
N GLN B 601 -73.71 -0.16 52.83
CA GLN B 601 -75.13 -0.52 52.86
C GLN B 601 -75.96 0.54 52.14
N THR B 602 -75.40 1.06 51.05
CA THR B 602 -75.97 2.11 50.23
C THR B 602 -76.27 1.53 48.85
N PRO B 603 -77.42 1.89 48.24
CA PRO B 603 -77.78 1.25 46.97
C PRO B 603 -76.73 1.39 45.88
N ILE B 604 -76.01 2.51 45.82
CA ILE B 604 -74.99 2.66 44.78
C ILE B 604 -73.85 1.68 44.99
N VAL B 605 -73.39 1.53 46.24
CA VAL B 605 -72.25 0.64 46.51
C VAL B 605 -72.68 -0.81 46.70
N ARG B 606 -73.97 -1.09 46.79
CA ARG B 606 -74.46 -2.45 46.96
C ARG B 606 -74.97 -3.06 45.66
N SER B 607 -75.77 -2.31 44.88
CA SER B 607 -76.17 -2.79 43.56
C SER B 607 -74.95 -2.95 42.66
N ALA B 608 -74.03 -1.99 42.70
CA ALA B 608 -72.75 -2.16 42.04
C ALA B 608 -71.84 -3.05 42.90
N GLY B 609 -70.79 -3.57 42.28
CA GLY B 609 -69.88 -4.46 42.97
C GLY B 609 -69.12 -3.79 44.10
N GLY B 610 -69.47 -4.15 45.33
CA GLY B 610 -68.76 -3.65 46.49
C GLY B 610 -67.33 -4.12 46.53
N PRO B 611 -67.12 -5.44 46.65
CA PRO B 611 -65.75 -5.97 46.58
C PRO B 611 -65.05 -5.62 45.27
N MET B 612 -65.77 -5.60 44.15
CA MET B 612 -65.17 -5.19 42.89
C MET B 612 -64.59 -3.80 42.98
N CYS B 613 -65.40 -2.83 43.40
CA CYS B 613 -64.92 -1.45 43.48
C CYS B 613 -63.81 -1.31 44.50
N PHE B 614 -63.91 -2.00 45.64
CA PHE B 614 -62.87 -1.90 46.65
C PHE B 614 -61.53 -2.43 46.14
N LEU B 615 -61.55 -3.59 45.47
CA LEU B 615 -60.29 -4.14 44.96
C LEU B 615 -59.75 -3.29 43.81
N MET B 616 -60.64 -2.75 42.98
CA MET B 616 -60.20 -1.84 41.93
C MET B 616 -59.51 -0.62 42.50
N LEU B 617 -60.10 -0.01 43.53
CA LEU B 617 -59.52 1.20 44.10
C LEU B 617 -58.22 0.91 44.85
N THR B 618 -58.14 -0.24 45.51
CA THR B 618 -56.89 -0.60 46.17
C THR B 618 -55.78 -0.86 45.15
N LEU B 619 -56.11 -1.52 44.03
CA LEU B 619 -55.12 -1.73 42.99
C LEU B 619 -54.70 -0.41 42.35
N LEU B 620 -55.63 0.53 42.20
CA LEU B 620 -55.29 1.86 41.71
C LEU B 620 -54.36 2.58 42.69
N LEU B 621 -54.63 2.44 44.00
CA LEU B 621 -53.73 2.98 45.01
C LEU B 621 -52.34 2.40 44.85
N VAL B 622 -52.25 1.07 44.66
CA VAL B 622 -50.95 0.42 44.49
C VAL B 622 -50.25 0.95 43.25
N ALA B 623 -50.98 1.10 42.15
CA ALA B 623 -50.38 1.60 40.92
C ALA B 623 -49.83 3.01 41.12
N TYR B 624 -50.60 3.87 41.79
CA TYR B 624 -50.10 5.22 42.08
C TYR B 624 -48.89 5.20 42.99
N MET B 625 -48.87 4.31 44.00
CA MET B 625 -47.74 4.25 44.91
C MET B 625 -46.49 3.71 44.23
N VAL B 626 -46.65 2.85 43.22
CA VAL B 626 -45.51 2.33 42.48
C VAL B 626 -45.18 3.18 41.26
N VAL B 627 -45.97 4.22 40.97
CA VAL B 627 -45.59 5.18 39.93
C VAL B 627 -44.16 5.72 40.12
N PRO B 628 -43.74 6.14 41.32
CA PRO B 628 -42.40 6.74 41.44
C PRO B 628 -41.24 5.76 41.29
N VAL B 629 -41.47 4.45 41.13
CA VAL B 629 -40.32 3.56 40.94
C VAL B 629 -39.74 3.73 39.54
N TYR B 630 -40.53 4.28 38.61
CA TYR B 630 -40.04 4.49 37.25
C TYR B 630 -38.83 5.42 37.25
N VAL B 631 -38.90 6.51 38.00
CA VAL B 631 -37.81 7.46 38.07
C VAL B 631 -36.73 6.92 39.00
N GLY B 632 -35.48 7.08 38.58
CA GLY B 632 -34.35 6.52 39.29
C GLY B 632 -33.53 5.62 38.39
N PRO B 633 -32.42 5.10 38.92
CA PRO B 633 -31.58 4.20 38.13
C PRO B 633 -32.31 2.90 37.81
N PRO B 634 -32.47 2.57 36.53
CA PRO B 634 -33.19 1.34 36.17
C PRO B 634 -32.42 0.09 36.52
N LYS B 635 -32.89 -0.64 37.52
CA LYS B 635 -32.28 -1.90 37.94
C LYS B 635 -33.22 -3.06 37.61
N VAL B 636 -32.74 -4.27 37.86
CA VAL B 636 -33.53 -5.47 37.52
C VAL B 636 -34.80 -5.54 38.36
N SER B 637 -34.70 -5.26 39.66
CA SER B 637 -35.88 -5.29 40.51
C SER B 637 -36.85 -4.19 40.13
N THR B 638 -36.33 -3.02 39.74
CA THR B 638 -37.18 -1.91 39.34
C THR B 638 -38.07 -2.30 38.17
N CYS B 639 -37.47 -2.82 37.09
CA CYS B 639 -38.27 -3.20 35.93
C CYS B 639 -39.15 -4.40 36.24
N LEU B 640 -38.66 -5.34 37.06
CA LEU B 640 -39.47 -6.50 37.42
C LEU B 640 -40.77 -6.07 38.11
N CYS B 641 -40.65 -5.25 39.16
CA CYS B 641 -41.85 -4.80 39.86
C CYS B 641 -42.70 -3.89 38.97
N ARG B 642 -42.06 -3.05 38.15
CA ARG B 642 -42.80 -2.17 37.26
C ARG B 642 -43.69 -2.97 36.31
N GLN B 643 -43.10 -3.93 35.61
CA GLN B 643 -43.83 -4.68 34.60
C GLN B 643 -44.69 -5.80 35.20
N ALA B 644 -44.51 -6.11 36.49
CA ALA B 644 -45.39 -7.04 37.15
C ALA B 644 -46.55 -6.36 37.87
N LEU B 645 -46.47 -5.05 38.10
CA LEU B 645 -47.54 -4.32 38.78
C LEU B 645 -48.35 -3.44 37.83
N PHE B 646 -47.70 -2.61 37.02
CA PHE B 646 -48.46 -1.68 36.17
C PHE B 646 -49.33 -2.39 35.15
N PRO B 647 -48.82 -3.23 34.24
CA PRO B 647 -49.71 -3.86 33.27
C PRO B 647 -50.75 -4.75 33.92
N LEU B 648 -50.36 -5.49 34.96
CA LEU B 648 -51.32 -6.38 35.64
C LEU B 648 -52.49 -5.59 36.21
N CYS B 649 -52.20 -4.55 36.98
CA CYS B 649 -53.25 -3.77 37.61
C CYS B 649 -54.10 -3.05 36.56
N PHE B 650 -53.47 -2.48 35.54
CA PHE B 650 -54.25 -1.76 34.55
C PHE B 650 -55.16 -2.70 33.77
N THR B 651 -54.64 -3.86 33.36
CA THR B 651 -55.46 -4.81 32.62
C THR B 651 -56.58 -5.37 33.49
N ILE B 652 -56.31 -5.59 34.77
CA ILE B 652 -57.37 -6.10 35.65
C ILE B 652 -58.46 -5.04 35.82
N CYS B 653 -58.07 -3.76 35.87
CA CYS B 653 -59.05 -2.68 35.95
C CYS B 653 -59.89 -2.62 34.68
N ILE B 654 -59.24 -2.71 33.52
CA ILE B 654 -59.98 -2.63 32.26
C ILE B 654 -60.92 -3.80 32.12
N SER B 655 -60.47 -5.00 32.53
CA SER B 655 -61.32 -6.18 32.45
C SER B 655 -62.53 -6.06 33.38
N CYS B 656 -62.32 -5.54 34.59
CA CYS B 656 -63.45 -5.34 35.49
C CYS B 656 -64.44 -4.35 34.91
N ILE B 657 -63.95 -3.25 34.33
CA ILE B 657 -64.83 -2.27 33.72
C ILE B 657 -65.63 -2.90 32.59
N ALA B 658 -64.96 -3.66 31.73
CA ALA B 658 -65.63 -4.29 30.60
C ALA B 658 -66.67 -5.30 31.06
N VAL B 659 -66.34 -6.12 32.06
CA VAL B 659 -67.28 -7.13 32.52
C VAL B 659 -68.47 -6.50 33.24
N ARG B 660 -68.24 -5.40 33.96
CA ARG B 660 -69.36 -4.68 34.57
C ARG B 660 -70.29 -4.12 33.50
N SER B 661 -69.73 -3.48 32.47
CA SER B 661 -70.56 -2.95 31.41
C SER B 661 -71.34 -4.07 30.71
N PHE B 662 -70.66 -5.20 30.46
CA PHE B 662 -71.33 -6.34 29.84
C PHE B 662 -72.49 -6.83 30.69
N GLN B 663 -72.25 -7.07 31.98
CA GLN B 663 -73.29 -7.62 32.84
C GLN B 663 -74.41 -6.64 33.10
N ILE B 664 -74.17 -5.33 32.94
CA ILE B 664 -75.26 -4.37 33.13
C ILE B 664 -76.03 -4.06 31.85
N VAL B 665 -75.46 -4.32 30.68
CA VAL B 665 -76.11 -4.01 29.40
C VAL B 665 -76.56 -5.26 28.67
N CYS B 666 -75.61 -6.12 28.29
CA CYS B 666 -75.90 -7.21 27.36
C CYS B 666 -76.47 -8.45 28.01
N ALA B 667 -76.41 -8.55 29.35
CA ALA B 667 -76.91 -9.74 30.03
C ALA B 667 -78.42 -9.90 29.84
N PHE B 668 -79.16 -8.79 29.90
CA PHE B 668 -80.60 -8.85 29.71
C PHE B 668 -80.96 -9.37 28.32
N LYS B 669 -80.24 -8.89 27.30
CA LYS B 669 -80.50 -9.36 25.94
C LYS B 669 -80.10 -10.82 25.76
N MET B 670 -78.98 -11.24 26.36
CA MET B 670 -78.56 -12.64 26.23
C MET B 670 -79.49 -13.59 26.96
N ALA B 671 -80.11 -13.17 28.07
CA ALA B 671 -80.96 -14.07 28.83
C ALA B 671 -82.14 -14.60 28.00
N SER B 672 -82.51 -13.91 26.93
CA SER B 672 -83.62 -14.38 26.10
C SER B 672 -83.21 -15.55 25.22
N ARG B 673 -81.99 -15.53 24.68
CA ARG B 673 -81.57 -16.56 23.74
C ARG B 673 -81.02 -17.79 24.46
N PHE B 674 -80.08 -17.58 25.39
CA PHE B 674 -79.58 -18.66 26.22
C PHE B 674 -80.09 -18.53 27.65
N PRO B 675 -81.10 -19.31 28.04
CA PRO B 675 -81.53 -19.28 29.45
C PRO B 675 -80.57 -20.01 30.38
N ARG B 676 -80.04 -21.17 29.97
CA ARG B 676 -79.17 -21.93 30.85
C ARG B 676 -77.82 -21.26 31.03
N ALA B 677 -77.35 -20.51 30.03
CA ALA B 677 -76.14 -19.72 30.23
C ALA B 677 -76.34 -18.67 31.31
N TYR B 678 -77.49 -17.99 31.29
CA TYR B 678 -77.79 -17.00 32.33
C TYR B 678 -77.94 -17.66 33.69
N SER B 679 -78.58 -18.84 33.74
CA SER B 679 -78.74 -19.53 35.01
C SER B 679 -77.38 -19.96 35.57
N TYR B 680 -76.48 -20.44 34.72
CA TYR B 680 -75.13 -20.77 35.16
C TYR B 680 -74.39 -19.53 35.64
N TRP B 681 -74.57 -18.42 34.93
CA TRP B 681 -73.91 -17.17 35.29
C TRP B 681 -74.38 -16.67 36.67
N VAL B 682 -75.68 -16.78 36.94
CA VAL B 682 -76.19 -16.25 38.20
C VAL B 682 -75.97 -17.22 39.35
N ARG B 683 -75.98 -18.53 39.08
CA ARG B 683 -75.71 -19.50 40.14
C ARG B 683 -74.29 -19.36 40.67
N TYR B 684 -73.32 -19.22 39.76
CA TYR B 684 -71.95 -18.91 40.13
C TYR B 684 -71.77 -17.40 40.15
N GLN B 685 -70.53 -16.96 40.21
CA GLN B 685 -70.19 -15.54 40.11
C GLN B 685 -69.48 -15.33 38.78
N GLY B 686 -70.26 -15.08 37.73
CA GLY B 686 -69.75 -14.92 36.39
C GLY B 686 -68.73 -13.81 36.22
N PRO B 687 -69.01 -12.61 36.72
CA PRO B 687 -68.00 -11.55 36.67
C PRO B 687 -66.71 -11.93 37.39
N TYR B 688 -66.80 -12.60 38.53
CA TYR B 688 -65.59 -13.00 39.26
C TYR B 688 -64.75 -13.99 38.45
N VAL B 689 -65.39 -15.00 37.87
CA VAL B 689 -64.65 -16.03 37.14
C VAL B 689 -64.08 -15.47 35.85
N SER B 690 -64.82 -14.59 35.16
CA SER B 690 -64.29 -13.94 33.98
C SER B 690 -63.11 -13.03 34.33
N MET B 691 -63.22 -12.34 35.47
CA MET B 691 -62.12 -11.51 35.96
C MET B 691 -60.87 -12.35 36.20
N ALA B 692 -61.04 -13.50 36.87
CA ALA B 692 -59.90 -14.38 37.12
C ALA B 692 -59.31 -14.92 35.83
N PHE B 693 -60.17 -15.26 34.86
CA PHE B 693 -59.69 -15.77 33.58
C PHE B 693 -58.85 -14.73 32.84
N ILE B 694 -59.34 -13.49 32.79
CA ILE B 694 -58.57 -12.44 32.11
C ILE B 694 -57.28 -12.17 32.86
N THR B 695 -57.32 -12.22 34.20
CA THR B 695 -56.12 -11.97 34.98
C THR B 695 -55.07 -13.04 34.75
N VAL B 696 -55.48 -14.32 34.70
CA VAL B 696 -54.51 -15.38 34.45
C VAL B 696 -53.99 -15.33 33.03
N LEU B 697 -54.84 -14.95 32.06
CA LEU B 697 -54.35 -14.71 30.71
C LEU B 697 -53.27 -13.62 30.72
N LYS B 698 -53.48 -12.59 31.54
CA LYS B 698 -52.51 -11.49 31.58
C LYS B 698 -51.20 -11.92 32.23
N MET B 699 -51.25 -12.70 33.31
CA MET B 699 -49.97 -13.18 33.84
C MET B 699 -49.27 -14.09 32.83
N VAL B 700 -50.03 -14.91 32.10
CA VAL B 700 -49.41 -15.77 31.10
C VAL B 700 -48.72 -14.95 30.02
N ILE B 701 -49.39 -13.91 29.53
CA ILE B 701 -48.81 -13.12 28.45
C ILE B 701 -47.62 -12.29 28.96
N VAL B 702 -47.69 -11.79 30.20
CA VAL B 702 -46.56 -11.03 30.72
C VAL B 702 -45.38 -11.96 30.96
N VAL B 703 -45.62 -13.22 31.37
CA VAL B 703 -44.54 -14.17 31.55
C VAL B 703 -43.91 -14.54 30.19
N ILE B 704 -44.72 -14.70 29.16
CA ILE B 704 -44.14 -15.04 27.87
C ILE B 704 -43.37 -13.85 27.28
N GLY B 705 -43.86 -12.63 27.48
CA GLY B 705 -43.07 -11.46 27.10
C GLY B 705 -41.81 -11.34 27.92
N MET B 706 -41.89 -11.70 29.20
CA MET B 706 -40.72 -11.81 30.06
C MET B 706 -39.68 -12.74 29.46
N LEU B 707 -40.10 -13.95 29.08
CA LEU B 707 -39.18 -14.93 28.51
C LEU B 707 -38.64 -14.48 27.16
N ALA B 708 -39.38 -13.66 26.43
CA ALA B 708 -38.94 -13.22 25.12
C ALA B 708 -37.94 -12.07 25.19
N THR B 709 -38.29 -10.99 25.89
CA THR B 709 -37.50 -9.77 25.83
C THR B 709 -36.44 -9.66 26.93
N GLY B 710 -36.41 -10.58 27.89
CA GLY B 710 -35.40 -10.53 28.93
C GLY B 710 -35.74 -9.62 30.08
N LEU B 711 -34.76 -9.46 30.98
CA LEU B 711 -34.97 -8.75 32.23
C LEU B 711 -33.93 -7.66 32.51
N SER B 712 -32.71 -7.79 32.01
CA SER B 712 -31.68 -6.83 32.33
C SER B 712 -31.99 -5.48 31.68
N PRO B 713 -31.77 -4.37 32.39
CA PRO B 713 -31.95 -3.06 31.76
C PRO B 713 -30.99 -2.89 30.58
N THR B 714 -31.49 -2.24 29.54
CA THR B 714 -30.77 -2.12 28.28
C THR B 714 -30.16 -0.73 28.13
N THR B 715 -29.17 -0.63 27.25
CA THR B 715 -28.52 0.62 26.90
C THR B 715 -28.59 0.78 25.38
N ARG B 716 -29.33 1.78 24.92
CA ARG B 716 -29.47 2.05 23.50
C ARG B 716 -28.95 3.44 23.20
N THR B 717 -28.24 3.58 22.09
CA THR B 717 -27.64 4.84 21.69
C THR B 717 -28.63 5.60 20.82
N ASP B 718 -29.18 6.69 21.36
CA ASP B 718 -30.13 7.49 20.61
C ASP B 718 -29.41 8.24 19.48
N PRO B 719 -30.08 8.45 18.35
CA PRO B 719 -29.46 9.18 17.24
C PRO B 719 -29.22 10.65 17.53
N ASP B 720 -29.86 11.21 18.56
CA ASP B 720 -29.72 12.64 18.83
C ASP B 720 -28.28 13.01 19.18
N ASP B 721 -27.67 12.27 20.10
CA ASP B 721 -26.30 12.56 20.54
C ASP B 721 -25.68 11.28 21.07
N PRO B 722 -24.66 10.75 20.39
CA PRO B 722 -23.98 9.54 20.91
C PRO B 722 -23.30 9.77 22.25
N LYS B 723 -23.03 11.02 22.63
CA LYS B 723 -22.42 11.29 23.93
C LYS B 723 -23.29 10.81 25.07
N ILE B 724 -24.61 10.88 24.91
CA ILE B 724 -25.54 10.47 25.96
C ILE B 724 -26.05 9.08 25.65
N THR B 725 -26.52 8.39 26.68
CA THR B 725 -27.04 7.02 26.56
C THR B 725 -28.22 6.87 27.51
N ILE B 726 -29.43 6.87 26.96
CA ILE B 726 -30.61 6.63 27.78
C ILE B 726 -30.69 5.14 28.12
N VAL B 727 -31.30 4.84 29.26
CA VAL B 727 -31.43 3.47 29.74
C VAL B 727 -32.89 3.18 30.04
N SER B 728 -33.46 2.26 29.29
CA SER B 728 -34.74 1.64 29.61
C SER B 728 -34.50 0.23 30.10
N CYS B 729 -35.55 -0.43 30.56
CA CYS B 729 -35.38 -1.77 31.11
C CYS B 729 -35.71 -2.88 30.11
N ASN B 730 -36.55 -2.60 29.12
CA ASN B 730 -36.87 -3.58 28.09
C ASN B 730 -36.01 -3.33 26.87
N PRO B 731 -35.14 -4.27 26.47
CA PRO B 731 -34.35 -4.06 25.25
C PRO B 731 -35.20 -3.84 24.01
N ASN B 732 -36.32 -4.54 23.90
CA ASN B 732 -37.28 -4.35 22.82
C ASN B 732 -38.57 -3.81 23.43
N TYR B 733 -38.68 -2.49 23.47
CA TYR B 733 -39.84 -1.84 24.05
C TYR B 733 -41.00 -1.66 23.08
N ARG B 734 -40.70 -1.50 21.79
CA ARG B 734 -41.75 -1.23 20.81
C ARG B 734 -42.74 -2.38 20.72
N ASN B 735 -42.24 -3.60 20.51
CA ASN B 735 -43.12 -4.75 20.38
C ASN B 735 -43.83 -5.06 21.69
N SER B 736 -43.15 -4.89 22.82
CA SER B 736 -43.78 -5.17 24.11
C SER B 736 -44.95 -4.23 24.37
N LEU B 737 -44.74 -2.92 24.18
CA LEU B 737 -45.85 -2.00 24.37
C LEU B 737 -46.92 -2.21 23.33
N LEU B 738 -46.53 -2.62 22.11
CA LEU B 738 -47.52 -2.90 21.08
C LEU B 738 -48.42 -4.05 21.49
N PHE B 739 -47.85 -5.14 22.01
CA PHE B 739 -48.67 -6.26 22.48
C PHE B 739 -49.55 -5.86 23.65
N ASN B 740 -48.99 -5.11 24.61
CA ASN B 740 -49.78 -4.71 25.77
C ASN B 740 -50.96 -3.84 25.35
N THR B 741 -50.71 -2.85 24.48
CA THR B 741 -51.78 -1.98 24.01
C THR B 741 -52.76 -2.74 23.12
N SER B 742 -52.28 -3.73 22.36
CA SER B 742 -53.18 -4.53 21.54
C SER B 742 -54.18 -5.29 22.42
N LEU B 743 -53.69 -5.92 23.49
CA LEU B 743 -54.60 -6.60 24.41
C LEU B 743 -55.54 -5.61 25.07
N ASP B 744 -55.01 -4.48 25.54
CA ASP B 744 -55.83 -3.49 26.23
C ASP B 744 -56.92 -2.96 25.31
N LEU B 745 -56.60 -2.68 24.05
CA LEU B 745 -57.59 -2.15 23.12
C LEU B 745 -58.56 -3.22 22.63
N LEU B 746 -58.10 -4.48 22.53
CA LEU B 746 -59.04 -5.56 22.21
C LEU B 746 -60.09 -5.71 23.29
N LEU B 747 -59.70 -5.51 24.55
CA LEU B 747 -60.68 -5.49 25.62
C LEU B 747 -61.50 -4.20 25.61
N SER B 748 -60.85 -3.09 25.27
CA SER B 748 -61.48 -1.78 25.30
C SER B 748 -62.60 -1.66 24.28
N VAL B 749 -62.41 -2.22 23.08
CA VAL B 749 -63.42 -2.09 22.05
C VAL B 749 -64.72 -2.77 22.45
N VAL B 750 -64.62 -4.00 23.00
CA VAL B 750 -65.83 -4.70 23.40
C VAL B 750 -66.46 -4.03 24.62
N GLY B 751 -65.63 -3.55 25.56
CA GLY B 751 -66.20 -2.83 26.69
C GLY B 751 -66.95 -1.58 26.28
N PHE B 752 -66.34 -0.79 25.38
CA PHE B 752 -66.97 0.44 24.93
C PHE B 752 -68.24 0.17 24.13
N SER B 753 -68.22 -0.86 23.27
CA SER B 753 -69.43 -1.21 22.53
C SER B 753 -70.54 -1.66 23.46
N PHE B 754 -70.20 -2.46 24.48
CA PHE B 754 -71.20 -2.91 25.45
C PHE B 754 -71.80 -1.71 26.19
N ALA B 755 -70.96 -0.75 26.57
CA ALA B 755 -71.48 0.43 27.24
C ALA B 755 -72.34 1.28 26.29
N TYR B 756 -71.95 1.37 25.03
CA TYR B 756 -72.61 2.29 24.11
C TYR B 756 -73.97 1.75 23.69
N MET B 757 -74.08 0.43 23.51
CA MET B 757 -75.38 -0.14 23.16
C MET B 757 -76.42 0.09 24.25
N GLY B 758 -76.00 0.21 25.49
CA GLY B 758 -76.91 0.46 26.59
C GLY B 758 -76.61 1.77 27.29
N LYS B 759 -76.25 2.78 26.47
CA LYS B 759 -75.80 4.06 27.00
C LYS B 759 -76.90 4.83 27.73
N GLU B 760 -78.15 4.68 27.33
CA GLU B 760 -79.24 5.46 27.91
C GLU B 760 -79.88 4.78 29.13
N LEU B 761 -79.49 3.56 29.45
CA LEU B 761 -80.12 2.86 30.56
C LEU B 761 -79.69 3.48 31.90
N PRO B 762 -80.64 3.78 32.79
CA PRO B 762 -80.25 4.30 34.12
C PRO B 762 -79.37 3.35 34.90
N THR B 763 -79.53 2.03 34.71
CA THR B 763 -78.75 0.97 35.35
C THR B 763 -78.32 1.34 36.78
N ASN B 764 -77.03 1.22 37.12
CA ASN B 764 -76.54 1.58 38.45
C ASN B 764 -76.05 3.02 38.44
N TYR B 765 -77.02 3.93 38.31
CA TYR B 765 -76.77 5.38 38.24
C TYR B 765 -75.88 5.74 37.05
N ASN B 766 -76.38 5.40 35.86
CA ASN B 766 -75.81 5.83 34.58
C ASN B 766 -74.39 5.30 34.41
N GLU B 767 -74.21 4.00 34.67
CA GLU B 767 -72.88 3.40 34.57
C GLU B 767 -72.36 3.42 33.14
N ALA B 768 -73.24 3.16 32.17
CA ALA B 768 -72.80 3.04 30.78
C ALA B 768 -72.18 4.33 30.27
N LYS B 769 -72.76 5.47 30.66
CA LYS B 769 -72.27 6.76 30.17
C LYS B 769 -70.85 7.05 30.65
N PHE B 770 -70.60 6.92 31.97
CA PHE B 770 -69.26 7.21 32.48
C PHE B 770 -68.23 6.20 31.99
N ILE B 771 -68.63 4.92 31.93
CA ILE B 771 -67.74 3.92 31.37
C ILE B 771 -67.38 4.27 29.93
N THR B 772 -68.37 4.71 29.14
CA THR B 772 -68.11 5.09 27.76
C THR B 772 -67.14 6.27 27.68
N LEU B 773 -67.36 7.31 28.48
CA LEU B 773 -66.49 8.47 28.39
C LEU B 773 -65.06 8.13 28.81
N SER B 774 -64.90 7.38 29.90
CA SER B 774 -63.57 6.99 30.34
C SER B 774 -62.87 6.12 29.30
N MET B 775 -63.63 5.19 28.69
CA MET B 775 -63.02 4.24 27.76
C MET B 775 -62.64 4.94 26.45
N THR B 776 -63.45 5.90 26.01
CA THR B 776 -63.08 6.69 24.84
C THR B 776 -61.86 7.57 25.14
N PHE B 777 -61.77 8.11 26.35
CA PHE B 777 -60.60 8.89 26.73
C PHE B 777 -59.35 8.02 26.66
N TYR B 778 -59.45 6.78 27.17
CA TYR B 778 -58.32 5.86 27.05
C TYR B 778 -58.01 5.52 25.60
N PHE B 779 -59.04 5.36 24.77
CA PHE B 779 -58.79 5.04 23.36
C PHE B 779 -58.01 6.17 22.69
N THR B 780 -58.41 7.41 22.94
CA THR B 780 -57.70 8.55 22.36
C THR B 780 -56.27 8.65 22.90
N SER B 781 -56.09 8.40 24.19
CA SER B 781 -54.74 8.46 24.76
C SER B 781 -53.84 7.37 24.18
N SER B 782 -54.38 6.17 24.00
CA SER B 782 -53.60 5.09 23.40
C SER B 782 -53.22 5.41 21.96
N VAL B 783 -54.16 5.99 21.20
CA VAL B 783 -53.84 6.39 19.83
C VAL B 783 -52.76 7.46 19.83
N SER B 784 -52.83 8.40 20.78
CA SER B 784 -51.81 9.43 20.89
C SER B 784 -50.43 8.81 21.17
N LEU B 785 -50.39 7.85 22.09
CA LEU B 785 -49.13 7.14 22.35
C LEU B 785 -48.61 6.47 21.09
N CYS B 786 -49.50 5.78 20.37
CA CYS B 786 -49.07 5.06 19.18
C CYS B 786 -48.48 6.00 18.14
N THR B 787 -49.16 7.12 17.87
CA THR B 787 -48.67 8.03 16.84
C THR B 787 -47.40 8.74 17.29
N PHE B 788 -47.32 9.11 18.57
CA PHE B 788 -46.09 9.72 19.08
C PHE B 788 -44.90 8.78 18.96
N MET B 789 -45.08 7.51 19.35
CA MET B 789 -43.97 6.57 19.26
C MET B 789 -43.60 6.30 17.80
N SER B 790 -44.60 6.17 16.93
CA SER B 790 -44.32 5.95 15.51
C SER B 790 -43.61 7.14 14.88
N ALA B 791 -43.81 8.34 15.40
CA ALA B 791 -43.19 9.54 14.83
C ALA B 791 -42.06 10.11 15.67
N TYR B 792 -41.61 9.41 16.71
CA TYR B 792 -40.54 9.94 17.55
C TYR B 792 -39.92 8.81 18.34
N SER B 793 -38.59 8.88 18.49
CA SER B 793 -37.85 7.93 19.31
C SER B 793 -36.64 8.66 19.88
N GLY B 794 -36.67 8.94 21.18
CA GLY B 794 -35.60 9.68 21.80
C GLY B 794 -35.54 9.58 23.31
N VAL B 795 -35.17 10.66 23.97
CA VAL B 795 -35.02 10.64 25.42
C VAL B 795 -36.37 10.77 26.12
N LEU B 796 -37.33 11.45 25.50
CA LEU B 796 -38.61 11.71 26.14
C LEU B 796 -39.58 10.55 26.05
N VAL B 797 -39.17 9.41 25.49
CA VAL B 797 -40.08 8.28 25.36
C VAL B 797 -40.53 7.79 26.74
N THR B 798 -39.61 7.74 27.70
CA THR B 798 -39.94 7.25 29.03
C THR B 798 -40.90 8.20 29.75
N ILE B 799 -40.65 9.51 29.65
CA ILE B 799 -41.53 10.47 30.32
C ILE B 799 -42.90 10.51 29.65
N VAL B 800 -42.94 10.32 28.33
CA VAL B 800 -44.23 10.23 27.64
C VAL B 800 -44.98 8.98 28.08
N ASP B 801 -44.28 7.86 28.24
CA ASP B 801 -44.92 6.64 28.72
C ASP B 801 -45.47 6.84 30.14
N LEU B 802 -44.70 7.50 31.00
CA LEU B 802 -45.21 7.83 32.33
C LEU B 802 -46.46 8.71 32.25
N LEU B 803 -46.41 9.76 31.44
CA LEU B 803 -47.56 10.65 31.33
C LEU B 803 -48.79 9.90 30.88
N VAL B 804 -48.66 9.09 29.83
CA VAL B 804 -49.82 8.39 29.29
C VAL B 804 -50.33 7.35 30.28
N THR B 805 -49.44 6.62 30.96
CA THR B 805 -49.90 5.62 31.91
C THR B 805 -50.63 6.27 33.08
N VAL B 806 -50.06 7.34 33.62
CA VAL B 806 -50.68 7.98 34.78
C VAL B 806 -52.00 8.64 34.38
N LEU B 807 -52.09 9.19 33.17
CA LEU B 807 -53.33 9.80 32.75
C LEU B 807 -54.40 8.75 32.43
N ASN B 808 -53.98 7.58 31.93
CA ASN B 808 -54.93 6.48 31.78
C ASN B 808 -55.46 6.03 33.14
N LEU B 809 -54.57 5.95 34.14
CA LEU B 809 -55.00 5.63 35.48
C LEU B 809 -55.96 6.68 36.03
N LEU B 810 -55.67 7.95 35.74
CA LEU B 810 -56.59 9.03 36.14
C LEU B 810 -57.94 8.87 35.47
N ALA B 811 -57.96 8.49 34.20
CA ALA B 811 -59.22 8.25 33.51
C ALA B 811 -60.01 7.15 34.20
N ILE B 812 -59.35 6.01 34.44
CA ILE B 812 -60.04 4.87 35.05
C ILE B 812 -60.55 5.24 36.43
N SER B 813 -59.79 6.03 37.18
CA SER B 813 -60.22 6.42 38.52
C SER B 813 -61.37 7.42 38.45
N LEU B 814 -61.14 8.56 37.79
CA LEU B 814 -62.13 9.65 37.79
C LEU B 814 -63.39 9.24 37.06
N GLY B 815 -63.29 8.93 35.77
CA GLY B 815 -64.47 8.68 34.96
C GLY B 815 -65.29 7.49 35.39
N TYR B 816 -64.86 6.77 36.42
CA TYR B 816 -65.63 5.67 36.97
C TYR B 816 -65.92 5.76 38.46
N PHE B 817 -65.30 6.71 39.18
CA PHE B 817 -65.55 6.78 40.62
C PHE B 817 -65.87 8.19 41.09
N GLY B 818 -65.45 9.22 40.34
CA GLY B 818 -65.68 10.60 40.69
C GLY B 818 -67.13 11.02 40.72
N PRO B 819 -67.94 10.68 39.70
CA PRO B 819 -69.38 10.94 39.81
C PRO B 819 -70.03 10.24 40.99
N LYS B 820 -69.50 9.06 41.36
CA LYS B 820 -70.00 8.38 42.56
C LYS B 820 -69.82 9.26 43.79
N CYS B 821 -68.61 9.76 44.01
CA CYS B 821 -68.35 10.66 45.13
C CYS B 821 -69.16 11.94 45.00
N TYR B 822 -69.36 12.40 43.77
CA TYR B 822 -70.16 13.60 43.54
C TYR B 822 -71.58 13.43 44.07
N MET B 823 -72.25 12.35 43.66
CA MET B 823 -73.64 12.17 44.08
C MET B 823 -73.71 11.74 45.54
N ILE B 824 -72.63 11.18 46.08
CA ILE B 824 -72.63 10.83 47.50
C ILE B 824 -72.51 12.07 48.37
N LEU B 825 -71.63 13.00 48.00
CA LEU B 825 -71.37 14.17 48.84
C LEU B 825 -72.39 15.27 48.61
N PHE B 826 -72.63 15.63 47.35
CA PHE B 826 -73.47 16.78 47.02
C PHE B 826 -74.92 16.41 46.73
N TYR B 827 -75.23 15.13 46.53
CA TYR B 827 -76.58 14.69 46.19
C TYR B 827 -77.06 13.64 47.19
N PRO B 828 -77.28 14.04 48.46
CA PRO B 828 -77.62 13.05 49.48
C PRO B 828 -79.06 12.57 49.39
N GLU B 829 -79.75 12.93 48.29
CA GLU B 829 -81.12 12.50 48.07
C GLU B 829 -81.22 11.30 47.14
#